data_8SPI
#
_entry.id   8SPI
#
_cell.length_a   78.365
_cell.length_b   116.205
_cell.length_c   108.767
_cell.angle_alpha   90.000
_cell.angle_beta   96.600
_cell.angle_gamma   90.000
#
_symmetry.space_group_name_H-M   'P 1 21 1'
#
loop_
_entity.id
_entity.type
_entity.pdbx_description
1 polymer 'Angiotensin-converting enzyme 2'
2 polymer 'Spike protein S1'
3 branched 2-acetamido-2-deoxy-beta-D-glucopyranose-(1-4)-2-acetamido-2-deoxy-beta-D-glucopyranose
4 branched beta-D-mannopyranose-(1-4)-2-acetamido-2-deoxy-beta-D-glucopyranose-(1-4)-2-acetamido-2-deoxy-beta-D-glucopyranose
5 branched 2-acetamido-2-deoxy-beta-D-glucopyranose-(1-3)-beta-D-mannopyranose-(1-4)-2-acetamido-2-deoxy-beta-D-glucopyranose-(1-4)-2-acetamido-2-deoxy-beta-D-glucopyranose
6 non-polymer 'ZINC ION'
7 non-polymer 'CHLORIDE ION'
8 non-polymer 2-acetamido-2-deoxy-beta-D-glucopyranose
9 non-polymer 1,2-ETHANEDIOL
10 water water
#
loop_
_entity_poly.entity_id
_entity_poly.type
_entity_poly.pdbx_seq_one_letter_code
_entity_poly.pdbx_strand_id
1 'polypeptide(L)'
;STIEEQAKTFLDKFNHEAEDLFYQSSLASWNYNTNITEENVQNMNNAGDKWSAFLKEQSTLAQMYPLQEIQNLTVKLQLQ
ALQQNGSSVLSEDKSKRLNTILNTMSTIYSTGKVCNPDNPQECLLLEPGLNEIMANSLDYNERLWAWESWRSEVGKQLRP
LYEEYVVLKNEMARANHYEDYGDYWRGDYEVNGVDGYDYSRGQLIEDVEHTFEEIKPLYEHLHAYVRAKLMNAYPSYISP
IGCLPAHLLGDMWGRFWTNLYSLTVPFGQKPNIDVTDAMVDQAWDAQRIFKEAEKFFVSVGLPNMTQGFWENSMLTDPGN
VQKAVCHPTAWDLGKGDFRILMCTKVTMDDFLTAHHEMGHIQYDMAYAAQPFLLRNGANEGFHEAVGEIMSLSAATPKHL
KSIGLLSPDFQEDNETEINFLLKQALTIVGTLPFTYMLEKWRWMVFKGEIPKDQWMKKWWEMKREIVGVVEPVPHDETYC
DPASLFHVSNDYSFIRYYTRTLYQFQFQEALCQAAKHEGPLHKCDISNSTEAGQKLFNMLRLGKSEPWTLALENVVGAKN
MNVRPLLNYFEPLFTWLKDQNKNSFVGWSTDWSPYAD
;
A,B
2 'polypeptide(L)'
;RVVPSGDVVRFPNITNLCPFGEVFNATKFPSVYAWERKKISNCVADYSVLYNSTFFSTFKCYGVSATKLNDLCFSNVYAD
SFVVKGDDVRQIAPGQTGVIADYNYKLPDDFMGCVLAWNTRNIDATSTGNYNYKYRLFRKSKLKPFERDISTEIYQAGNK
PCNGVAGPNCYSPLQSYGFRPTYGVGHQPYRVVVLSFELLNAPATVCGPKLSTDLIK
;
E,F
#
loop_
_chem_comp.id
_chem_comp.type
_chem_comp.name
_chem_comp.formula
BMA D-saccharide, beta linking beta-D-mannopyranose 'C6 H12 O6'
CL non-polymer 'CHLORIDE ION' 'Cl -1'
EDO non-polymer 1,2-ETHANEDIOL 'C2 H6 O2'
NAG D-saccharide, beta linking 2-acetamido-2-deoxy-beta-D-glucopyranose 'C8 H15 N O6'
ZN non-polymer 'ZINC ION' 'Zn 2'
#
# COMPACT_ATOMS: atom_id res chain seq x y z
N SER A 1 30.92 -46.84 3.65
CA SER A 1 30.48 -45.45 3.67
C SER A 1 29.80 -45.07 2.36
N THR A 2 28.75 -44.26 2.45
CA THR A 2 28.02 -43.81 1.28
C THR A 2 28.86 -42.82 0.47
N ILE A 3 28.51 -42.67 -0.81
CA ILE A 3 29.17 -41.68 -1.65
C ILE A 3 28.97 -40.28 -1.08
N GLU A 4 27.80 -40.03 -0.48
CA GLU A 4 27.58 -38.76 0.21
C GLU A 4 28.46 -38.65 1.45
N GLU A 5 28.62 -39.75 2.18
CA GLU A 5 29.49 -39.74 3.35
C GLU A 5 30.95 -39.48 2.97
N GLN A 6 31.40 -40.11 1.88
CA GLN A 6 32.76 -39.87 1.41
C GLN A 6 32.95 -38.46 0.88
N ALA A 7 31.89 -37.85 0.34
CA ALA A 7 31.99 -36.49 -0.16
C ALA A 7 31.97 -35.45 0.95
N LYS A 8 31.27 -35.72 2.05
CA LYS A 8 31.23 -34.77 3.16
C LYS A 8 32.59 -34.67 3.83
N THR A 9 33.20 -35.81 4.14
CA THR A 9 34.54 -35.79 4.74
C THR A 9 35.58 -35.24 3.77
N PHE A 10 35.34 -35.38 2.46
CA PHE A 10 36.24 -34.76 1.49
C PHE A 10 36.14 -33.24 1.54
N LEU A 11 34.91 -32.71 1.61
CA LEU A 11 34.73 -31.27 1.71
C LEU A 11 35.24 -30.74 3.04
N ASP A 12 35.13 -31.52 4.11
CA ASP A 12 35.70 -31.11 5.39
C ASP A 12 37.22 -30.99 5.29
N LYS A 13 37.87 -31.95 4.62
CA LYS A 13 39.30 -31.85 4.39
C LYS A 13 39.62 -30.68 3.45
N PHE A 14 38.74 -30.39 2.49
CA PHE A 14 39.02 -29.32 1.55
C PHE A 14 38.84 -27.95 2.20
N ASN A 15 37.76 -27.75 2.95
CA ASN A 15 37.48 -26.45 3.53
C ASN A 15 38.60 -25.98 4.45
N HIS A 16 39.13 -26.88 5.27
CA HIS A 16 40.23 -26.50 6.15
C HIS A 16 41.54 -26.34 5.39
N GLU A 17 41.74 -27.13 4.33
CA GLU A 17 42.94 -26.98 3.52
C GLU A 17 42.86 -25.75 2.61
N ALA A 18 41.66 -25.41 2.13
CA ALA A 18 41.53 -24.29 1.21
C ALA A 18 41.56 -22.95 1.93
N GLU A 19 41.01 -22.89 3.16
CA GLU A 19 40.93 -21.62 3.86
C GLU A 19 42.32 -21.07 4.18
N ASP A 20 43.27 -21.96 4.51
CA ASP A 20 44.61 -21.50 4.85
C ASP A 20 45.36 -21.02 3.60
N LEU A 21 45.23 -21.75 2.49
CA LEU A 21 45.92 -21.34 1.27
C LEU A 21 45.28 -20.09 0.68
N PHE A 22 43.96 -19.97 0.76
CA PHE A 22 43.30 -18.77 0.25
C PHE A 22 43.72 -17.53 1.03
N TYR A 23 43.97 -17.67 2.33
CA TYR A 23 44.37 -16.51 3.12
C TYR A 23 45.75 -16.02 2.71
N GLN A 24 46.69 -16.94 2.48
CA GLN A 24 48.02 -16.54 2.05
C GLN A 24 47.98 -15.90 0.67
N SER A 25 47.10 -16.40 -0.21
CA SER A 25 46.96 -15.79 -1.53
C SER A 25 46.28 -14.43 -1.46
N SER A 26 45.34 -14.25 -0.52
CA SER A 26 44.65 -12.98 -0.40
C SER A 26 45.52 -11.93 0.29
N LEU A 27 46.25 -12.32 1.33
CA LEU A 27 47.13 -11.36 2.01
C LEU A 27 48.30 -10.97 1.12
N ALA A 28 48.81 -11.90 0.31
CA ALA A 28 49.88 -11.56 -0.62
C ALA A 28 49.41 -10.58 -1.68
N SER A 29 48.19 -10.78 -2.20
CA SER A 29 47.63 -9.83 -3.15
C SER A 29 47.25 -8.51 -2.50
N TRP A 30 47.02 -8.51 -1.18
CA TRP A 30 46.78 -7.25 -0.48
C TRP A 30 48.06 -6.43 -0.37
N ASN A 31 49.17 -7.10 -0.03
CA ASN A 31 50.45 -6.40 0.07
C ASN A 31 50.93 -5.85 -1.26
N TYR A 32 50.40 -6.36 -2.38
CA TYR A 32 50.75 -5.78 -3.68
C TYR A 32 49.86 -4.59 -4.01
N ASN A 33 48.54 -4.73 -3.82
CA ASN A 33 47.62 -3.64 -4.12
C ASN A 33 47.82 -2.44 -3.21
N THR A 34 48.45 -2.63 -2.05
CA THR A 34 48.73 -1.54 -1.13
C THR A 34 50.20 -1.11 -1.14
N ASN A 35 51.07 -1.86 -1.82
CA ASN A 35 52.50 -1.60 -1.83
C ASN A 35 53.11 -2.20 -3.08
N ILE A 36 52.86 -1.57 -4.23
CA ILE A 36 53.27 -2.12 -5.53
C ILE A 36 54.79 -2.14 -5.62
N THR A 37 55.38 -3.30 -5.37
CA THR A 37 56.82 -3.48 -5.49
C THR A 37 57.12 -4.65 -6.43
N GLU A 38 58.37 -5.09 -6.47
CA GLU A 38 58.72 -6.27 -7.24
C GLU A 38 58.68 -7.55 -6.41
N GLU A 39 58.97 -7.45 -5.11
CA GLU A 39 58.80 -8.61 -4.24
C GLU A 39 57.32 -8.97 -4.09
N ASN A 40 56.47 -7.96 -3.90
CA ASN A 40 55.06 -8.23 -3.65
C ASN A 40 54.31 -8.64 -4.92
N VAL A 41 54.78 -8.19 -6.09
CA VAL A 41 54.12 -8.61 -7.33
C VAL A 41 54.45 -10.07 -7.63
N GLN A 42 55.59 -10.56 -7.13
CA GLN A 42 55.93 -11.97 -7.28
C GLN A 42 55.36 -12.83 -6.17
N ASN A 43 55.26 -12.29 -4.95
CA ASN A 43 54.59 -13.01 -3.87
C ASN A 43 53.10 -13.18 -4.16
N MET A 44 52.50 -12.21 -4.86
CA MET A 44 51.10 -12.35 -5.26
C MET A 44 50.93 -13.50 -6.25
N ASN A 45 51.89 -13.68 -7.15
CA ASN A 45 51.81 -14.78 -8.10
C ASN A 45 52.22 -16.09 -7.46
N ASN A 46 53.27 -16.07 -6.63
CA ASN A 46 53.70 -17.29 -5.93
C ASN A 46 52.57 -17.85 -5.08
N ALA A 47 51.93 -17.00 -4.27
CA ALA A 47 50.79 -17.44 -3.49
C ALA A 47 49.54 -17.62 -4.34
N GLY A 48 49.49 -17.01 -5.52
CA GLY A 48 48.34 -17.16 -6.39
C GLY A 48 48.44 -18.41 -7.25
N ASP A 49 49.64 -18.71 -7.74
CA ASP A 49 49.84 -19.93 -8.52
C ASP A 49 49.68 -21.18 -7.67
N LYS A 50 50.10 -21.11 -6.40
CA LYS A 50 49.93 -22.25 -5.51
C LYS A 50 48.46 -22.51 -5.20
N TRP A 51 47.65 -21.46 -5.13
CA TRP A 51 46.21 -21.66 -4.94
C TRP A 51 45.58 -22.30 -6.17
N SER A 52 45.95 -21.84 -7.36
CA SER A 52 45.40 -22.42 -8.59
C SER A 52 45.87 -23.86 -8.78
N ALA A 53 47.13 -24.14 -8.43
CA ALA A 53 47.62 -25.51 -8.51
C ALA A 53 46.91 -26.40 -7.51
N PHE A 54 46.64 -25.88 -6.31
CA PHE A 54 45.87 -26.63 -5.31
C PHE A 54 44.43 -26.82 -5.75
N LEU A 55 43.85 -25.84 -6.45
CA LEU A 55 42.46 -25.95 -6.88
C LEU A 55 42.29 -27.02 -7.96
N LYS A 56 43.20 -27.06 -8.93
CA LYS A 56 43.15 -28.10 -9.95
C LYS A 56 43.41 -29.47 -9.35
N GLU A 57 44.28 -29.55 -8.34
CA GLU A 57 44.49 -30.81 -7.63
C GLU A 57 43.20 -31.27 -6.96
N GLN A 58 42.44 -30.34 -6.38
CA GLN A 58 41.17 -30.66 -5.74
C GLN A 58 40.03 -30.77 -6.75
N SER A 59 40.22 -30.31 -7.98
CA SER A 59 39.18 -30.44 -8.99
C SER A 59 38.96 -31.90 -9.35
N THR A 60 40.02 -32.61 -9.73
CA THR A 60 39.89 -34.01 -10.09
C THR A 60 39.58 -34.89 -8.88
N LEU A 61 40.08 -34.52 -7.70
CA LEU A 61 39.77 -35.28 -6.49
C LEU A 61 38.30 -35.16 -6.12
N ALA A 62 37.65 -34.06 -6.52
CA ALA A 62 36.22 -33.90 -6.29
C ALA A 62 35.38 -34.57 -7.36
N GLN A 63 35.94 -34.80 -8.55
CA GLN A 63 35.21 -35.43 -9.64
C GLN A 63 34.98 -36.92 -9.42
N MET A 64 35.61 -37.51 -8.41
CA MET A 64 35.42 -38.92 -8.11
C MET A 64 34.10 -39.21 -7.41
N TYR A 65 33.27 -38.19 -7.19
CA TYR A 65 31.97 -38.38 -6.56
C TYR A 65 30.85 -38.12 -7.56
N PRO A 66 30.07 -39.13 -7.96
CA PRO A 66 28.98 -38.90 -8.91
C PRO A 66 27.93 -37.96 -8.33
N LEU A 67 27.73 -36.84 -9.02
CA LEU A 67 26.86 -35.78 -8.50
C LEU A 67 25.43 -36.26 -8.28
N GLN A 68 24.97 -37.21 -9.11
CA GLN A 68 23.60 -37.69 -8.95
C GLN A 68 23.42 -38.57 -7.71
N GLU A 69 24.51 -39.15 -7.20
CA GLU A 69 24.44 -40.01 -6.03
C GLU A 69 24.33 -39.24 -4.72
N ILE A 70 24.49 -37.92 -4.74
CA ILE A 70 24.42 -37.10 -3.52
C ILE A 70 23.01 -36.55 -3.40
N GLN A 71 22.42 -36.69 -2.22
CA GLN A 71 21.08 -36.16 -1.96
C GLN A 71 21.07 -34.86 -1.17
N ASN A 72 22.07 -34.64 -0.31
CA ASN A 72 22.19 -33.40 0.43
C ASN A 72 22.63 -32.29 -0.52
N LEU A 73 21.75 -31.32 -0.76
CA LEU A 73 22.02 -30.29 -1.75
C LEU A 73 23.19 -29.38 -1.35
N THR A 74 23.42 -29.20 -0.05
CA THR A 74 24.52 -28.33 0.38
C THR A 74 25.86 -28.90 -0.05
N VAL A 75 26.07 -30.20 0.13
CA VAL A 75 27.30 -30.81 -0.35
C VAL A 75 27.25 -30.98 -1.87
N LYS A 76 26.06 -31.20 -2.43
CA LYS A 76 25.91 -31.29 -3.88
C LYS A 76 26.23 -29.96 -4.55
N LEU A 77 25.96 -28.85 -3.85
CA LEU A 77 26.30 -27.53 -4.39
C LEU A 77 27.82 -27.35 -4.46
N GLN A 78 28.52 -27.73 -3.39
CA GLN A 78 29.97 -27.53 -3.35
C GLN A 78 30.71 -28.44 -4.31
N LEU A 79 30.21 -29.66 -4.53
CA LEU A 79 30.87 -30.58 -5.44
C LEU A 79 30.85 -30.07 -6.87
N GLN A 80 29.70 -29.54 -7.33
CA GLN A 80 29.61 -29.05 -8.69
C GLN A 80 30.54 -27.85 -8.90
N ALA A 81 30.75 -27.04 -7.87
CA ALA A 81 31.67 -25.91 -7.99
C ALA A 81 33.11 -26.37 -8.11
N LEU A 82 33.48 -27.42 -7.37
CA LEU A 82 34.84 -27.94 -7.44
C LEU A 82 35.06 -28.73 -8.73
N GLN A 83 34.07 -29.50 -9.16
CA GLN A 83 34.20 -30.32 -10.36
C GLN A 83 34.16 -29.51 -11.64
N GLN A 84 33.91 -28.20 -11.56
CA GLN A 84 34.02 -27.35 -12.75
C GLN A 84 35.43 -27.41 -13.32
N ASN A 85 35.59 -28.06 -14.47
CA ASN A 85 36.89 -28.13 -15.11
C ASN A 85 37.44 -26.75 -15.43
N GLY A 86 36.55 -25.77 -15.61
CA GLY A 86 36.96 -24.39 -15.76
C GLY A 86 37.75 -24.16 -17.04
N SER A 87 38.71 -23.24 -16.95
CA SER A 87 39.56 -22.94 -18.10
C SER A 87 40.68 -23.97 -18.29
N SER A 88 40.87 -24.87 -17.34
CA SER A 88 41.88 -25.91 -17.44
C SER A 88 41.47 -27.05 -18.38
N VAL A 89 40.24 -27.05 -18.89
CA VAL A 89 39.82 -28.06 -19.84
C VAL A 89 40.45 -27.86 -21.21
N LEU A 90 41.13 -26.74 -21.41
CA LEU A 90 41.88 -26.47 -22.62
C LEU A 90 43.26 -27.10 -22.55
N SER A 91 43.84 -27.35 -23.72
CA SER A 91 45.22 -27.82 -23.76
C SER A 91 46.15 -26.74 -23.21
N GLU A 92 47.38 -27.14 -22.93
CA GLU A 92 48.32 -26.24 -22.27
C GLU A 92 48.63 -25.02 -23.14
N ASP A 93 48.83 -25.23 -24.43
CA ASP A 93 49.15 -24.10 -25.31
C ASP A 93 47.94 -23.20 -25.54
N LYS A 94 46.73 -23.75 -25.48
CA LYS A 94 45.55 -22.91 -25.59
C LYS A 94 45.28 -22.16 -24.29
N SER A 95 45.47 -22.83 -23.15
CA SER A 95 45.28 -22.18 -21.86
C SER A 95 46.35 -21.13 -21.59
N LYS A 96 47.58 -21.38 -22.06
CA LYS A 96 48.65 -20.41 -21.87
C LYS A 96 48.48 -19.21 -22.80
N ARG A 97 47.90 -19.42 -23.99
CA ARG A 97 47.61 -18.30 -24.87
C ARG A 97 46.40 -17.50 -24.40
N LEU A 98 45.40 -18.20 -23.84
CA LEU A 98 44.24 -17.51 -23.30
C LEU A 98 44.63 -16.64 -22.11
N ASN A 99 45.47 -17.16 -21.23
CA ASN A 99 45.96 -16.36 -20.11
C ASN A 99 46.84 -15.21 -20.58
N THR A 100 47.47 -15.34 -21.74
CA THR A 100 48.30 -14.27 -22.27
C THR A 100 47.45 -13.14 -22.83
N ILE A 101 46.46 -13.47 -23.66
CA ILE A 101 45.62 -12.42 -24.24
C ILE A 101 44.75 -11.76 -23.18
N LEU A 102 44.37 -12.51 -22.13
CA LEU A 102 43.63 -11.89 -21.04
C LEU A 102 44.49 -10.92 -20.26
N ASN A 103 45.80 -11.18 -20.16
CA ASN A 103 46.71 -10.25 -19.52
C ASN A 103 47.08 -9.10 -20.46
N THR A 104 47.26 -9.40 -21.75
CA THR A 104 47.61 -8.36 -22.70
C THR A 104 46.48 -7.36 -22.89
N MET A 105 45.23 -7.85 -22.91
CA MET A 105 44.09 -6.94 -23.00
C MET A 105 43.98 -6.07 -21.76
N SER A 106 44.21 -6.66 -20.58
CA SER A 106 44.17 -5.89 -19.35
C SER A 106 45.34 -4.93 -19.23
N THR A 107 46.40 -5.11 -20.03
CA THR A 107 47.56 -4.23 -19.97
C THR A 107 47.38 -3.00 -20.86
N ILE A 108 47.10 -3.21 -22.14
CA ILE A 108 46.94 -2.09 -23.08
C ILE A 108 45.68 -1.29 -22.79
N TYR A 109 44.80 -1.76 -21.92
CA TYR A 109 43.66 -0.97 -21.47
C TYR A 109 44.04 -0.05 -20.32
N SER A 110 44.75 -0.59 -19.32
CA SER A 110 45.14 0.20 -18.17
C SER A 110 46.31 1.13 -18.48
N THR A 111 47.18 0.75 -19.40
CA THR A 111 48.34 1.56 -19.77
C THR A 111 48.20 2.24 -21.12
N GLY A 112 47.05 2.13 -21.78
CA GLY A 112 46.86 2.78 -23.06
C GLY A 112 46.69 4.28 -22.88
N LYS A 113 47.48 5.05 -23.62
CA LYS A 113 47.41 6.51 -23.56
C LYS A 113 47.27 7.07 -24.96
N VAL A 114 46.52 8.17 -25.06
CA VAL A 114 46.41 8.93 -26.31
C VAL A 114 47.04 10.31 -26.08
N CYS A 115 47.60 10.87 -27.15
CA CYS A 115 48.30 12.14 -27.10
C CYS A 115 47.52 13.20 -27.87
N ASN A 116 47.48 14.40 -27.33
CA ASN A 116 46.78 15.50 -27.98
C ASN A 116 47.54 15.92 -29.23
N PRO A 117 46.94 15.86 -30.43
CA PRO A 117 47.64 16.32 -31.63
C PRO A 117 47.98 17.81 -31.60
N ASP A 118 47.26 18.60 -30.81
CA ASP A 118 47.57 20.02 -30.68
C ASP A 118 48.73 20.25 -29.72
N ASN A 119 48.79 19.49 -28.63
CA ASN A 119 49.87 19.57 -27.66
C ASN A 119 50.45 18.17 -27.47
N PRO A 120 51.35 17.75 -28.36
CA PRO A 120 51.87 16.38 -28.30
C PRO A 120 52.65 16.05 -27.04
N GLN A 121 53.20 17.05 -26.34
CA GLN A 121 53.92 16.77 -25.11
C GLN A 121 52.99 16.49 -23.93
N GLU A 122 51.68 16.65 -24.11
CA GLU A 122 50.69 16.35 -23.08
C GLU A 122 49.91 15.11 -23.51
N CYS A 123 50.32 13.94 -23.03
CA CYS A 123 49.62 12.70 -23.30
C CYS A 123 48.89 12.26 -22.02
N LEU A 124 47.75 11.60 -22.21
CA LEU A 124 46.90 11.22 -21.10
C LEU A 124 46.31 9.85 -21.34
N LEU A 125 46.10 9.11 -20.25
CA LEU A 125 45.50 7.79 -20.29
C LEU A 125 44.04 7.91 -19.87
N LEU A 126 43.36 6.77 -19.73
CA LEU A 126 41.94 6.79 -19.40
C LEU A 126 41.70 7.46 -18.06
N GLU A 127 42.23 6.88 -16.99
CA GLU A 127 42.10 7.50 -15.68
C GLU A 127 43.41 8.16 -15.28
N PRO A 128 43.42 9.43 -14.88
CA PRO A 128 42.27 10.34 -14.79
C PRO A 128 42.17 11.28 -15.99
N GLY A 129 43.12 11.21 -16.93
CA GLY A 129 43.18 12.15 -18.03
C GLY A 129 41.97 12.16 -18.95
N LEU A 130 41.74 11.05 -19.65
CA LEU A 130 40.64 10.99 -20.60
C LEU A 130 39.29 11.03 -19.92
N ASN A 131 39.17 10.44 -18.72
CA ASN A 131 37.89 10.45 -18.03
C ASN A 131 37.50 11.85 -17.58
N GLU A 132 38.48 12.70 -17.25
CA GLU A 132 38.17 14.07 -16.87
C GLU A 132 37.60 14.85 -18.04
N ILE A 133 38.10 14.59 -19.25
CA ILE A 133 37.57 15.27 -20.44
C ILE A 133 36.12 14.90 -20.67
N MET A 134 35.83 13.59 -20.72
CA MET A 134 34.47 13.15 -20.98
C MET A 134 33.50 13.54 -19.87
N ALA A 135 34.01 13.85 -18.67
CA ALA A 135 33.16 14.15 -17.54
C ALA A 135 32.81 15.63 -17.42
N ASN A 136 33.68 16.51 -17.90
CA ASN A 136 33.52 17.93 -17.61
C ASN A 136 33.57 18.81 -18.86
N SER A 137 34.25 18.35 -19.91
CA SER A 137 34.43 19.19 -21.09
C SER A 137 33.09 19.48 -21.76
N LEU A 138 32.96 20.70 -22.27
CA LEU A 138 31.77 21.13 -23.00
C LEU A 138 32.07 21.45 -24.45
N ASP A 139 33.27 21.15 -24.93
CA ASP A 139 33.65 21.38 -26.31
C ASP A 139 33.37 20.13 -27.12
N TYR A 140 32.50 20.26 -28.14
CA TYR A 140 32.11 19.11 -28.94
C TYR A 140 33.33 18.42 -29.55
N ASN A 141 34.21 19.20 -30.17
CA ASN A 141 35.39 18.61 -30.81
C ASN A 141 36.37 18.05 -29.81
N GLU A 142 36.46 18.64 -28.61
CA GLU A 142 37.32 18.10 -27.57
C GLU A 142 36.77 16.78 -27.04
N ARG A 143 35.46 16.70 -26.81
CA ARG A 143 34.86 15.44 -26.41
C ARG A 143 34.90 14.43 -27.54
N LEU A 144 34.76 14.89 -28.78
CA LEU A 144 34.83 13.99 -29.93
C LEU A 144 36.22 13.39 -30.07
N TRP A 145 37.25 14.17 -29.75
CA TRP A 145 38.62 13.66 -29.86
C TRP A 145 38.90 12.56 -28.83
N ALA A 146 38.63 12.84 -27.56
CA ALA A 146 38.90 11.86 -26.51
C ALA A 146 38.08 10.59 -26.69
N TRP A 147 36.84 10.74 -27.17
CA TRP A 147 35.99 9.57 -27.38
C TRP A 147 36.52 8.70 -28.51
N GLU A 148 36.91 9.33 -29.63
CA GLU A 148 37.38 8.57 -30.79
C GLU A 148 38.80 8.07 -30.57
N SER A 149 39.66 8.87 -29.93
CA SER A 149 41.04 8.44 -29.71
C SER A 149 41.11 7.19 -28.85
N TRP A 150 40.27 7.10 -27.81
CA TRP A 150 40.31 5.93 -26.95
C TRP A 150 39.89 4.67 -27.71
N ARG A 151 38.95 4.79 -28.64
CA ARG A 151 38.50 3.63 -29.40
C ARG A 151 39.33 3.38 -30.66
N SER A 152 40.09 4.36 -31.12
CA SER A 152 40.97 4.15 -32.27
C SER A 152 42.38 3.74 -31.87
N GLU A 153 42.86 4.18 -30.71
CA GLU A 153 44.21 3.83 -30.25
C GLU A 153 44.20 2.48 -29.54
N VAL A 154 43.63 2.45 -28.33
CA VAL A 154 43.62 1.20 -27.56
C VAL A 154 42.47 0.28 -27.97
N GLY A 155 41.45 0.81 -28.64
CA GLY A 155 40.34 -0.04 -29.07
C GLY A 155 40.73 -0.97 -30.20
N LYS A 156 41.53 -0.47 -31.15
CA LYS A 156 41.96 -1.30 -32.27
C LYS A 156 43.00 -2.32 -31.82
N GLN A 157 43.80 -1.99 -30.80
CA GLN A 157 44.78 -2.96 -30.30
C GLN A 157 44.09 -4.18 -29.70
N LEU A 158 42.88 -4.01 -29.19
CA LEU A 158 42.11 -5.08 -28.58
C LEU A 158 41.32 -5.90 -29.60
N ARG A 159 41.24 -5.43 -30.86
CA ARG A 159 40.38 -6.12 -31.82
C ARG A 159 40.91 -7.50 -32.19
N PRO A 160 42.17 -7.68 -32.62
CA PRO A 160 42.64 -9.04 -32.93
C PRO A 160 42.72 -9.92 -31.70
N LEU A 161 42.96 -9.35 -30.52
CA LEU A 161 43.02 -10.15 -29.31
C LEU A 161 41.62 -10.62 -28.90
N TYR A 162 40.61 -9.76 -29.05
CA TYR A 162 39.26 -10.13 -28.66
C TYR A 162 38.69 -11.22 -29.57
N GLU A 163 39.08 -11.23 -30.85
CA GLU A 163 38.66 -12.30 -31.74
C GLU A 163 39.20 -13.64 -31.27
N GLU A 164 40.48 -13.68 -30.89
CA GLU A 164 41.03 -14.90 -30.32
C GLU A 164 40.50 -15.16 -28.91
N TYR A 165 40.12 -14.10 -28.20
CA TYR A 165 39.56 -14.25 -26.87
C TYR A 165 38.20 -14.93 -26.91
N VAL A 166 37.42 -14.69 -27.96
CA VAL A 166 36.09 -15.28 -28.05
C VAL A 166 36.19 -16.76 -28.42
N VAL A 167 37.00 -17.09 -29.42
CA VAL A 167 37.08 -18.47 -29.90
C VAL A 167 37.72 -19.38 -28.85
N LEU A 168 38.66 -18.86 -28.05
CA LEU A 168 39.25 -19.67 -27.00
C LEU A 168 38.29 -19.84 -25.82
N LYS A 169 37.56 -18.78 -25.47
CA LYS A 169 36.61 -18.88 -24.37
C LYS A 169 35.38 -19.68 -24.74
N ASN A 170 35.01 -19.69 -26.03
CA ASN A 170 33.89 -20.50 -26.47
C ASN A 170 34.20 -21.98 -26.33
N GLU A 171 35.39 -22.41 -26.78
CA GLU A 171 35.79 -23.80 -26.63
C GLU A 171 35.82 -24.23 -25.17
N MET A 172 36.11 -23.29 -24.26
CA MET A 172 36.13 -23.63 -22.85
C MET A 172 34.72 -23.93 -22.34
N ALA A 173 33.73 -23.16 -22.78
CA ALA A 173 32.36 -23.37 -22.33
C ALA A 173 31.72 -24.59 -22.98
N ARG A 174 31.94 -24.79 -24.28
CA ARG A 174 31.36 -25.94 -24.96
C ARG A 174 31.91 -27.26 -24.42
N ALA A 175 33.13 -27.24 -23.89
CA ALA A 175 33.70 -28.44 -23.30
C ALA A 175 33.08 -28.73 -21.93
N ASN A 176 32.68 -27.69 -21.19
CA ASN A 176 32.05 -27.84 -19.90
C ASN A 176 30.53 -27.98 -19.99
N HIS A 177 30.03 -28.51 -21.11
CA HIS A 177 28.60 -28.78 -21.32
C HIS A 177 27.78 -27.49 -21.29
N TYR A 178 28.25 -26.49 -22.03
CA TYR A 178 27.53 -25.24 -22.23
C TYR A 178 27.41 -24.98 -23.73
N GLU A 179 26.52 -24.04 -24.08
CA GLU A 179 26.34 -23.69 -25.48
C GLU A 179 27.46 -22.79 -25.97
N ASP A 180 27.63 -21.64 -25.32
CA ASP A 180 28.68 -20.69 -25.67
C ASP A 180 29.21 -20.06 -24.38
N TYR A 181 30.18 -19.17 -24.51
CA TYR A 181 30.71 -18.48 -23.34
C TYR A 181 29.63 -17.64 -22.66
N GLY A 182 28.70 -17.08 -23.44
CA GLY A 182 27.58 -16.38 -22.84
C GLY A 182 26.71 -17.28 -22.00
N ASP A 183 26.47 -18.50 -22.49
CA ASP A 183 25.75 -19.49 -21.69
C ASP A 183 26.51 -19.83 -20.41
N TYR A 184 27.84 -19.82 -20.47
CA TYR A 184 28.64 -20.06 -19.28
C TYR A 184 28.45 -18.95 -18.25
N TRP A 185 28.41 -17.70 -18.70
CA TRP A 185 28.23 -16.58 -17.77
C TRP A 185 26.83 -16.58 -17.15
N ARG A 186 25.81 -16.93 -17.93
CA ARG A 186 24.45 -16.94 -17.42
C ARG A 186 24.21 -18.07 -16.42
N GLY A 187 25.15 -19.00 -16.28
CA GLY A 187 25.02 -20.05 -15.29
C GLY A 187 25.08 -19.57 -13.86
N ASP A 188 25.49 -18.33 -13.63
CA ASP A 188 25.54 -17.81 -12.27
C ASP A 188 24.15 -17.68 -11.67
N TYR A 189 23.14 -17.45 -12.50
CA TYR A 189 21.75 -17.36 -12.05
C TYR A 189 21.02 -18.70 -12.10
N GLU A 190 21.66 -19.75 -12.61
CA GLU A 190 21.00 -21.04 -12.77
C GLU A 190 20.75 -21.70 -11.41
N VAL A 191 19.54 -22.24 -11.25
CA VAL A 191 19.16 -22.99 -10.05
C VAL A 191 18.60 -24.33 -10.50
N ASN A 192 19.23 -25.41 -10.05
CA ASN A 192 18.83 -26.76 -10.43
C ASN A 192 18.86 -27.64 -9.20
N GLY A 193 17.69 -28.14 -8.78
CA GLY A 193 17.65 -29.07 -7.67
C GLY A 193 16.52 -28.82 -6.68
N VAL A 194 16.12 -27.57 -6.51
CA VAL A 194 15.10 -27.19 -5.53
C VAL A 194 13.76 -27.17 -6.23
N ASP A 195 12.82 -27.96 -5.72
CA ASP A 195 11.49 -28.05 -6.32
C ASP A 195 10.74 -26.74 -6.12
N GLY A 196 10.13 -26.23 -7.20
CA GLY A 196 9.45 -24.97 -7.16
C GLY A 196 10.33 -23.75 -7.32
N TYR A 197 11.65 -23.93 -7.28
CA TYR A 197 12.59 -22.81 -7.39
C TYR A 197 13.62 -23.00 -8.49
N ASP A 198 13.43 -23.98 -9.38
CA ASP A 198 14.41 -24.19 -10.45
C ASP A 198 14.46 -22.98 -11.37
N TYR A 199 15.60 -22.80 -12.02
CA TYR A 199 15.83 -21.63 -12.86
C TYR A 199 16.91 -21.97 -13.87
N SER A 200 16.60 -21.77 -15.16
CA SER A 200 17.48 -22.15 -16.24
C SER A 200 18.27 -20.94 -16.74
N ARG A 201 19.30 -21.23 -17.55
CA ARG A 201 20.15 -20.17 -18.07
C ARG A 201 19.43 -19.36 -19.13
N GLY A 202 18.45 -19.95 -19.82
CA GLY A 202 17.63 -19.20 -20.75
C GLY A 202 16.55 -18.37 -20.11
N GLN A 203 16.16 -18.71 -18.87
CA GLN A 203 15.19 -17.90 -18.15
C GLN A 203 15.74 -16.52 -17.82
N LEU A 204 17.06 -16.37 -17.73
CA LEU A 204 17.65 -15.06 -17.49
C LEU A 204 17.37 -14.12 -18.65
N ILE A 205 17.59 -14.59 -19.88
CA ILE A 205 17.35 -13.76 -21.07
C ILE A 205 15.88 -13.39 -21.15
N GLU A 206 15.00 -14.35 -20.86
CA GLU A 206 13.57 -14.09 -20.90
C GLU A 206 13.15 -13.09 -19.83
N ASP A 207 13.75 -13.17 -18.64
CA ASP A 207 13.33 -12.30 -17.55
C ASP A 207 13.87 -10.89 -17.68
N VAL A 208 15.07 -10.72 -18.25
CA VAL A 208 15.59 -9.37 -18.39
C VAL A 208 14.97 -8.65 -19.57
N GLU A 209 14.60 -9.38 -20.64
CA GLU A 209 13.99 -8.73 -21.79
C GLU A 209 12.54 -8.38 -21.53
N HIS A 210 11.81 -9.22 -20.80
CA HIS A 210 10.42 -8.91 -20.50
C HIS A 210 10.32 -7.73 -19.54
N THR A 211 11.27 -7.61 -18.61
CA THR A 211 11.29 -6.48 -17.69
C THR A 211 11.91 -5.23 -18.31
N PHE A 212 12.75 -5.39 -19.34
CA PHE A 212 13.34 -4.23 -19.99
C PHE A 212 12.31 -3.43 -20.77
N GLU A 213 11.32 -4.10 -21.36
CA GLU A 213 10.28 -3.38 -22.08
C GLU A 213 9.43 -2.54 -21.14
N GLU A 214 9.26 -2.97 -19.89
CA GLU A 214 8.54 -2.18 -18.91
C GLU A 214 9.33 -0.97 -18.44
N ILE A 215 10.63 -0.92 -18.72
CA ILE A 215 11.44 0.25 -18.38
C ILE A 215 11.47 1.27 -19.51
N LYS A 216 11.21 0.85 -20.75
CA LYS A 216 11.24 1.77 -21.88
C LYS A 216 10.41 3.04 -21.70
N PRO A 217 9.20 3.02 -21.13
CA PRO A 217 8.48 4.29 -20.95
C PRO A 217 9.25 5.31 -20.13
N LEU A 218 9.95 4.89 -19.08
CA LEU A 218 10.69 5.85 -18.26
C LEU A 218 11.96 6.32 -18.96
N TYR A 219 12.69 5.41 -19.60
CA TYR A 219 13.95 5.78 -20.23
C TYR A 219 13.72 6.65 -21.46
N GLU A 220 12.69 6.36 -22.25
CA GLU A 220 12.42 7.16 -23.44
C GLU A 220 12.07 8.59 -23.07
N HIS A 221 11.31 8.79 -22.00
CA HIS A 221 10.94 10.14 -21.59
C HIS A 221 12.12 10.89 -21.02
N LEU A 222 13.00 10.19 -20.28
CA LEU A 222 14.23 10.83 -19.83
C LEU A 222 15.16 11.09 -21.02
N HIS A 223 15.20 10.18 -21.99
CA HIS A 223 16.01 10.39 -23.17
C HIS A 223 15.55 11.61 -23.96
N ALA A 224 14.24 11.81 -24.06
CA ALA A 224 13.73 12.98 -24.77
C ALA A 224 14.05 14.28 -24.04
N TYR A 225 13.94 14.26 -22.71
CA TYR A 225 14.25 15.46 -21.93
C TYR A 225 15.73 15.76 -21.96
N VAL A 226 16.57 14.75 -21.75
CA VAL A 226 18.02 14.95 -21.82
C VAL A 226 18.42 15.44 -23.20
N ARG A 227 17.78 14.92 -24.25
CA ARG A 227 18.06 15.39 -25.60
C ARG A 227 17.73 16.86 -25.75
N ALA A 228 16.62 17.31 -25.16
CA ALA A 228 16.24 18.71 -25.24
C ALA A 228 17.26 19.59 -24.51
N LYS A 229 17.72 19.15 -23.34
CA LYS A 229 18.73 19.91 -22.61
C LYS A 229 20.08 19.85 -23.32
N LEU A 230 20.41 18.71 -23.92
CA LEU A 230 21.67 18.60 -24.64
C LEU A 230 21.67 19.41 -25.93
N MET A 231 20.47 19.66 -26.51
CA MET A 231 20.40 20.52 -27.68
C MET A 231 20.80 21.95 -27.33
N ASN A 232 20.46 22.40 -26.14
CA ASN A 232 20.83 23.75 -25.72
C ASN A 232 22.32 23.87 -25.44
N ALA A 233 22.98 22.76 -25.10
CA ALA A 233 24.42 22.77 -24.86
C ALA A 233 25.21 22.58 -26.14
N TYR A 234 24.68 21.85 -27.12
CA TYR A 234 25.32 21.62 -28.40
C TYR A 234 24.33 21.94 -29.52
N PRO A 235 24.09 23.22 -29.79
CA PRO A 235 23.14 23.58 -30.84
C PRO A 235 23.66 23.19 -32.22
N SER A 236 22.73 22.88 -33.11
CA SER A 236 23.02 22.43 -34.48
C SER A 236 23.86 21.17 -34.50
N TYR A 237 23.86 20.40 -33.42
CA TYR A 237 24.58 19.14 -33.32
C TYR A 237 23.68 17.94 -33.08
N ILE A 238 22.54 18.12 -32.42
CA ILE A 238 21.67 17.02 -32.03
C ILE A 238 20.29 17.26 -32.65
N SER A 239 19.82 16.28 -33.41
CA SER A 239 18.48 16.36 -33.98
C SER A 239 17.44 16.14 -32.88
N PRO A 240 16.36 16.92 -32.86
CA PRO A 240 15.32 16.72 -31.84
C PRO A 240 14.59 15.40 -31.95
N ILE A 241 14.77 14.65 -33.03
CA ILE A 241 14.18 13.32 -33.17
C ILE A 241 15.23 12.23 -33.25
N GLY A 242 16.50 12.55 -33.49
CA GLY A 242 17.53 11.56 -33.63
C GLY A 242 18.08 11.08 -32.30
N CYS A 243 19.10 10.23 -32.39
CA CYS A 243 19.73 9.68 -31.20
C CYS A 243 20.72 10.68 -30.62
N LEU A 244 21.31 10.33 -29.48
CA LEU A 244 22.31 11.17 -28.83
C LEU A 244 23.70 10.76 -29.27
N PRO A 245 24.58 11.72 -29.57
CA PRO A 245 25.97 11.39 -29.85
C PRO A 245 26.62 10.73 -28.63
N ALA A 246 27.42 9.70 -28.89
CA ALA A 246 27.97 8.89 -27.80
C ALA A 246 28.97 9.66 -26.94
N HIS A 247 29.58 10.73 -27.45
CA HIS A 247 30.59 11.47 -26.73
C HIS A 247 30.04 12.63 -25.92
N LEU A 248 28.73 12.80 -25.89
CA LEU A 248 28.09 13.90 -25.15
C LEU A 248 27.28 13.40 -23.97
N LEU A 249 27.55 12.18 -23.49
CA LEU A 249 26.69 11.54 -22.51
C LEU A 249 27.22 11.62 -21.08
N GLY A 250 28.46 12.05 -20.87
CA GLY A 250 28.99 12.27 -19.54
C GLY A 250 30.23 11.47 -19.20
N ASP A 251 30.51 10.39 -19.92
CA ASP A 251 31.74 9.63 -19.69
C ASP A 251 32.20 9.06 -21.03
N MET A 252 33.21 8.19 -20.97
CA MET A 252 33.86 7.69 -22.17
C MET A 252 32.91 6.87 -23.05
N TRP A 253 31.94 6.20 -22.43
CA TRP A 253 31.03 5.31 -23.16
C TRP A 253 29.57 5.70 -23.05
N GLY A 254 29.22 6.64 -22.17
CA GLY A 254 27.83 6.90 -21.90
C GLY A 254 27.20 5.90 -20.96
N ARG A 255 28.00 5.20 -20.16
CA ARG A 255 27.47 4.20 -19.25
C ARG A 255 26.60 4.85 -18.17
N PHE A 256 27.02 6.00 -17.66
CA PHE A 256 26.23 6.76 -16.70
C PHE A 256 26.11 8.19 -17.19
N TRP A 257 24.92 8.77 -17.05
CA TRP A 257 24.67 10.15 -17.45
C TRP A 257 24.77 11.11 -16.28
N THR A 258 25.51 10.75 -15.23
CA THR A 258 25.56 11.56 -14.02
C THR A 258 26.19 12.92 -14.29
N ASN A 259 27.24 12.97 -15.12
CA ASN A 259 27.93 14.22 -15.41
C ASN A 259 27.10 15.17 -16.26
N LEU A 260 25.93 14.73 -16.74
CA LEU A 260 25.02 15.60 -17.48
C LEU A 260 24.11 16.41 -16.57
N TYR A 261 24.28 16.31 -15.25
CA TYR A 261 23.39 17.02 -14.33
C TYR A 261 23.53 18.53 -14.48
N SER A 262 24.77 19.00 -14.71
CA SER A 262 24.98 20.44 -14.89
C SER A 262 24.25 20.97 -16.13
N LEU A 263 23.94 20.11 -17.09
CA LEU A 263 23.21 20.52 -18.29
C LEU A 263 21.73 20.16 -18.24
N THR A 264 21.34 19.25 -17.35
CA THR A 264 19.97 18.74 -17.32
C THR A 264 19.27 18.95 -15.98
N VAL A 265 19.81 19.80 -15.11
CA VAL A 265 19.20 20.00 -13.80
C VAL A 265 17.85 20.68 -13.98
N PRO A 266 16.78 20.17 -13.35
CA PRO A 266 15.46 20.79 -13.54
C PRO A 266 15.37 22.19 -12.96
N PHE A 267 15.93 22.41 -11.76
CA PHE A 267 15.86 23.71 -11.07
C PHE A 267 17.24 23.99 -10.46
N GLY A 268 18.13 24.52 -11.30
CA GLY A 268 19.45 24.90 -10.83
C GLY A 268 19.46 26.03 -9.83
N GLN A 269 18.32 26.74 -9.69
CA GLN A 269 18.23 27.81 -8.71
C GLN A 269 18.28 27.28 -7.28
N LYS A 270 17.80 26.06 -7.05
CA LYS A 270 17.77 25.50 -5.71
C LYS A 270 19.19 25.25 -5.19
N PRO A 271 19.37 25.25 -3.86
CA PRO A 271 20.69 24.96 -3.29
C PRO A 271 21.14 23.53 -3.60
N ASN A 272 22.45 23.38 -3.83
CA ASN A 272 23.03 22.11 -4.22
C ASN A 272 23.36 21.32 -2.96
N ILE A 273 22.83 20.10 -2.86
CA ILE A 273 23.12 19.21 -1.73
C ILE A 273 24.51 18.59 -1.88
N ASP A 274 25.51 19.41 -2.16
CA ASP A 274 26.91 18.96 -2.19
C ASP A 274 27.59 19.39 -0.90
N VAL A 275 27.83 18.43 -0.01
CA VAL A 275 28.37 18.71 1.32
C VAL A 275 29.89 18.53 1.35
N THR A 276 30.56 18.61 0.20
CA THR A 276 32.02 18.47 0.18
C THR A 276 32.70 19.56 0.99
N ASP A 277 32.30 20.83 0.77
CA ASP A 277 32.84 21.92 1.58
C ASP A 277 32.36 21.82 3.03
N ALA A 278 31.16 21.29 3.25
CA ALA A 278 30.65 21.14 4.60
C ALA A 278 31.45 20.11 5.39
N MET A 279 31.89 19.04 4.73
CA MET A 279 32.72 18.04 5.40
C MET A 279 34.06 18.63 5.82
N VAL A 280 34.61 19.53 4.99
CA VAL A 280 35.90 20.14 5.30
C VAL A 280 35.76 21.10 6.48
N ASP A 281 34.66 21.86 6.52
CA ASP A 281 34.45 22.81 7.61
C ASP A 281 34.33 22.13 8.96
N GLN A 282 34.02 20.84 8.99
CA GLN A 282 33.95 20.07 10.23
C GLN A 282 35.24 19.33 10.51
N ALA A 283 36.29 19.56 9.70
CA ALA A 283 37.61 18.95 9.88
C ALA A 283 37.50 17.43 9.92
N TRP A 284 36.92 16.88 8.85
CA TRP A 284 36.80 15.45 8.69
C TRP A 284 38.01 14.86 7.99
N ASP A 285 38.34 13.62 8.35
CA ASP A 285 39.35 12.82 7.68
C ASP A 285 38.71 11.52 7.20
N ALA A 286 39.52 10.66 6.58
CA ALA A 286 38.97 9.39 6.09
C ALA A 286 38.53 8.49 7.24
N GLN A 287 39.18 8.60 8.41
CA GLN A 287 38.74 7.85 9.57
C GLN A 287 37.35 8.29 10.01
N ARG A 288 37.10 9.60 10.01
CA ARG A 288 35.80 10.13 10.42
C ARG A 288 34.70 9.62 9.50
N ILE A 289 35.00 9.51 8.20
CA ILE A 289 34.01 9.05 7.24
C ILE A 289 33.64 7.60 7.50
N PHE A 290 34.65 6.74 7.72
CA PHE A 290 34.38 5.33 7.94
C PHE A 290 33.90 5.05 9.36
N LYS A 291 34.32 5.85 10.34
CA LYS A 291 33.77 5.70 11.68
C LYS A 291 32.30 6.11 11.72
N GLU A 292 31.91 7.07 10.87
CA GLU A 292 30.50 7.43 10.77
C GLU A 292 29.72 6.34 10.05
N ALA A 293 30.32 5.72 9.04
CA ALA A 293 29.68 4.60 8.36
C ALA A 293 29.52 3.41 9.31
N GLU A 294 30.53 3.16 10.15
CA GLU A 294 30.42 2.12 11.16
C GLU A 294 29.24 2.41 12.09
N LYS A 295 29.03 3.68 12.44
CA LYS A 295 27.92 4.05 13.29
C LYS A 295 26.57 3.77 12.62
N PHE A 296 26.54 3.81 11.29
CA PHE A 296 25.30 3.59 10.56
C PHE A 296 24.81 2.14 10.69
N PHE A 297 25.70 1.19 10.39
CA PHE A 297 25.28 -0.21 10.43
C PHE A 297 24.96 -0.69 11.84
N VAL A 298 25.59 -0.10 12.85
CA VAL A 298 25.29 -0.51 14.23
C VAL A 298 23.90 -0.06 14.64
N SER A 299 23.43 1.06 14.13
CA SER A 299 22.12 1.59 14.51
C SER A 299 20.97 0.69 14.04
N VAL A 300 21.20 -0.18 13.05
CA VAL A 300 20.15 -1.05 12.53
C VAL A 300 20.23 -2.46 13.08
N GLY A 301 21.17 -2.74 13.99
CA GLY A 301 21.30 -4.04 14.61
C GLY A 301 22.53 -4.81 14.22
N LEU A 302 23.29 -4.33 13.24
CA LEU A 302 24.51 -5.00 12.82
C LEU A 302 25.67 -4.65 13.75
N PRO A 303 26.70 -5.49 13.82
CA PRO A 303 27.80 -5.24 14.75
C PRO A 303 28.77 -4.19 14.22
N ASN A 304 29.69 -3.79 15.10
CA ASN A 304 30.80 -2.93 14.72
C ASN A 304 31.68 -3.64 13.68
N MET A 305 32.58 -2.86 13.09
CA MET A 305 33.65 -3.45 12.30
C MET A 305 34.62 -4.18 13.21
N THR A 306 35.25 -5.22 12.67
CA THR A 306 36.17 -6.03 13.46
C THR A 306 37.37 -5.19 13.91
N GLN A 307 37.98 -5.63 15.01
CA GLN A 307 39.18 -4.96 15.51
C GLN A 307 40.29 -4.98 14.48
N GLY A 308 40.42 -6.09 13.74
CA GLY A 308 41.44 -6.16 12.70
C GLY A 308 41.15 -5.26 11.52
N PHE A 309 39.88 -4.93 11.29
CA PHE A 309 39.52 -4.03 10.21
C PHE A 309 40.16 -2.65 10.40
N TRP A 310 39.99 -2.07 11.60
CA TRP A 310 40.58 -0.78 11.88
C TRP A 310 42.10 -0.81 11.96
N GLU A 311 42.70 -2.00 12.08
CA GLU A 311 44.14 -2.14 12.13
C GLU A 311 44.77 -2.31 10.75
N ASN A 312 44.09 -3.02 9.85
CA ASN A 312 44.71 -3.44 8.59
C ASN A 312 44.20 -2.72 7.36
N SER A 313 43.04 -2.07 7.43
CA SER A 313 42.50 -1.41 6.26
C SER A 313 43.34 -0.20 5.88
N MET A 314 43.28 0.17 4.60
CA MET A 314 43.98 1.33 4.06
C MET A 314 42.93 2.36 3.68
N LEU A 315 42.67 3.30 4.58
CA LEU A 315 41.63 4.29 4.36
C LEU A 315 42.15 5.58 3.72
N THR A 316 43.47 5.74 3.63
CA THR A 316 44.08 6.89 2.97
C THR A 316 45.20 6.40 2.06
N ASP A 317 45.52 7.22 1.07
CA ASP A 317 46.69 6.96 0.24
C ASP A 317 47.94 7.06 1.10
N PRO A 318 48.79 6.03 1.15
CA PRO A 318 49.96 6.08 2.03
C PRO A 318 51.04 7.02 1.53
N GLY A 319 50.67 7.97 0.67
CA GLY A 319 51.60 8.94 0.16
C GLY A 319 52.22 8.53 -1.16
N ASN A 320 53.08 9.41 -1.66
CA ASN A 320 53.81 9.14 -2.89
C ASN A 320 55.01 8.22 -2.66
N VAL A 321 55.42 8.05 -1.40
CA VAL A 321 56.53 7.15 -1.09
C VAL A 321 56.12 5.69 -1.24
N GLN A 322 54.82 5.40 -1.25
CA GLN A 322 54.31 4.04 -1.38
C GLN A 322 53.02 4.11 -2.20
N LYS A 323 53.11 3.73 -3.47
CA LYS A 323 51.96 3.79 -4.37
C LYS A 323 51.13 2.52 -4.27
N ALA A 324 49.82 2.70 -4.34
CA ALA A 324 48.87 1.60 -4.19
C ALA A 324 47.79 1.71 -5.26
N VAL A 325 46.96 0.68 -5.33
CA VAL A 325 45.82 0.65 -6.25
C VAL A 325 44.65 1.32 -5.53
N CYS A 326 44.27 2.50 -6.01
CA CYS A 326 43.27 3.33 -5.34
C CYS A 326 41.84 3.01 -5.74
N HIS A 327 41.60 1.86 -6.36
CA HIS A 327 40.24 1.46 -6.67
C HIS A 327 39.52 1.03 -5.40
N PRO A 328 38.39 1.62 -5.06
CA PRO A 328 37.68 1.24 -3.83
C PRO A 328 37.25 -0.21 -3.87
N THR A 329 37.73 -1.00 -2.91
CA THR A 329 37.42 -2.41 -2.83
C THR A 329 37.17 -2.81 -1.37
N ALA A 330 36.38 -3.86 -1.19
CA ALA A 330 36.10 -4.42 0.12
C ALA A 330 36.64 -5.84 0.14
N TRP A 331 37.67 -6.07 0.95
CA TRP A 331 38.41 -7.33 0.94
C TRP A 331 37.87 -8.29 1.98
N ASP A 332 37.67 -9.54 1.56
CA ASP A 332 37.25 -10.63 2.45
C ASP A 332 38.30 -11.73 2.32
N LEU A 333 39.38 -11.60 3.10
CA LEU A 333 40.49 -12.54 3.05
C LEU A 333 40.20 -13.85 3.76
N GLY A 334 39.05 -13.97 4.42
CA GLY A 334 38.77 -15.14 5.22
C GLY A 334 39.53 -15.11 6.53
N LYS A 335 39.30 -16.16 7.33
CA LYS A 335 39.94 -16.31 8.64
C LYS A 335 39.64 -15.11 9.54
N GLY A 336 38.44 -14.56 9.41
CA GLY A 336 38.03 -13.42 10.20
C GLY A 336 38.64 -12.10 9.80
N ASP A 337 39.39 -12.06 8.69
CA ASP A 337 40.03 -10.84 8.24
C ASP A 337 39.13 -10.11 7.25
N PHE A 338 38.86 -8.84 7.54
CA PHE A 338 38.01 -8.01 6.68
C PHE A 338 38.64 -6.64 6.57
N ARG A 339 38.95 -6.22 5.34
CA ARG A 339 39.64 -4.96 5.09
C ARG A 339 38.95 -4.20 3.96
N ILE A 340 39.23 -2.91 3.89
CA ILE A 340 38.72 -2.04 2.84
C ILE A 340 39.89 -1.23 2.28
N LEU A 341 40.07 -1.29 0.97
CA LEU A 341 41.12 -0.55 0.27
C LEU A 341 40.49 0.61 -0.49
N MET A 342 40.77 1.84 -0.04
CA MET A 342 40.15 3.01 -0.64
C MET A 342 40.98 4.25 -0.28
N CYS A 343 41.45 4.96 -1.30
CA CYS A 343 42.21 6.20 -1.10
C CYS A 343 41.20 7.34 -0.92
N THR A 344 40.65 7.42 0.29
CA THR A 344 39.52 8.30 0.56
C THR A 344 39.97 9.76 0.66
N LYS A 345 39.32 10.63 -0.12
CA LYS A 345 39.44 12.07 0.03
C LYS A 345 38.25 12.60 0.82
N VAL A 346 38.35 13.86 1.24
CA VAL A 346 37.30 14.48 2.05
C VAL A 346 36.31 15.09 1.07
N THR A 347 35.51 14.22 0.45
CA THR A 347 34.45 14.63 -0.46
C THR A 347 33.19 13.83 -0.14
N MET A 348 32.09 14.20 -0.81
CA MET A 348 30.82 13.53 -0.57
C MET A 348 30.70 12.20 -1.32
N ASP A 349 31.30 12.10 -2.50
CA ASP A 349 31.22 10.84 -3.25
C ASP A 349 31.98 9.73 -2.54
N ASP A 350 33.11 10.05 -1.92
CA ASP A 350 33.83 9.05 -1.13
C ASP A 350 33.09 8.73 0.17
N PHE A 351 32.28 9.67 0.67
CA PHE A 351 31.47 9.40 1.85
C PHE A 351 30.40 8.34 1.55
N LEU A 352 29.68 8.50 0.43
CA LEU A 352 28.64 7.54 0.08
C LEU A 352 29.25 6.21 -0.35
N THR A 353 30.40 6.25 -1.04
CA THR A 353 31.05 5.01 -1.45
C THR A 353 31.58 4.23 -0.25
N ALA A 354 31.96 4.92 0.82
CA ALA A 354 32.41 4.25 2.03
C ALA A 354 31.31 3.38 2.64
N HIS A 355 30.05 3.81 2.49
CA HIS A 355 28.94 2.99 2.95
C HIS A 355 28.71 1.80 2.03
N HIS A 356 28.96 1.95 0.73
CA HIS A 356 28.82 0.83 -0.19
C HIS A 356 29.85 -0.25 0.09
N GLU A 357 31.11 0.13 0.27
CA GLU A 357 32.16 -0.85 0.51
C GLU A 357 32.01 -1.51 1.87
N MET A 358 31.63 -0.74 2.90
CA MET A 358 31.39 -1.34 4.20
C MET A 358 30.16 -2.24 4.18
N GLY A 359 29.21 -1.98 3.29
CA GLY A 359 28.10 -2.90 3.11
C GLY A 359 28.57 -4.25 2.59
N HIS A 360 29.54 -4.26 1.68
CA HIS A 360 30.11 -5.50 1.18
C HIS A 360 30.73 -6.30 2.32
N ILE A 361 31.39 -5.62 3.26
CA ILE A 361 32.03 -6.31 4.37
C ILE A 361 30.98 -6.88 5.31
N GLN A 362 29.91 -6.13 5.57
CA GLN A 362 28.81 -6.66 6.38
C GLN A 362 28.22 -7.91 5.73
N TYR A 363 28.12 -7.92 4.41
CA TYR A 363 27.72 -9.13 3.69
C TYR A 363 28.77 -10.22 3.88
N ASP A 364 30.05 -9.87 3.75
CA ASP A 364 31.12 -10.86 3.92
C ASP A 364 31.17 -11.37 5.35
N MET A 365 30.91 -10.50 6.33
CA MET A 365 30.94 -10.92 7.72
C MET A 365 29.79 -11.86 8.05
N ALA A 366 28.65 -11.70 7.39
CA ALA A 366 27.47 -12.48 7.75
C ALA A 366 27.60 -13.95 7.36
N TYR A 367 27.97 -14.22 6.11
CA TYR A 367 28.11 -15.60 5.66
C TYR A 367 29.47 -16.21 5.98
N ALA A 368 30.23 -15.62 6.91
CA ALA A 368 31.52 -16.18 7.28
C ALA A 368 31.37 -17.55 7.94
N ALA A 369 30.22 -17.84 8.54
CA ALA A 369 30.01 -19.13 9.17
C ALA A 369 29.73 -20.24 8.16
N GLN A 370 29.41 -19.90 6.92
CA GLN A 370 29.18 -20.91 5.90
C GLN A 370 30.49 -21.59 5.52
N PRO A 371 30.41 -22.77 4.90
CA PRO A 371 31.62 -23.41 4.36
C PRO A 371 32.25 -22.53 3.28
N PHE A 372 33.51 -22.88 2.95
CA PHE A 372 34.32 -22.00 2.11
C PHE A 372 33.68 -21.76 0.74
N LEU A 373 33.16 -22.80 0.11
CA LEU A 373 32.61 -22.65 -1.25
C LEU A 373 31.27 -21.94 -1.26
N LEU A 374 30.66 -21.70 -0.11
CA LEU A 374 29.36 -21.05 -0.03
C LEU A 374 29.45 -19.62 0.50
N ARG A 375 30.66 -19.10 0.69
CA ARG A 375 30.86 -17.75 1.20
C ARG A 375 30.90 -16.79 0.01
N ASN A 376 29.71 -16.40 -0.45
CA ASN A 376 29.57 -15.50 -1.59
C ASN A 376 28.11 -15.04 -1.63
N GLY A 377 27.85 -14.06 -2.49
CA GLY A 377 26.49 -13.59 -2.68
C GLY A 377 25.61 -14.64 -3.32
N ALA A 378 24.30 -14.40 -3.26
CA ALA A 378 23.35 -15.32 -3.88
C ALA A 378 23.61 -15.46 -5.37
N ASN A 379 23.72 -14.34 -6.07
CA ASN A 379 24.21 -14.33 -7.44
C ASN A 379 25.19 -13.18 -7.58
N GLU A 380 25.67 -12.95 -8.81
CA GLU A 380 26.67 -11.91 -9.05
C GLU A 380 26.14 -10.50 -8.79
N GLY A 381 24.82 -10.32 -8.81
CA GLY A 381 24.21 -9.02 -8.59
C GLY A 381 23.75 -8.74 -7.18
N PHE A 382 23.95 -9.67 -6.23
CA PHE A 382 23.46 -9.45 -4.88
C PHE A 382 24.37 -8.53 -4.08
N HIS A 383 25.69 -8.69 -4.21
CA HIS A 383 26.62 -7.84 -3.47
C HIS A 383 26.46 -6.37 -3.84
N GLU A 384 26.38 -6.08 -5.14
CA GLU A 384 26.26 -4.69 -5.57
C GLU A 384 24.93 -4.08 -5.14
N ALA A 385 23.88 -4.89 -5.00
CA ALA A 385 22.61 -4.35 -4.53
C ALA A 385 22.65 -4.04 -3.04
N VAL A 386 23.31 -4.89 -2.26
CA VAL A 386 23.41 -4.66 -0.81
C VAL A 386 24.23 -3.41 -0.53
N GLY A 387 25.28 -3.16 -1.32
CA GLY A 387 26.08 -1.97 -1.11
C GLY A 387 25.38 -0.68 -1.47
N GLU A 388 24.47 -0.73 -2.45
CA GLU A 388 23.81 0.48 -2.91
C GLU A 388 22.70 0.93 -1.97
N ILE A 389 21.96 -0.03 -1.37
CA ILE A 389 20.92 0.33 -0.43
C ILE A 389 21.50 0.98 0.83
N MET A 390 22.81 0.82 1.07
CA MET A 390 23.44 1.55 2.16
C MET A 390 23.63 3.02 1.78
N SER A 391 24.20 3.27 0.60
CA SER A 391 24.35 4.64 0.12
C SER A 391 23.02 5.29 -0.23
N LEU A 392 21.99 4.49 -0.56
CA LEU A 392 20.67 5.05 -0.80
C LEU A 392 20.10 5.70 0.45
N SER A 393 20.16 4.98 1.58
CA SER A 393 19.66 5.56 2.82
C SER A 393 20.58 6.67 3.32
N ALA A 394 21.87 6.58 3.01
CA ALA A 394 22.84 7.58 3.46
C ALA A 394 22.90 8.81 2.56
N ALA A 395 22.12 8.84 1.48
CA ALA A 395 22.09 9.99 0.58
C ALA A 395 20.83 10.84 0.71
N THR A 396 19.82 10.37 1.45
CA THR A 396 18.61 11.16 1.61
C THR A 396 18.91 12.44 2.38
N PRO A 397 18.24 13.55 2.05
CA PRO A 397 18.54 14.81 2.74
C PRO A 397 18.32 14.75 4.24
N LYS A 398 17.25 14.09 4.69
CA LYS A 398 17.01 13.98 6.12
C LYS A 398 18.13 13.24 6.84
N HIS A 399 18.73 12.25 6.18
CA HIS A 399 19.87 11.56 6.77
C HIS A 399 21.11 12.42 6.73
N LEU A 400 21.35 13.12 5.62
CA LEU A 400 22.52 13.99 5.51
C LEU A 400 22.44 15.16 6.48
N LYS A 401 21.24 15.68 6.72
CA LYS A 401 21.09 16.77 7.69
C LYS A 401 21.30 16.26 9.12
N SER A 402 20.72 15.10 9.45
CA SER A 402 20.82 14.57 10.80
C SER A 402 22.24 14.15 11.15
N ILE A 403 23.10 13.94 10.16
CA ILE A 403 24.51 13.63 10.45
C ILE A 403 25.25 14.91 10.81
N GLY A 404 24.93 16.01 10.14
CA GLY A 404 25.57 17.28 10.39
C GLY A 404 26.24 17.85 9.16
N LEU A 405 25.95 17.26 8.00
CA LEU A 405 26.55 17.71 6.74
C LEU A 405 25.72 18.77 6.04
N LEU A 406 24.41 18.74 6.16
CA LEU A 406 23.54 19.76 5.59
C LEU A 406 22.82 20.54 6.69
N SER A 407 22.58 21.81 6.43
CA SER A 407 21.98 22.68 7.43
C SER A 407 20.57 22.21 7.76
N PRO A 408 20.13 22.34 9.02
CA PRO A 408 18.82 21.82 9.41
C PRO A 408 17.64 22.66 8.92
N ASP A 409 17.88 23.62 8.03
CA ASP A 409 16.80 24.42 7.46
C ASP A 409 16.61 24.15 5.96
N PHE A 410 17.04 22.99 5.48
CA PHE A 410 16.87 22.65 4.08
C PHE A 410 15.39 22.34 3.80
N GLN A 411 14.76 23.17 2.97
CA GLN A 411 13.36 22.97 2.64
C GLN A 411 13.25 21.87 1.59
N GLU A 412 12.55 20.79 1.93
CA GLU A 412 12.40 19.67 1.00
C GLU A 412 11.10 19.87 0.23
N ASP A 413 11.18 20.74 -0.78
CA ASP A 413 10.06 21.05 -1.64
C ASP A 413 9.84 19.93 -2.65
N ASN A 414 8.84 20.11 -3.50
CA ASN A 414 8.68 19.24 -4.66
C ASN A 414 9.62 19.62 -5.80
N GLU A 415 10.43 20.66 -5.62
CA GLU A 415 11.47 21.05 -6.57
C GLU A 415 12.84 20.53 -6.18
N THR A 416 13.17 20.55 -4.89
CA THR A 416 14.44 19.97 -4.45
C THR A 416 14.40 18.45 -4.53
N GLU A 417 13.22 17.86 -4.34
CA GLU A 417 13.07 16.41 -4.46
C GLU A 417 12.95 15.95 -5.90
N ILE A 418 12.62 16.84 -6.83
CA ILE A 418 12.65 16.49 -8.25
C ILE A 418 14.05 16.69 -8.84
N ASN A 419 14.81 17.66 -8.33
CA ASN A 419 16.22 17.78 -8.70
C ASN A 419 17.00 16.57 -8.21
N PHE A 420 16.67 16.07 -7.00
CA PHE A 420 17.34 14.90 -6.47
C PHE A 420 17.04 13.66 -7.29
N LEU A 421 15.78 13.46 -7.67
CA LEU A 421 15.42 12.29 -8.46
C LEU A 421 16.00 12.34 -9.87
N LEU A 422 16.12 13.54 -10.45
CA LEU A 422 16.74 13.65 -11.77
C LEU A 422 18.21 13.25 -11.72
N LYS A 423 18.90 13.65 -10.65
CA LYS A 423 20.30 13.23 -10.49
C LYS A 423 20.40 11.73 -10.30
N GLN A 424 19.44 11.13 -9.59
CA GLN A 424 19.42 9.69 -9.42
C GLN A 424 19.07 8.96 -10.71
N ALA A 425 18.25 9.58 -11.57
CA ALA A 425 17.84 8.92 -12.80
C ALA A 425 18.99 8.87 -13.81
N LEU A 426 19.81 9.92 -13.86
CA LEU A 426 20.91 9.95 -14.81
C LEU A 426 21.89 8.82 -14.59
N THR A 427 21.98 8.30 -13.36
CA THR A 427 22.88 7.20 -13.02
C THR A 427 22.18 5.85 -13.03
N ILE A 428 21.04 5.74 -12.35
CA ILE A 428 20.41 4.45 -12.14
C ILE A 428 19.73 3.95 -13.41
N VAL A 429 18.88 4.79 -14.02
CA VAL A 429 18.14 4.35 -15.20
C VAL A 429 18.90 4.58 -16.50
N GLY A 430 19.91 5.44 -16.51
CA GLY A 430 20.67 5.67 -17.73
C GLY A 430 21.52 4.49 -18.13
N THR A 431 21.95 3.68 -17.15
CA THR A 431 22.82 2.55 -17.42
C THR A 431 22.07 1.27 -17.77
N LEU A 432 20.73 1.26 -17.66
CA LEU A 432 20.00 0.03 -17.93
C LEU A 432 20.01 -0.33 -19.42
N PRO A 433 19.69 0.57 -20.36
CA PRO A 433 19.83 0.20 -21.77
C PRO A 433 21.28 0.01 -22.19
N PHE A 434 22.20 0.73 -21.56
CA PHE A 434 23.62 0.55 -21.86
C PHE A 434 24.09 -0.84 -21.46
N THR A 435 23.60 -1.35 -20.33
CA THR A 435 24.05 -2.66 -19.85
C THR A 435 23.47 -3.79 -20.67
N TYR A 436 22.17 -3.75 -20.95
CA TYR A 436 21.54 -4.82 -21.71
C TYR A 436 22.09 -4.90 -23.13
N MET A 437 22.18 -3.75 -23.80
CA MET A 437 22.68 -3.73 -25.17
C MET A 437 24.11 -4.28 -25.25
N LEU A 438 24.92 -3.99 -24.23
CA LEU A 438 26.28 -4.52 -24.20
C LEU A 438 26.26 -6.04 -24.05
N GLU A 439 25.54 -6.55 -23.06
CA GLU A 439 25.48 -7.99 -22.85
C GLU A 439 24.78 -8.71 -24.00
N LYS A 440 23.75 -8.08 -24.58
CA LYS A 440 23.08 -8.70 -25.71
C LYS A 440 24.03 -8.83 -26.90
N TRP A 441 24.91 -7.84 -27.09
CA TRP A 441 25.91 -7.94 -28.14
C TRP A 441 26.92 -9.03 -27.83
N ARG A 442 27.38 -9.11 -26.57
CA ARG A 442 28.30 -10.15 -26.16
C ARG A 442 27.65 -11.52 -26.21
N TRP A 443 26.35 -11.59 -25.91
CA TRP A 443 25.63 -12.87 -26.01
C TRP A 443 25.58 -13.36 -27.44
N MET A 444 25.35 -12.45 -28.40
CA MET A 444 25.26 -12.85 -29.80
C MET A 444 26.62 -13.20 -30.38
N VAL A 445 27.67 -12.49 -29.98
CA VAL A 445 29.00 -12.77 -30.50
C VAL A 445 29.45 -14.17 -30.12
N PHE A 446 29.20 -14.57 -28.87
CA PHE A 446 29.55 -15.92 -28.44
C PHE A 446 28.69 -16.97 -29.13
N LYS A 447 27.42 -16.64 -29.43
CA LYS A 447 26.55 -17.54 -30.18
C LYS A 447 26.80 -17.49 -31.68
N GLY A 448 27.74 -16.68 -32.15
CA GLY A 448 28.04 -16.58 -33.55
C GLY A 448 27.00 -15.87 -34.39
N GLU A 449 25.96 -15.30 -33.78
CA GLU A 449 24.94 -14.61 -34.56
C GLU A 449 25.47 -13.34 -35.19
N ILE A 450 26.49 -12.73 -34.58
CA ILE A 450 27.11 -11.53 -35.13
C ILE A 450 28.48 -11.91 -35.71
N PRO A 451 28.59 -12.08 -37.03
CA PRO A 451 29.88 -12.46 -37.62
C PRO A 451 30.89 -11.32 -37.52
N LYS A 452 32.14 -11.65 -37.86
CA LYS A 452 33.22 -10.68 -37.74
C LYS A 452 33.08 -9.53 -38.73
N ASP A 453 32.41 -9.77 -39.86
CA ASP A 453 32.23 -8.71 -40.85
C ASP A 453 31.19 -7.69 -40.42
N GLN A 454 30.51 -7.91 -39.29
CA GLN A 454 29.59 -6.91 -38.75
C GLN A 454 29.62 -6.90 -37.23
N TRP A 455 30.80 -7.14 -36.65
CA TRP A 455 30.95 -6.99 -35.20
C TRP A 455 30.62 -5.58 -34.75
N MET A 456 31.29 -4.59 -35.35
CA MET A 456 31.05 -3.21 -34.98
C MET A 456 29.80 -2.65 -35.64
N LYS A 457 29.42 -3.19 -36.80
CA LYS A 457 28.20 -2.75 -37.45
C LYS A 457 26.98 -3.08 -36.61
N LYS A 458 26.87 -4.34 -36.18
CA LYS A 458 25.75 -4.74 -35.33
C LYS A 458 25.83 -4.10 -33.95
N TRP A 459 27.04 -3.72 -33.52
CA TRP A 459 27.20 -3.05 -32.23
C TRP A 459 26.52 -1.69 -32.23
N TRP A 460 26.78 -0.88 -33.26
CA TRP A 460 26.20 0.46 -33.34
C TRP A 460 24.77 0.45 -33.86
N GLU A 461 24.35 -0.61 -34.54
CA GLU A 461 22.94 -0.75 -34.86
C GLU A 461 22.11 -0.93 -33.59
N MET A 462 22.64 -1.69 -32.63
CA MET A 462 21.97 -1.85 -31.34
C MET A 462 22.10 -0.61 -30.47
N LYS A 463 23.18 0.16 -30.63
CA LYS A 463 23.30 1.44 -29.92
C LYS A 463 22.18 2.39 -30.32
N ARG A 464 21.85 2.43 -31.60
CA ARG A 464 20.80 3.32 -32.08
C ARG A 464 19.42 2.78 -31.69
N GLU A 465 19.20 1.48 -31.87
CA GLU A 465 17.87 0.90 -31.66
C GLU A 465 17.57 0.72 -30.18
N ILE A 466 18.48 0.11 -29.44
CA ILE A 466 18.22 -0.22 -28.04
C ILE A 466 18.44 0.99 -27.15
N VAL A 467 19.64 1.57 -27.19
CA VAL A 467 20.00 2.65 -26.28
C VAL A 467 19.62 4.03 -26.79
N GLY A 468 19.39 4.19 -28.09
CA GLY A 468 19.12 5.51 -28.64
C GLY A 468 20.35 6.40 -28.67
N VAL A 469 21.50 5.83 -29.02
CA VAL A 469 22.77 6.55 -29.06
C VAL A 469 23.44 6.27 -30.40
N VAL A 470 23.94 7.31 -31.05
CA VAL A 470 24.57 7.21 -32.36
C VAL A 470 26.04 7.57 -32.23
N GLU A 471 26.89 6.89 -33.01
CA GLU A 471 28.32 7.20 -33.00
C GLU A 471 28.58 8.53 -33.71
N PRO A 472 29.51 9.34 -33.19
CA PRO A 472 29.78 10.63 -33.85
C PRO A 472 30.55 10.48 -35.15
N VAL A 473 31.36 9.44 -35.29
CA VAL A 473 32.07 9.16 -36.54
C VAL A 473 31.88 7.69 -36.87
N PRO A 474 31.77 7.32 -38.14
CA PRO A 474 31.53 5.91 -38.47
C PRO A 474 32.74 5.05 -38.16
N HIS A 475 32.46 3.85 -37.63
CA HIS A 475 33.50 2.89 -37.26
C HIS A 475 33.32 1.63 -38.10
N ASP A 476 34.41 1.18 -38.72
CA ASP A 476 34.40 -0.05 -39.49
C ASP A 476 34.65 -1.24 -38.55
N GLU A 477 35.05 -2.38 -39.11
CA GLU A 477 35.31 -3.56 -38.30
C GLU A 477 36.73 -3.59 -37.72
N THR A 478 37.51 -2.54 -37.95
CA THR A 478 38.83 -2.45 -37.33
C THR A 478 38.73 -2.05 -35.86
N TYR A 479 37.74 -1.23 -35.52
CA TYR A 479 37.53 -0.82 -34.13
C TYR A 479 37.01 -2.00 -33.31
N CYS A 480 37.03 -1.80 -31.99
CA CYS A 480 36.45 -2.75 -31.03
C CYS A 480 35.98 -1.92 -29.84
N ASP A 481 34.98 -1.07 -30.11
CA ASP A 481 34.49 -0.14 -29.08
C ASP A 481 33.98 -0.83 -27.83
N PRO A 482 33.32 -2.00 -27.88
CA PRO A 482 33.01 -2.68 -26.62
C PRO A 482 34.23 -2.95 -25.76
N ALA A 483 35.33 -3.40 -26.37
CA ALA A 483 36.55 -3.67 -25.62
C ALA A 483 37.17 -2.41 -25.03
N SER A 484 36.79 -1.24 -25.51
CA SER A 484 37.26 0.01 -24.91
C SER A 484 36.64 0.25 -23.53
N LEU A 485 35.72 -0.59 -23.10
CA LEU A 485 35.19 -0.57 -21.74
C LEU A 485 35.95 -1.60 -20.90
N PHE A 486 36.08 -1.30 -19.61
CA PHE A 486 36.91 -2.13 -18.73
C PHE A 486 36.39 -3.56 -18.64
N HIS A 487 35.10 -3.71 -18.34
CA HIS A 487 34.55 -5.05 -18.08
C HIS A 487 34.66 -5.95 -19.30
N VAL A 488 34.65 -5.36 -20.51
CA VAL A 488 34.68 -6.18 -21.72
C VAL A 488 36.09 -6.70 -22.00
N SER A 489 37.10 -5.84 -21.87
CA SER A 489 38.47 -6.24 -22.15
C SER A 489 39.12 -6.98 -20.99
N ASN A 490 38.49 -7.02 -19.82
CA ASN A 490 39.04 -7.71 -18.65
C ASN A 490 38.26 -8.96 -18.29
N ASP A 491 37.40 -9.45 -19.19
CA ASP A 491 36.71 -10.73 -19.03
C ASP A 491 35.79 -10.72 -17.80
N TYR A 492 34.98 -9.68 -17.68
CA TYR A 492 33.99 -9.56 -16.63
C TYR A 492 32.59 -9.56 -17.24
N SER A 493 31.69 -10.32 -16.62
CA SER A 493 30.29 -10.28 -17.04
C SER A 493 29.71 -8.90 -16.73
N PHE A 494 28.68 -8.53 -17.47
CA PHE A 494 28.08 -7.21 -17.33
C PHE A 494 26.61 -7.22 -16.95
N ILE A 495 25.91 -8.35 -17.13
CA ILE A 495 24.52 -8.43 -16.74
C ILE A 495 24.32 -8.38 -15.23
N ARG A 496 25.41 -8.46 -14.46
CA ARG A 496 25.32 -8.33 -13.01
C ARG A 496 24.86 -6.93 -12.61
N TYR A 497 25.18 -5.92 -13.42
CA TYR A 497 24.78 -4.55 -13.12
C TYR A 497 23.32 -4.27 -13.49
N TYR A 498 22.76 -5.03 -14.43
CA TYR A 498 21.33 -4.92 -14.70
C TYR A 498 20.52 -5.50 -13.56
N THR A 499 20.91 -6.67 -13.05
CA THR A 499 20.13 -7.33 -12.01
C THR A 499 20.27 -6.62 -10.67
N ARG A 500 21.48 -6.13 -10.34
CA ARG A 500 21.66 -5.45 -9.07
C ARG A 500 20.88 -4.15 -9.02
N THR A 501 20.67 -3.50 -10.17
CA THR A 501 19.89 -2.27 -10.20
C THR A 501 18.43 -2.54 -9.84
N LEU A 502 17.88 -3.66 -10.33
CA LEU A 502 16.52 -4.03 -9.97
C LEU A 502 16.44 -4.62 -8.56
N TYR A 503 17.47 -5.36 -8.15
CA TYR A 503 17.46 -5.96 -6.81
C TYR A 503 17.46 -4.88 -5.73
N GLN A 504 18.26 -3.82 -5.92
CA GLN A 504 18.46 -2.84 -4.85
C GLN A 504 17.17 -2.11 -4.51
N PHE A 505 16.24 -1.98 -5.45
CA PHE A 505 14.97 -1.33 -5.15
C PHE A 505 13.94 -2.30 -4.61
N GLN A 506 14.02 -3.58 -4.97
CA GLN A 506 13.23 -4.58 -4.28
C GLN A 506 13.68 -4.69 -2.82
N PHE A 507 14.98 -4.68 -2.58
CA PHE A 507 15.50 -4.67 -1.22
C PHE A 507 15.08 -3.40 -0.48
N GLN A 508 15.24 -2.24 -1.14
CA GLN A 508 14.93 -0.97 -0.49
C GLN A 508 13.45 -0.88 -0.15
N GLU A 509 12.57 -1.29 -1.07
CA GLU A 509 11.14 -1.23 -0.80
C GLU A 509 10.74 -2.14 0.36
N ALA A 510 11.41 -3.28 0.51
CA ALA A 510 11.06 -4.20 1.60
C ALA A 510 11.53 -3.67 2.94
N LEU A 511 12.75 -3.14 3.00
CA LEU A 511 13.29 -2.67 4.28
C LEU A 511 12.60 -1.38 4.74
N CYS A 512 12.28 -0.49 3.79
CA CYS A 512 11.62 0.76 4.16
C CYS A 512 10.21 0.51 4.68
N GLN A 513 9.54 -0.53 4.20
CA GLN A 513 8.25 -0.89 4.77
C GLN A 513 8.41 -1.39 6.20
N ALA A 514 9.47 -2.15 6.47
CA ALA A 514 9.77 -2.57 7.83
C ALA A 514 10.35 -1.44 8.66
N ALA A 515 10.92 -0.42 8.03
CA ALA A 515 11.46 0.74 8.72
C ALA A 515 10.40 1.77 9.10
N LYS A 516 9.12 1.45 8.85
CA LYS A 516 8.00 2.33 9.14
C LYS A 516 8.09 3.66 8.40
N HIS A 517 8.83 3.69 7.29
CA HIS A 517 8.89 4.89 6.46
C HIS A 517 7.56 5.13 5.76
N GLU A 518 7.16 6.38 5.68
CA GLU A 518 5.84 6.76 5.16
C GLU A 518 5.91 7.54 3.86
N GLY A 519 6.92 8.37 3.65
CA GLY A 519 7.01 9.19 2.46
C GLY A 519 7.33 8.39 1.23
N PRO A 520 7.77 9.06 0.17
CA PRO A 520 8.14 8.35 -1.05
C PRO A 520 9.33 7.42 -0.81
N LEU A 521 9.47 6.42 -1.68
CA LEU A 521 10.53 5.45 -1.52
C LEU A 521 11.91 6.09 -1.66
N HIS A 522 11.99 7.22 -2.38
CA HIS A 522 13.25 7.91 -2.57
C HIS A 522 13.63 8.82 -1.41
N LYS A 523 12.75 8.95 -0.40
CA LYS A 523 13.03 9.74 0.79
C LYS A 523 13.18 8.88 2.03
N CYS A 524 13.45 7.59 1.84
CA CYS A 524 13.52 6.63 2.95
C CYS A 524 14.93 6.52 3.51
N ASP A 525 15.01 6.42 4.84
CA ASP A 525 16.25 6.15 5.54
C ASP A 525 15.99 5.04 6.55
N ILE A 526 16.69 3.92 6.41
CA ILE A 526 16.46 2.75 7.25
C ILE A 526 17.32 2.83 8.51
N SER A 527 17.82 4.02 8.82
CA SER A 527 18.60 4.20 10.04
C SER A 527 17.73 3.99 11.27
N ASN A 528 18.37 3.55 12.35
CA ASN A 528 17.75 3.26 13.65
C ASN A 528 16.71 2.14 13.55
N SER A 529 16.61 1.46 12.42
CA SER A 529 15.56 0.47 12.19
C SER A 529 16.14 -0.93 12.36
N THR A 530 16.04 -1.46 13.59
CA THR A 530 16.47 -2.83 13.83
C THR A 530 15.52 -3.84 13.20
N GLU A 531 14.27 -3.45 12.93
CA GLU A 531 13.35 -4.36 12.24
C GLU A 531 13.83 -4.64 10.83
N ALA A 532 14.25 -3.60 10.10
CA ALA A 532 14.78 -3.80 8.76
C ALA A 532 16.15 -4.44 8.78
N GLY A 533 16.93 -4.20 9.84
CA GLY A 533 18.25 -4.80 9.91
C GLY A 533 18.20 -6.31 10.04
N GLN A 534 17.39 -6.81 10.97
CA GLN A 534 17.24 -8.26 11.11
C GLN A 534 16.59 -8.89 9.88
N LYS A 535 15.71 -8.15 9.21
CA LYS A 535 15.09 -8.67 7.99
C LYS A 535 16.13 -8.84 6.89
N LEU A 536 17.07 -7.90 6.77
CA LEU A 536 18.13 -8.01 5.78
C LEU A 536 19.18 -9.03 6.21
N PHE A 537 19.49 -9.09 7.52
CA PHE A 537 20.53 -9.99 8.00
C PHE A 537 20.18 -11.45 7.73
N ASN A 538 18.89 -11.78 7.68
CA ASN A 538 18.47 -13.13 7.30
C ASN A 538 18.90 -13.47 5.88
N MET A 539 19.17 -12.47 5.05
CA MET A 539 19.59 -12.70 3.68
C MET A 539 21.11 -12.80 3.53
N LEU A 540 21.86 -11.88 4.16
CA LEU A 540 23.31 -11.88 3.97
C LEU A 540 23.94 -13.13 4.57
N ARG A 541 23.46 -13.58 5.73
CA ARG A 541 24.02 -14.78 6.34
C ARG A 541 23.75 -16.02 5.51
N LEU A 542 22.74 -15.98 4.63
CA LEU A 542 22.41 -17.14 3.81
C LEU A 542 23.52 -17.48 2.83
N GLY A 543 24.21 -16.46 2.31
CA GLY A 543 25.30 -16.71 1.38
C GLY A 543 24.80 -17.30 0.08
N LYS A 544 25.49 -18.34 -0.38
CA LYS A 544 25.11 -19.06 -1.59
C LYS A 544 24.58 -20.46 -1.29
N SER A 545 24.34 -20.77 -0.01
CA SER A 545 23.83 -22.10 0.33
C SER A 545 22.42 -22.31 -0.20
N GLU A 546 21.61 -21.28 -0.16
CA GLU A 546 20.28 -21.31 -0.75
C GLU A 546 20.27 -20.60 -2.09
N PRO A 547 19.46 -21.07 -3.03
CA PRO A 547 19.38 -20.40 -4.33
C PRO A 547 18.93 -18.96 -4.21
N TRP A 548 19.34 -18.15 -5.19
CA TRP A 548 18.98 -16.72 -5.20
C TRP A 548 17.48 -16.53 -5.33
N THR A 549 16.76 -17.50 -5.89
CA THR A 549 15.31 -17.41 -5.94
C THR A 549 14.72 -17.42 -4.54
N LEU A 550 15.31 -18.20 -3.63
CA LEU A 550 14.86 -18.21 -2.25
C LEU A 550 15.38 -16.99 -1.49
N ALA A 551 16.66 -16.67 -1.65
CA ALA A 551 17.24 -15.55 -0.91
C ALA A 551 16.54 -14.24 -1.22
N LEU A 552 16.20 -14.02 -2.49
CA LEU A 552 15.40 -12.84 -2.84
C LEU A 552 14.00 -12.94 -2.27
N GLU A 553 13.43 -14.16 -2.26
CA GLU A 553 12.09 -14.36 -1.71
C GLU A 553 12.07 -14.25 -0.19
N ASN A 554 13.20 -14.53 0.46
CA ASN A 554 13.23 -14.48 1.92
C ASN A 554 13.02 -13.07 2.45
N VAL A 555 13.41 -12.05 1.68
CA VAL A 555 13.34 -10.67 2.13
C VAL A 555 12.15 -9.93 1.52
N VAL A 556 11.92 -10.10 0.22
CA VAL A 556 10.85 -9.37 -0.47
C VAL A 556 9.66 -10.25 -0.83
N GLY A 557 9.82 -11.57 -0.87
CA GLY A 557 8.71 -12.44 -1.19
C GLY A 557 8.47 -12.61 -2.68
N ALA A 558 9.51 -12.92 -3.44
CA ALA A 558 9.39 -13.10 -4.87
C ALA A 558 10.50 -14.03 -5.36
N LYS A 559 10.13 -14.98 -6.20
CA LYS A 559 11.09 -15.93 -6.76
C LYS A 559 11.88 -15.35 -7.94
N ASN A 560 11.59 -14.12 -8.35
CA ASN A 560 12.25 -13.54 -9.51
C ASN A 560 12.33 -12.02 -9.33
N MET A 561 13.07 -11.39 -10.23
CA MET A 561 13.25 -9.94 -10.18
C MET A 561 11.97 -9.22 -10.62
N ASN A 562 11.81 -7.99 -10.14
CA ASN A 562 10.61 -7.20 -10.41
C ASN A 562 11.00 -5.77 -10.73
N VAL A 563 10.42 -5.23 -11.81
CA VAL A 563 10.67 -3.84 -12.20
C VAL A 563 9.76 -2.86 -11.49
N ARG A 564 8.73 -3.34 -10.79
CA ARG A 564 7.79 -2.43 -10.14
C ARG A 564 8.45 -1.54 -9.09
N PRO A 565 9.32 -2.04 -8.19
CA PRO A 565 9.94 -1.14 -7.20
C PRO A 565 10.78 -0.05 -7.83
N LEU A 566 11.47 -0.35 -8.94
CA LEU A 566 12.26 0.68 -9.61
C LEU A 566 11.37 1.79 -10.16
N LEU A 567 10.24 1.42 -10.77
CA LEU A 567 9.33 2.42 -11.30
C LEU A 567 8.67 3.25 -10.21
N ASN A 568 8.43 2.64 -9.04
CA ASN A 568 7.87 3.39 -7.91
C ASN A 568 8.85 4.42 -7.38
N TYR A 569 10.15 4.13 -7.43
CA TYR A 569 11.15 5.07 -6.95
C TYR A 569 11.14 6.35 -7.78
N PHE A 570 11.06 6.22 -9.10
CA PHE A 570 11.09 7.36 -10.00
C PHE A 570 9.71 7.74 -10.53
N GLU A 571 8.65 7.30 -9.86
CA GLU A 571 7.30 7.61 -10.31
C GLU A 571 6.99 9.11 -10.19
N PRO A 572 7.33 9.77 -9.08
CA PRO A 572 7.16 11.24 -9.06
C PRO A 572 7.96 11.95 -10.13
N LEU A 573 9.13 11.41 -10.48
CA LEU A 573 9.92 11.97 -11.57
C LEU A 573 9.36 11.59 -12.93
N PHE A 574 8.74 10.41 -13.04
CA PHE A 574 8.19 9.98 -14.32
C PHE A 574 7.09 10.92 -14.79
N THR A 575 6.19 11.32 -13.89
CA THR A 575 5.10 12.21 -14.28
C THR A 575 5.63 13.60 -14.65
N TRP A 576 6.67 14.07 -13.96
CA TRP A 576 7.27 15.35 -14.32
C TRP A 576 7.93 15.29 -15.69
N LEU A 577 8.48 14.14 -16.05
CA LEU A 577 9.07 13.97 -17.38
C LEU A 577 8.02 14.01 -18.47
N LYS A 578 6.89 13.32 -18.25
CA LYS A 578 5.83 13.30 -19.25
C LYS A 578 5.23 14.69 -19.47
N ASP A 579 5.29 15.55 -18.45
CA ASP A 579 4.83 16.92 -18.62
C ASP A 579 5.76 17.72 -19.51
N GLN A 580 7.07 17.47 -19.41
CA GLN A 580 8.03 18.21 -20.22
C GLN A 580 7.98 17.77 -21.67
N ASN A 581 7.81 16.47 -21.91
CA ASN A 581 7.89 15.90 -23.26
C ASN A 581 6.57 15.95 -24.01
N LYS A 582 5.64 16.84 -23.65
CA LYS A 582 4.41 16.95 -24.41
C LYS A 582 4.63 17.67 -25.74
N ASN A 583 5.50 18.68 -25.76
CA ASN A 583 5.87 19.39 -26.98
C ASN A 583 7.26 18.99 -27.48
N SER A 584 7.72 17.81 -27.08
CA SER A 584 8.99 17.27 -27.54
C SER A 584 8.76 15.85 -28.03
N PHE A 585 9.54 15.45 -29.03
CA PHE A 585 9.38 14.11 -29.59
C PHE A 585 9.95 13.08 -28.63
N VAL A 586 9.12 12.11 -28.26
CA VAL A 586 9.52 11.01 -27.38
C VAL A 586 9.89 9.83 -28.27
N GLY A 587 11.14 9.39 -28.15
CA GLY A 587 11.68 8.38 -29.04
C GLY A 587 12.82 8.94 -29.89
N TRP A 588 13.44 8.03 -30.63
CA TRP A 588 14.62 8.37 -31.42
C TRP A 588 14.56 7.68 -32.77
N SER A 589 15.20 8.32 -33.76
CA SER A 589 15.32 7.77 -35.10
C SER A 589 16.67 7.07 -35.23
N THR A 590 16.65 5.82 -35.67
CA THR A 590 17.85 5.01 -35.79
C THR A 590 18.65 5.31 -37.06
N ASP A 591 18.26 6.31 -37.85
CA ASP A 591 18.94 6.60 -39.10
C ASP A 591 19.73 7.90 -39.09
N TRP A 592 19.58 8.72 -38.06
CA TRP A 592 20.31 9.98 -37.99
C TRP A 592 21.70 9.77 -37.40
N SER A 593 22.70 10.40 -38.03
CA SER A 593 24.09 10.32 -37.60
C SER A 593 24.74 11.68 -37.81
N PRO A 594 25.65 12.07 -36.92
CA PRO A 594 26.28 13.41 -37.05
C PRO A 594 27.30 13.51 -38.17
N TYR A 595 26.97 12.96 -39.33
CA TYR A 595 27.84 13.00 -40.51
C TYR A 595 27.02 12.56 -41.72
N ALA A 596 27.64 12.62 -42.89
CA ALA A 596 26.96 12.25 -44.13
C ALA A 596 27.89 11.45 -45.05
N SER B 1 -54.40 9.07 -29.78
CA SER B 1 -53.21 8.86 -28.96
C SER B 1 -53.22 7.48 -28.32
N THR B 2 -52.03 6.88 -28.21
CA THR B 2 -51.90 5.56 -27.62
C THR B 2 -52.15 5.63 -26.11
N ILE B 3 -52.51 4.49 -25.53
CA ILE B 3 -52.67 4.40 -24.09
C ILE B 3 -51.36 4.72 -23.37
N GLU B 4 -50.23 4.34 -23.97
CA GLU B 4 -48.94 4.70 -23.40
C GLU B 4 -48.69 6.20 -23.48
N GLU B 5 -49.07 6.81 -24.61
CA GLU B 5 -48.90 8.26 -24.76
C GLU B 5 -49.81 9.01 -23.79
N GLN B 6 -51.05 8.54 -23.61
CA GLN B 6 -51.95 9.18 -22.66
C GLN B 6 -51.46 8.99 -21.23
N ALA B 7 -50.73 7.90 -20.96
CA ALA B 7 -50.15 7.68 -19.65
C ALA B 7 -48.92 8.55 -19.43
N LYS B 8 -48.21 8.90 -20.50
CA LYS B 8 -47.03 9.76 -20.37
C LYS B 8 -47.41 11.15 -19.88
N THR B 9 -48.42 11.76 -20.52
CA THR B 9 -48.88 13.08 -20.07
C THR B 9 -49.51 13.00 -18.69
N PHE B 10 -50.05 11.84 -18.32
CA PHE B 10 -50.57 11.66 -16.97
C PHE B 10 -49.45 11.68 -15.95
N LEU B 11 -48.35 10.97 -16.22
CA LEU B 11 -47.22 10.99 -15.32
C LEU B 11 -46.56 12.36 -15.29
N ASP B 12 -46.53 13.05 -16.44
CA ASP B 12 -46.02 14.41 -16.46
C ASP B 12 -46.89 15.33 -15.61
N LYS B 13 -48.21 15.19 -15.70
CA LYS B 13 -49.09 15.93 -14.81
C LYS B 13 -48.93 15.49 -13.36
N PHE B 14 -48.66 14.21 -13.13
CA PHE B 14 -48.51 13.72 -11.75
C PHE B 14 -47.19 14.19 -11.15
N ASN B 15 -46.10 14.07 -11.90
CA ASN B 15 -44.78 14.42 -11.36
C ASN B 15 -44.74 15.87 -10.91
N HIS B 16 -45.35 16.78 -11.68
CA HIS B 16 -45.36 18.18 -11.29
C HIS B 16 -46.34 18.43 -10.15
N GLU B 17 -47.42 17.64 -10.07
CA GLU B 17 -48.37 17.77 -8.97
C GLU B 17 -47.83 17.17 -7.68
N ALA B 18 -47.02 16.11 -7.78
CA ALA B 18 -46.56 15.42 -6.59
C ALA B 18 -45.42 16.14 -5.88
N GLU B 19 -44.55 16.83 -6.63
CA GLU B 19 -43.38 17.46 -6.01
C GLU B 19 -43.79 18.55 -5.02
N ASP B 20 -44.84 19.30 -5.35
CA ASP B 20 -45.27 20.39 -4.47
C ASP B 20 -45.93 19.85 -3.20
N LEU B 21 -46.82 18.86 -3.34
CA LEU B 21 -47.49 18.31 -2.16
C LEU B 21 -46.52 17.51 -1.30
N PHE B 22 -45.60 16.76 -1.92
CA PHE B 22 -44.62 16.01 -1.14
C PHE B 22 -43.70 16.94 -0.36
N TYR B 23 -43.40 18.11 -0.91
CA TYR B 23 -42.51 19.04 -0.22
C TYR B 23 -43.16 19.60 1.03
N GLN B 24 -44.44 19.93 0.97
CA GLN B 24 -45.13 20.43 2.16
C GLN B 24 -45.23 19.36 3.23
N SER B 25 -45.40 18.10 2.83
CA SER B 25 -45.42 17.01 3.80
C SER B 25 -44.04 16.77 4.40
N SER B 26 -42.98 16.96 3.61
CA SER B 26 -41.63 16.76 4.12
C SER B 26 -41.20 17.90 5.04
N LEU B 27 -41.52 19.14 4.68
CA LEU B 27 -41.17 20.26 5.53
C LEU B 27 -41.98 20.26 6.82
N ALA B 28 -43.24 19.82 6.76
CA ALA B 28 -44.05 19.74 7.97
C ALA B 28 -43.51 18.69 8.93
N SER B 29 -43.11 17.53 8.42
CA SER B 29 -42.51 16.51 9.27
C SER B 29 -41.10 16.89 9.71
N TRP B 30 -40.42 17.77 8.97
CA TRP B 30 -39.12 18.26 9.42
C TRP B 30 -39.28 19.23 10.57
N ASN B 31 -40.25 20.15 10.48
CA ASN B 31 -40.48 21.09 11.57
C ASN B 31 -40.98 20.41 12.83
N TYR B 32 -41.51 19.18 12.72
CA TYR B 32 -41.89 18.40 13.89
C TYR B 32 -40.71 17.62 14.45
N ASN B 33 -39.96 16.92 13.60
CA ASN B 33 -38.83 16.13 14.07
C ASN B 33 -37.69 17.00 14.60
N THR B 34 -37.64 18.28 14.23
CA THR B 34 -36.63 19.20 14.74
C THR B 34 -37.18 20.14 15.81
N ASN B 35 -38.49 20.15 16.02
CA ASN B 35 -39.13 21.07 16.96
C ASN B 35 -40.46 20.46 17.40
N ILE B 36 -40.38 19.44 18.26
CA ILE B 36 -41.55 18.67 18.66
C ILE B 36 -42.51 19.53 19.46
N THR B 37 -43.55 20.02 18.81
CA THR B 37 -44.59 20.80 19.49
C THR B 37 -45.95 20.18 19.23
N GLU B 38 -47.02 20.90 19.60
CA GLU B 38 -48.37 20.46 19.29
C GLU B 38 -48.89 21.06 17.98
N GLU B 39 -48.42 22.25 17.63
CA GLU B 39 -48.77 22.82 16.32
C GLU B 39 -48.13 22.02 15.20
N ASN B 40 -46.86 21.64 15.35
CA ASN B 40 -46.14 20.95 14.29
C ASN B 40 -46.55 19.50 14.16
N VAL B 41 -47.02 18.87 15.24
CA VAL B 41 -47.45 17.48 15.13
C VAL B 41 -48.75 17.37 14.35
N GLN B 42 -49.57 18.43 14.36
CA GLN B 42 -50.78 18.45 13.54
C GLN B 42 -50.54 18.97 12.14
N ASN B 43 -49.61 19.91 11.97
CA ASN B 43 -49.25 20.36 10.63
C ASN B 43 -48.61 19.25 9.82
N MET B 44 -47.92 18.32 10.49
CA MET B 44 -47.37 17.17 9.80
C MET B 44 -48.46 16.29 9.22
N ASN B 45 -49.59 16.18 9.92
CA ASN B 45 -50.71 15.39 9.42
C ASN B 45 -51.49 16.13 8.34
N ASN B 46 -51.69 17.44 8.50
CA ASN B 46 -52.43 18.20 7.49
C ASN B 46 -51.78 18.09 6.12
N ALA B 47 -50.46 18.31 6.05
CA ALA B 47 -49.76 18.11 4.79
C ALA B 47 -49.60 16.64 4.45
N GLY B 48 -49.71 15.76 5.44
CA GLY B 48 -49.61 14.33 5.21
C GLY B 48 -50.91 13.69 4.79
N ASP B 49 -52.03 14.13 5.38
CA ASP B 49 -53.32 13.57 5.01
C ASP B 49 -53.71 13.93 3.59
N LYS B 50 -53.40 15.17 3.15
CA LYS B 50 -53.69 15.54 1.77
C LYS B 50 -52.79 14.79 0.80
N TRP B 51 -51.55 14.49 1.21
CA TRP B 51 -50.69 13.69 0.36
C TRP B 51 -51.24 12.28 0.18
N SER B 52 -51.72 11.67 1.26
CA SER B 52 -52.34 10.35 1.16
C SER B 52 -53.63 10.42 0.36
N ALA B 53 -54.40 11.50 0.53
CA ALA B 53 -55.59 11.69 -0.28
C ALA B 53 -55.23 11.93 -1.74
N PHE B 54 -54.16 12.69 -1.98
CA PHE B 54 -53.70 12.90 -3.35
C PHE B 54 -53.16 11.60 -3.94
N LEU B 55 -52.51 10.77 -3.12
CA LEU B 55 -52.00 9.50 -3.61
C LEU B 55 -53.14 8.55 -3.96
N LYS B 56 -54.15 8.47 -3.09
CA LYS B 56 -55.34 7.69 -3.42
C LYS B 56 -56.10 8.29 -4.60
N GLU B 57 -56.11 9.62 -4.70
CA GLU B 57 -56.70 10.27 -5.87
C GLU B 57 -55.98 9.86 -7.15
N GLN B 58 -54.65 9.80 -7.12
CA GLN B 58 -53.88 9.39 -8.27
C GLN B 58 -53.71 7.88 -8.38
N SER B 59 -54.01 7.12 -7.32
CA SER B 59 -53.90 5.66 -7.40
C SER B 59 -54.96 5.10 -8.34
N THR B 60 -56.24 5.40 -8.07
CA THR B 60 -57.31 4.89 -8.92
C THR B 60 -57.30 5.57 -10.28
N LEU B 61 -56.89 6.84 -10.34
CA LEU B 61 -56.80 7.53 -11.62
C LEU B 61 -55.70 6.94 -12.50
N ALA B 62 -54.69 6.33 -11.88
CA ALA B 62 -53.65 5.66 -12.65
C ALA B 62 -54.05 4.24 -13.04
N GLN B 63 -54.98 3.63 -12.33
CA GLN B 63 -55.41 2.27 -12.65
C GLN B 63 -56.25 2.21 -13.92
N MET B 64 -56.70 3.34 -14.45
CA MET B 64 -57.43 3.37 -15.70
C MET B 64 -56.53 3.23 -16.92
N TYR B 65 -55.22 3.06 -16.71
CA TYR B 65 -54.28 2.83 -17.80
C TYR B 65 -53.80 1.40 -17.71
N PRO B 66 -54.14 0.54 -18.68
CA PRO B 66 -53.70 -0.86 -18.61
C PRO B 66 -52.18 -0.97 -18.67
N LEU B 67 -51.61 -1.52 -17.60
CA LEU B 67 -50.15 -1.58 -17.48
C LEU B 67 -49.52 -2.41 -18.59
N GLN B 68 -50.24 -3.43 -19.08
CA GLN B 68 -49.72 -4.30 -20.12
C GLN B 68 -49.68 -3.63 -21.49
N GLU B 69 -50.50 -2.59 -21.70
CA GLU B 69 -50.53 -1.90 -22.98
C GLU B 69 -49.36 -0.94 -23.17
N ILE B 70 -48.56 -0.72 -22.13
CA ILE B 70 -47.41 0.19 -22.19
C ILE B 70 -46.16 -0.62 -22.49
N GLN B 71 -45.37 -0.15 -23.46
CA GLN B 71 -44.12 -0.79 -23.83
C GLN B 71 -42.90 -0.09 -23.25
N ASN B 72 -43.00 1.22 -23.01
CA ASN B 72 -41.93 1.99 -22.38
C ASN B 72 -41.82 1.57 -20.92
N LEU B 73 -40.70 0.92 -20.57
CA LEU B 73 -40.57 0.36 -19.23
C LEU B 73 -40.53 1.45 -18.16
N THR B 74 -40.03 2.64 -18.52
CA THR B 74 -40.00 3.75 -17.56
C THR B 74 -41.43 4.16 -17.18
N VAL B 75 -42.32 4.23 -18.16
CA VAL B 75 -43.72 4.56 -17.86
C VAL B 75 -44.41 3.39 -17.18
N LYS B 76 -44.06 2.17 -17.57
CA LYS B 76 -44.62 1.00 -16.89
C LYS B 76 -44.13 0.90 -15.45
N LEU B 77 -42.90 1.36 -15.19
CA LEU B 77 -42.38 1.35 -13.82
C LEU B 77 -43.13 2.35 -12.94
N GLN B 78 -43.30 3.58 -13.44
CA GLN B 78 -43.93 4.61 -12.63
C GLN B 78 -45.43 4.33 -12.44
N LEU B 79 -46.07 3.79 -13.47
CA LEU B 79 -47.48 3.43 -13.33
C LEU B 79 -47.67 2.32 -12.30
N GLN B 80 -46.79 1.32 -12.32
CA GLN B 80 -46.90 0.21 -11.37
C GLN B 80 -46.74 0.69 -9.94
N ALA B 81 -45.94 1.74 -9.72
CA ALA B 81 -45.82 2.29 -8.37
C ALA B 81 -47.11 2.99 -7.95
N LEU B 82 -47.75 3.71 -8.87
CA LEU B 82 -49.03 4.35 -8.56
C LEU B 82 -50.17 3.34 -8.50
N GLN B 83 -50.16 2.35 -9.40
CA GLN B 83 -51.24 1.37 -9.42
C GLN B 83 -51.18 0.42 -8.23
N GLN B 84 -50.13 0.49 -7.41
CA GLN B 84 -50.11 -0.22 -6.14
C GLN B 84 -51.26 0.29 -5.28
N ASN B 85 -52.26 -0.57 -5.05
CA ASN B 85 -53.38 -0.16 -4.20
C ASN B 85 -52.92 0.25 -2.81
N GLY B 86 -51.78 -0.27 -2.36
CA GLY B 86 -51.16 0.24 -1.15
C GLY B 86 -51.98 -0.03 0.10
N SER B 87 -51.94 0.92 1.03
CA SER B 87 -52.65 0.81 2.29
C SER B 87 -54.14 1.13 2.18
N SER B 88 -54.61 1.59 1.02
CA SER B 88 -56.02 1.91 0.86
C SER B 88 -56.90 0.67 0.76
N VAL B 89 -56.32 -0.53 0.69
CA VAL B 89 -57.09 -1.76 0.69
C VAL B 89 -57.69 -2.09 2.04
N LEU B 90 -57.34 -1.33 3.08
CA LEU B 90 -57.90 -1.56 4.40
C LEU B 90 -59.26 -0.90 4.53
N SER B 91 -60.09 -1.46 5.39
CA SER B 91 -61.37 -0.85 5.71
C SER B 91 -61.16 0.44 6.49
N GLU B 92 -62.24 1.22 6.61
CA GLU B 92 -62.13 2.53 7.24
C GLU B 92 -61.75 2.42 8.71
N ASP B 93 -62.38 1.50 9.45
CA ASP B 93 -62.07 1.34 10.86
C ASP B 93 -60.72 0.65 11.08
N LYS B 94 -60.31 -0.21 10.16
CA LYS B 94 -59.02 -0.88 10.30
C LYS B 94 -57.87 0.02 9.90
N SER B 95 -58.04 0.85 8.86
CA SER B 95 -56.95 1.72 8.44
C SER B 95 -56.67 2.80 9.49
N LYS B 96 -57.71 3.30 10.15
CA LYS B 96 -57.51 4.26 11.22
C LYS B 96 -57.01 3.59 12.51
N ARG B 97 -57.38 2.32 12.72
CA ARG B 97 -56.89 1.62 13.90
C ARG B 97 -55.42 1.24 13.74
N LEU B 98 -54.99 0.89 12.52
CA LEU B 98 -53.59 0.60 12.29
C LEU B 98 -52.73 1.85 12.51
N ASN B 99 -53.18 3.00 12.00
CA ASN B 99 -52.47 4.24 12.25
C ASN B 99 -52.50 4.65 13.71
N THR B 100 -53.51 4.19 14.46
CA THR B 100 -53.57 4.52 15.88
C THR B 100 -52.52 3.74 16.67
N ILE B 101 -52.46 2.42 16.47
CA ILE B 101 -51.48 1.62 17.19
C ILE B 101 -50.07 1.90 16.69
N LEU B 102 -49.92 2.29 15.42
CA LEU B 102 -48.60 2.66 14.91
C LEU B 102 -48.10 3.96 15.55
N ASN B 103 -49.02 4.88 15.88
CA ASN B 103 -48.62 6.09 16.57
C ASN B 103 -48.38 5.82 18.06
N THR B 104 -49.18 4.96 18.67
CA THR B 104 -49.00 4.66 20.09
C THR B 104 -47.70 3.90 20.33
N MET B 105 -47.36 2.96 19.45
CA MET B 105 -46.11 2.24 19.59
C MET B 105 -44.91 3.17 19.38
N SER B 106 -44.98 4.06 18.39
CA SER B 106 -43.91 5.01 18.16
C SER B 106 -43.83 6.08 19.24
N THR B 107 -44.89 6.23 20.05
CA THR B 107 -44.89 7.25 21.10
C THR B 107 -44.22 6.74 22.37
N ILE B 108 -44.69 5.61 22.90
CA ILE B 108 -44.13 5.07 24.13
C ILE B 108 -42.70 4.57 23.96
N TYR B 109 -42.19 4.55 22.73
CA TYR B 109 -40.77 4.25 22.53
C TYR B 109 -39.94 5.53 22.67
N SER B 110 -40.37 6.62 22.03
CA SER B 110 -39.62 7.86 22.09
C SER B 110 -39.77 8.56 23.43
N THR B 111 -40.90 8.39 24.10
CA THR B 111 -41.15 9.01 25.40
C THR B 111 -41.08 8.00 26.54
N GLY B 112 -40.70 6.76 26.26
CA GLY B 112 -40.60 5.77 27.32
C GLY B 112 -39.39 6.03 28.18
N LYS B 113 -39.60 6.10 29.49
CA LYS B 113 -38.54 6.36 30.44
C LYS B 113 -38.59 5.33 31.56
N VAL B 114 -37.42 5.01 32.12
CA VAL B 114 -37.31 4.15 33.29
C VAL B 114 -36.89 5.03 34.46
N CYS B 115 -37.30 4.64 35.66
CA CYS B 115 -37.12 5.47 36.84
C CYS B 115 -36.09 4.86 37.78
N ASN B 116 -35.27 5.72 38.37
CA ASN B 116 -34.24 5.31 39.30
C ASN B 116 -34.88 4.80 40.58
N PRO B 117 -34.62 3.56 41.00
CA PRO B 117 -35.18 3.08 42.27
C PRO B 117 -34.74 3.88 43.48
N ASP B 118 -33.63 4.61 43.39
CA ASP B 118 -33.19 5.43 44.52
C ASP B 118 -34.00 6.72 44.62
N ASN B 119 -34.30 7.35 43.48
CA ASN B 119 -35.12 8.56 43.43
C ASN B 119 -36.22 8.30 42.40
N PRO B 120 -37.32 7.68 42.82
CA PRO B 120 -38.34 7.26 41.83
C PRO B 120 -38.98 8.40 41.07
N GLN B 121 -39.00 9.62 41.62
CA GLN B 121 -39.51 10.75 40.86
C GLN B 121 -38.48 11.32 39.89
N GLU B 122 -37.25 10.80 39.92
CA GLU B 122 -36.18 11.18 38.99
C GLU B 122 -36.00 10.01 38.04
N CYS B 123 -36.60 10.11 36.86
CA CYS B 123 -36.60 9.07 35.85
C CYS B 123 -35.70 9.47 34.68
N LEU B 124 -35.24 8.47 33.94
CA LEU B 124 -34.32 8.65 32.82
C LEU B 124 -34.81 7.85 31.63
N LEU B 125 -34.61 8.40 30.44
CA LEU B 125 -35.06 7.76 29.22
C LEU B 125 -33.90 7.10 28.48
N LEU B 126 -34.20 6.59 27.29
CA LEU B 126 -33.21 5.86 26.50
C LEU B 126 -32.04 6.75 26.11
N GLU B 127 -32.30 7.79 25.33
CA GLU B 127 -31.25 8.71 24.92
C GLU B 127 -31.33 9.99 25.73
N PRO B 128 -30.21 10.45 26.32
CA PRO B 128 -28.88 9.81 26.31
C PRO B 128 -28.62 9.01 27.57
N GLY B 129 -29.57 9.01 28.52
CA GLY B 129 -29.38 8.38 29.81
C GLY B 129 -29.10 6.90 29.75
N LEU B 130 -30.09 6.13 29.27
CA LEU B 130 -29.94 4.68 29.25
C LEU B 130 -28.89 4.23 28.23
N ASN B 131 -28.77 4.95 27.11
CA ASN B 131 -27.78 4.57 26.11
C ASN B 131 -26.36 4.80 26.61
N GLU B 132 -26.15 5.82 27.44
CA GLU B 132 -24.82 6.04 28.02
C GLU B 132 -24.46 4.91 28.99
N ILE B 133 -25.45 4.41 29.72
CA ILE B 133 -25.21 3.31 30.65
C ILE B 133 -24.76 2.07 29.88
N MET B 134 -25.53 1.67 28.88
CA MET B 134 -25.21 0.47 28.12
C MET B 134 -23.91 0.61 27.33
N ALA B 135 -23.47 1.84 27.06
CA ALA B 135 -22.31 2.05 26.21
C ALA B 135 -20.99 2.12 26.97
N ASN B 136 -21.01 2.58 28.23
CA ASN B 136 -19.75 2.88 28.90
C ASN B 136 -19.64 2.25 30.28
N SER B 137 -20.78 2.00 30.94
CA SER B 137 -20.75 1.49 32.30
C SER B 137 -20.13 0.10 32.36
N LEU B 138 -19.40 -0.16 33.44
CA LEU B 138 -18.77 -1.46 33.68
C LEU B 138 -19.36 -2.16 34.89
N ASP B 139 -20.45 -1.65 35.46
CA ASP B 139 -21.10 -2.28 36.60
C ASP B 139 -22.17 -3.23 36.09
N TYR B 140 -22.02 -4.52 36.42
CA TYR B 140 -22.95 -5.53 35.93
C TYR B 140 -24.39 -5.21 36.31
N ASN B 141 -24.63 -4.92 37.60
CA ASN B 141 -25.99 -4.66 38.05
C ASN B 141 -26.54 -3.35 37.47
N GLU B 142 -25.68 -2.37 37.21
CA GLU B 142 -26.13 -1.14 36.58
C GLU B 142 -26.53 -1.38 35.13
N ARG B 143 -25.72 -2.16 34.40
CA ARG B 143 -26.08 -2.52 33.03
C ARG B 143 -27.30 -3.44 33.00
N LEU B 144 -27.38 -4.37 33.96
CA LEU B 144 -28.52 -5.27 34.02
C LEU B 144 -29.82 -4.51 34.33
N TRP B 145 -29.73 -3.47 35.16
CA TRP B 145 -30.91 -2.69 35.49
C TRP B 145 -31.43 -1.93 34.28
N ALA B 146 -30.55 -1.19 33.61
CA ALA B 146 -30.97 -0.41 32.45
C ALA B 146 -31.50 -1.30 31.34
N TRP B 147 -30.92 -2.48 31.17
CA TRP B 147 -31.37 -3.42 30.14
C TRP B 147 -32.76 -3.94 30.46
N GLU B 148 -32.98 -4.37 31.71
CA GLU B 148 -34.27 -4.95 32.08
C GLU B 148 -35.35 -3.90 32.24
N SER B 149 -35.00 -2.73 32.81
CA SER B 149 -35.99 -1.69 33.02
C SER B 149 -36.58 -1.22 31.69
N TRP B 150 -35.75 -1.07 30.67
CA TRP B 150 -36.23 -0.63 29.37
C TRP B 150 -37.17 -1.65 28.74
N ARG B 151 -36.90 -2.94 28.96
CA ARG B 151 -37.69 -3.99 28.36
C ARG B 151 -38.90 -4.39 29.19
N SER B 152 -38.92 -4.02 30.47
CA SER B 152 -40.08 -4.27 31.32
C SER B 152 -41.04 -3.08 31.35
N GLU B 153 -40.53 -1.88 31.15
CA GLU B 153 -41.37 -0.68 31.16
C GLU B 153 -42.03 -0.48 29.81
N VAL B 154 -41.24 -0.10 28.80
CA VAL B 154 -41.80 0.14 27.47
C VAL B 154 -41.96 -1.15 26.68
N GLY B 155 -41.27 -2.23 27.07
CA GLY B 155 -41.39 -3.48 26.33
C GLY B 155 -42.73 -4.16 26.54
N LYS B 156 -43.24 -4.15 27.77
CA LYS B 156 -44.53 -4.79 28.03
C LYS B 156 -45.69 -3.97 27.47
N GLN B 157 -45.55 -2.64 27.43
CA GLN B 157 -46.62 -1.81 26.86
C GLN B 157 -46.82 -2.09 25.38
N LEU B 158 -45.77 -2.50 24.68
CA LEU B 158 -45.84 -2.77 23.25
C LEU B 158 -46.34 -4.17 22.94
N ARG B 159 -46.48 -5.05 23.93
CA ARG B 159 -46.83 -6.44 23.65
C ARG B 159 -48.25 -6.57 23.12
N PRO B 160 -49.30 -6.05 23.77
CA PRO B 160 -50.64 -6.19 23.18
C PRO B 160 -50.80 -5.39 21.89
N LEU B 161 -50.08 -4.29 21.74
CA LEU B 161 -50.17 -3.51 20.51
C LEU B 161 -49.54 -4.23 19.33
N TYR B 162 -48.40 -4.88 19.56
CA TYR B 162 -47.71 -5.56 18.46
C TYR B 162 -48.51 -6.78 17.98
N GLU B 163 -49.23 -7.45 18.89
CA GLU B 163 -50.11 -8.54 18.46
C GLU B 163 -51.21 -8.03 17.54
N GLU B 164 -51.83 -6.91 17.90
CA GLU B 164 -52.83 -6.29 17.02
C GLU B 164 -52.17 -5.66 15.80
N TYR B 165 -50.90 -5.24 15.93
CA TYR B 165 -50.18 -4.68 14.79
C TYR B 165 -49.91 -5.72 13.71
N VAL B 166 -49.71 -6.98 14.11
CA VAL B 166 -49.41 -8.03 13.13
C VAL B 166 -50.67 -8.41 12.36
N VAL B 167 -51.79 -8.61 13.05
CA VAL B 167 -53.00 -9.07 12.38
C VAL B 167 -53.53 -8.01 11.42
N LEU B 168 -53.34 -6.73 11.74
CA LEU B 168 -53.75 -5.68 10.82
C LEU B 168 -52.80 -5.58 9.65
N LYS B 169 -51.49 -5.75 9.90
CA LYS B 169 -50.52 -5.72 8.82
C LYS B 169 -50.59 -6.98 7.96
N ASN B 170 -51.00 -8.11 8.55
CA ASN B 170 -51.19 -9.32 7.75
C ASN B 170 -52.34 -9.15 6.76
N GLU B 171 -53.49 -8.67 7.26
CA GLU B 171 -54.61 -8.39 6.37
C GLU B 171 -54.24 -7.35 5.32
N MET B 172 -53.30 -6.46 5.66
CA MET B 172 -52.80 -5.48 4.69
C MET B 172 -52.07 -6.16 3.54
N ALA B 173 -51.25 -7.16 3.85
CA ALA B 173 -50.50 -7.86 2.81
C ALA B 173 -51.39 -8.84 2.06
N ARG B 174 -52.23 -9.60 2.78
CA ARG B 174 -53.11 -10.56 2.13
C ARG B 174 -54.10 -9.89 1.20
N ALA B 175 -54.47 -8.64 1.49
CA ALA B 175 -55.36 -7.90 0.59
C ALA B 175 -54.63 -7.45 -0.67
N ASN B 176 -53.33 -7.15 -0.56
CA ASN B 176 -52.52 -6.74 -1.70
C ASN B 176 -51.88 -7.92 -2.42
N HIS B 177 -52.48 -9.11 -2.33
CA HIS B 177 -52.00 -10.30 -3.03
C HIS B 177 -50.60 -10.69 -2.57
N TYR B 178 -50.40 -10.73 -1.26
CA TYR B 178 -49.17 -11.20 -0.64
C TYR B 178 -49.50 -12.30 0.36
N GLU B 179 -48.46 -13.03 0.78
CA GLU B 179 -48.65 -14.08 1.76
C GLU B 179 -48.83 -13.53 3.16
N ASP B 180 -47.82 -12.79 3.65
CA ASP B 180 -47.86 -12.16 4.96
C ASP B 180 -47.17 -10.81 4.87
N TYR B 181 -47.12 -10.10 6.00
CA TYR B 181 -46.44 -8.82 6.03
C TYR B 181 -44.96 -8.98 5.75
N GLY B 182 -44.36 -10.10 6.18
CA GLY B 182 -42.97 -10.36 5.84
C GLY B 182 -42.77 -10.54 4.35
N ASP B 183 -43.69 -11.27 3.71
CA ASP B 183 -43.66 -11.39 2.25
C ASP B 183 -43.85 -10.03 1.59
N TYR B 184 -44.63 -9.15 2.22
CA TYR B 184 -44.81 -7.81 1.69
C TYR B 184 -43.50 -7.03 1.73
N TRP B 185 -42.73 -7.17 2.83
CA TRP B 185 -41.46 -6.47 2.95
C TRP B 185 -40.43 -7.03 1.98
N ARG B 186 -40.42 -8.34 1.78
CA ARG B 186 -39.46 -8.96 0.87
C ARG B 186 -39.73 -8.63 -0.59
N GLY B 187 -40.87 -8.02 -0.90
CA GLY B 187 -41.18 -7.60 -2.25
C GLY B 187 -40.29 -6.48 -2.77
N ASP B 188 -39.53 -5.83 -1.90
CA ASP B 188 -38.65 -4.75 -2.35
C ASP B 188 -37.55 -5.26 -3.26
N TYR B 189 -37.14 -6.51 -3.10
CA TYR B 189 -36.12 -7.12 -3.95
C TYR B 189 -36.71 -7.84 -5.15
N GLU B 190 -38.03 -7.87 -5.29
CA GLU B 190 -38.66 -8.61 -6.37
C GLU B 190 -38.39 -7.92 -7.71
N VAL B 191 -38.01 -8.71 -8.71
CA VAL B 191 -37.76 -8.21 -10.06
C VAL B 191 -38.55 -9.08 -11.03
N ASN B 192 -39.43 -8.46 -11.81
CA ASN B 192 -40.30 -9.18 -12.73
C ASN B 192 -40.29 -8.46 -14.07
N GLY B 193 -39.76 -9.12 -15.10
CA GLY B 193 -39.82 -8.59 -16.45
C GLY B 193 -38.54 -8.71 -17.24
N VAL B 194 -37.39 -8.62 -16.58
CA VAL B 194 -36.10 -8.64 -17.26
C VAL B 194 -35.56 -10.08 -17.23
N ASP B 195 -35.32 -10.65 -18.41
CA ASP B 195 -34.78 -11.99 -18.50
C ASP B 195 -33.33 -12.02 -18.05
N GLY B 196 -32.98 -12.99 -17.21
CA GLY B 196 -31.65 -13.09 -16.64
C GLY B 196 -31.40 -12.24 -15.42
N TYR B 197 -32.31 -11.32 -15.09
CA TYR B 197 -32.16 -10.46 -13.93
C TYR B 197 -33.34 -10.55 -12.98
N ASP B 198 -34.24 -11.51 -13.19
CA ASP B 198 -35.40 -11.67 -12.33
C ASP B 198 -35.00 -12.13 -10.93
N TYR B 199 -35.87 -11.84 -9.97
CA TYR B 199 -35.63 -12.15 -8.57
C TYR B 199 -36.96 -12.21 -7.86
N SER B 200 -37.23 -13.32 -7.17
CA SER B 200 -38.53 -13.54 -6.54
C SER B 200 -38.47 -13.19 -5.05
N ARG B 201 -39.65 -13.07 -4.46
CA ARG B 201 -39.76 -12.71 -3.05
C ARG B 201 -39.36 -13.85 -2.14
N GLY B 202 -39.50 -15.11 -2.59
CA GLY B 202 -39.00 -16.23 -1.82
C GLY B 202 -37.52 -16.48 -1.98
N GLN B 203 -36.93 -15.99 -3.08
CA GLN B 203 -35.49 -16.14 -3.30
C GLN B 203 -34.67 -15.34 -2.29
N LEU B 204 -35.23 -14.30 -1.69
CA LEU B 204 -34.51 -13.51 -0.72
C LEU B 204 -34.17 -14.33 0.52
N ILE B 205 -35.14 -15.08 1.05
CA ILE B 205 -34.91 -15.89 2.25
C ILE B 205 -33.83 -16.94 1.97
N GLU B 206 -33.90 -17.58 0.80
CA GLU B 206 -32.91 -18.59 0.45
C GLU B 206 -31.52 -17.97 0.27
N ASP B 207 -31.47 -16.76 -0.30
CA ASP B 207 -30.19 -16.14 -0.61
C ASP B 207 -29.49 -15.59 0.62
N VAL B 208 -30.25 -15.09 1.61
CA VAL B 208 -29.62 -14.55 2.81
C VAL B 208 -29.19 -15.68 3.75
N GLU B 209 -29.90 -16.81 3.73
CA GLU B 209 -29.53 -17.93 4.60
C GLU B 209 -28.33 -18.68 4.06
N HIS B 210 -28.18 -18.78 2.74
CA HIS B 210 -27.04 -19.46 2.15
C HIS B 210 -25.75 -18.71 2.42
N THR B 211 -25.79 -17.37 2.42
CA THR B 211 -24.60 -16.59 2.70
C THR B 211 -24.33 -16.45 4.20
N PHE B 212 -25.36 -16.60 5.04
CA PHE B 212 -25.15 -16.47 6.48
C PHE B 212 -24.34 -17.63 7.03
N GLU B 213 -24.48 -18.83 6.47
CA GLU B 213 -23.70 -19.97 6.94
C GLU B 213 -22.21 -19.78 6.69
N GLU B 214 -21.85 -19.08 5.62
CA GLU B 214 -20.44 -18.78 5.38
C GLU B 214 -19.89 -17.74 6.34
N ILE B 215 -20.76 -17.02 7.07
CA ILE B 215 -20.30 -16.08 8.07
C ILE B 215 -20.15 -16.72 9.44
N LYS B 216 -20.85 -17.81 9.72
CA LYS B 216 -20.77 -18.48 11.01
C LYS B 216 -19.34 -18.81 11.45
N PRO B 217 -18.45 -19.31 10.59
CA PRO B 217 -17.06 -19.56 11.06
C PRO B 217 -16.37 -18.31 11.59
N LEU B 218 -16.56 -17.17 10.92
CA LEU B 218 -15.90 -15.94 11.35
C LEU B 218 -16.56 -15.36 12.59
N TYR B 219 -17.89 -15.38 12.66
CA TYR B 219 -18.59 -14.77 13.78
C TYR B 219 -18.36 -15.54 15.07
N GLU B 220 -18.30 -16.87 14.98
CA GLU B 220 -18.06 -17.67 16.18
C GLU B 220 -16.71 -17.37 16.80
N HIS B 221 -15.69 -17.15 15.96
CA HIS B 221 -14.36 -16.86 16.49
C HIS B 221 -14.30 -15.47 17.10
N LEU B 222 -15.02 -14.51 16.51
CA LEU B 222 -15.14 -13.21 17.16
C LEU B 222 -15.93 -13.33 18.46
N HIS B 223 -16.98 -14.16 18.46
CA HIS B 223 -17.75 -14.38 19.68
C HIS B 223 -16.88 -15.00 20.77
N ALA B 224 -16.02 -15.94 20.40
CA ALA B 224 -15.14 -16.58 21.38
C ALA B 224 -14.10 -15.61 21.90
N TYR B 225 -13.53 -14.79 21.02
CA TYR B 225 -12.50 -13.83 21.45
C TYR B 225 -13.11 -12.75 22.33
N VAL B 226 -14.24 -12.17 21.91
CA VAL B 226 -14.89 -11.14 22.70
C VAL B 226 -15.31 -11.69 24.06
N ARG B 227 -15.78 -12.94 24.09
CA ARG B 227 -16.16 -13.56 25.36
C ARG B 227 -14.98 -13.67 26.31
N ALA B 228 -13.79 -13.99 25.78
CA ALA B 228 -12.61 -14.09 26.63
C ALA B 228 -12.25 -12.73 27.23
N LYS B 229 -12.33 -11.67 26.42
CA LYS B 229 -12.05 -10.33 26.93
C LYS B 229 -13.14 -9.86 27.88
N LEU B 230 -14.40 -10.21 27.61
CA LEU B 230 -15.48 -9.82 28.51
C LEU B 230 -15.43 -10.59 29.83
N MET B 231 -14.85 -11.80 29.82
CA MET B 231 -14.68 -12.53 31.07
C MET B 231 -13.70 -11.82 32.00
N ASN B 232 -12.65 -11.21 31.43
CA ASN B 232 -11.70 -10.48 32.26
C ASN B 232 -12.29 -9.18 32.79
N ALA B 233 -13.27 -8.61 32.10
CA ALA B 233 -13.93 -7.40 32.56
C ALA B 233 -15.09 -7.68 33.51
N TYR B 234 -15.75 -8.82 33.35
CA TYR B 234 -16.84 -9.26 34.22
C TYR B 234 -16.51 -10.66 34.71
N PRO B 235 -15.60 -10.79 35.67
CA PRO B 235 -15.23 -12.11 36.15
C PRO B 235 -16.37 -12.79 36.90
N SER B 236 -16.39 -14.12 36.80
CA SER B 236 -17.42 -14.95 37.43
C SER B 236 -18.83 -14.62 36.94
N TYR B 237 -18.95 -14.02 35.76
CA TYR B 237 -20.24 -13.68 35.18
C TYR B 237 -20.54 -14.40 33.88
N ILE B 238 -19.54 -14.74 33.09
CA ILE B 238 -19.72 -15.33 31.78
C ILE B 238 -19.06 -16.71 31.77
N SER B 239 -19.84 -17.73 31.42
CA SER B 239 -19.29 -19.06 31.32
C SER B 239 -18.42 -19.18 30.07
N PRO B 240 -17.26 -19.84 30.16
CA PRO B 240 -16.40 -19.99 28.97
C PRO B 240 -17.03 -20.83 27.87
N ILE B 241 -18.15 -21.50 28.14
CA ILE B 241 -18.86 -22.25 27.11
C ILE B 241 -20.25 -21.67 26.83
N GLY B 242 -20.79 -20.81 27.70
CA GLY B 242 -22.12 -20.29 27.49
C GLY B 242 -22.15 -19.09 26.56
N CYS B 243 -23.34 -18.54 26.40
CA CYS B 243 -23.55 -17.39 25.54
C CYS B 243 -23.17 -16.10 26.27
N LEU B 244 -23.27 -14.98 25.57
CA LEU B 244 -22.98 -13.68 26.15
C LEU B 244 -24.26 -13.05 26.72
N PRO B 245 -24.19 -12.49 27.91
CA PRO B 245 -25.34 -11.73 28.43
C PRO B 245 -25.67 -10.55 27.54
N ALA B 246 -26.96 -10.33 27.33
CA ALA B 246 -27.41 -9.33 26.37
C ALA B 246 -27.07 -7.90 26.80
N HIS B 247 -26.87 -7.67 28.10
CA HIS B 247 -26.62 -6.33 28.61
C HIS B 247 -25.15 -5.98 28.68
N LEU B 248 -24.26 -6.85 28.22
CA LEU B 248 -22.83 -6.60 28.24
C LEU B 248 -22.26 -6.43 26.83
N LEU B 249 -23.09 -6.09 25.86
CA LEU B 249 -22.69 -6.10 24.46
C LEU B 249 -22.34 -4.73 23.90
N GLY B 250 -22.62 -3.64 24.61
CA GLY B 250 -22.21 -2.31 24.22
C GLY B 250 -23.34 -1.33 24.01
N ASP B 251 -24.58 -1.80 23.81
CA ASP B 251 -25.72 -0.91 23.70
C ASP B 251 -26.94 -1.60 24.29
N MET B 252 -28.10 -0.98 24.12
CA MET B 252 -29.31 -1.46 24.78
C MET B 252 -29.74 -2.83 24.27
N TRP B 253 -29.41 -3.16 23.02
CA TRP B 253 -29.85 -4.41 22.41
C TRP B 253 -28.71 -5.32 21.99
N GLY B 254 -27.47 -4.84 21.98
CA GLY B 254 -26.38 -5.63 21.42
C GLY B 254 -26.32 -5.62 19.91
N ARG B 255 -26.90 -4.62 19.26
CA ARG B 255 -26.90 -4.55 17.81
C ARG B 255 -25.50 -4.36 17.27
N PHE B 256 -24.69 -3.53 17.93
CA PHE B 256 -23.31 -3.30 17.55
C PHE B 256 -22.40 -3.50 18.74
N TRP B 257 -21.25 -4.14 18.50
CA TRP B 257 -20.25 -4.38 19.54
C TRP B 257 -19.16 -3.32 19.52
N THR B 258 -19.46 -2.13 18.99
CA THR B 258 -18.43 -1.09 18.87
C THR B 258 -17.95 -0.63 20.24
N ASN B 259 -18.86 -0.49 21.20
CA ASN B 259 -18.48 -0.05 22.53
C ASN B 259 -17.68 -1.08 23.30
N LEU B 260 -17.53 -2.30 22.78
CA LEU B 260 -16.70 -3.31 23.39
C LEU B 260 -15.24 -3.22 22.96
N TYR B 261 -14.89 -2.24 22.12
CA TYR B 261 -13.52 -2.13 21.64
C TYR B 261 -12.55 -1.80 22.76
N SER B 262 -12.97 -0.95 23.70
CA SER B 262 -12.11 -0.60 24.83
C SER B 262 -11.80 -1.82 25.70
N LEU B 263 -12.64 -2.86 25.64
CA LEU B 263 -12.42 -4.07 26.40
C LEU B 263 -11.85 -5.20 25.57
N THR B 264 -11.93 -5.11 24.23
CA THR B 264 -11.53 -6.21 23.35
C THR B 264 -10.45 -5.79 22.36
N VAL B 265 -9.81 -4.64 22.56
CA VAL B 265 -8.78 -4.19 21.62
C VAL B 265 -7.59 -5.13 21.69
N PRO B 266 -7.07 -5.61 20.55
CA PRO B 266 -5.93 -6.56 20.61
C PRO B 266 -4.67 -5.94 21.18
N PHE B 267 -4.33 -4.70 20.80
CA PHE B 267 -3.10 -4.06 21.26
C PHE B 267 -3.43 -2.60 21.60
N GLY B 268 -4.00 -2.39 22.80
CA GLY B 268 -4.32 -1.05 23.24
C GLY B 268 -3.10 -0.18 23.51
N GLN B 269 -1.92 -0.78 23.65
CA GLN B 269 -0.71 0.01 23.87
C GLN B 269 -0.34 0.81 22.64
N LYS B 270 -0.64 0.29 21.45
CA LYS B 270 -0.34 0.98 20.21
C LYS B 270 -1.23 2.23 20.08
N PRO B 271 -0.83 3.18 19.24
CA PRO B 271 -1.69 4.35 19.03
C PRO B 271 -3.07 3.93 18.56
N ASN B 272 -4.08 4.68 19.02
CA ASN B 272 -5.46 4.22 18.93
C ASN B 272 -6.08 4.49 17.56
N ILE B 273 -6.61 3.42 16.95
CA ILE B 273 -7.38 3.53 15.71
C ILE B 273 -8.77 4.09 15.97
N ASP B 274 -9.12 4.30 17.23
CA ASP B 274 -10.36 4.98 17.62
C ASP B 274 -10.00 6.43 17.89
N VAL B 275 -10.38 7.31 16.97
CA VAL B 275 -9.94 8.69 17.01
C VAL B 275 -10.92 9.56 17.78
N THR B 276 -11.73 8.93 18.64
CA THR B 276 -12.64 9.69 19.48
C THR B 276 -11.85 10.62 20.40
N ASP B 277 -10.81 10.08 21.04
CA ASP B 277 -9.95 10.91 21.89
C ASP B 277 -9.18 11.93 21.07
N ALA B 278 -8.82 11.59 19.83
CA ALA B 278 -8.10 12.54 18.99
C ALA B 278 -9.02 13.69 18.56
N MET B 279 -10.29 13.40 18.30
CA MET B 279 -11.23 14.46 17.95
C MET B 279 -11.48 15.39 19.13
N VAL B 280 -11.55 14.84 20.34
CA VAL B 280 -11.81 15.67 21.51
C VAL B 280 -10.59 16.51 21.86
N ASP B 281 -9.39 15.91 21.83
CA ASP B 281 -8.18 16.65 22.14
C ASP B 281 -7.88 17.73 21.11
N GLN B 282 -8.39 17.60 19.89
CA GLN B 282 -8.22 18.62 18.86
C GLN B 282 -9.42 19.55 18.77
N ALA B 283 -10.39 19.41 19.68
CA ALA B 283 -11.55 20.30 19.77
C ALA B 283 -12.32 20.38 18.45
N TRP B 284 -12.80 19.23 18.01
CA TRP B 284 -13.64 19.17 16.82
C TRP B 284 -15.10 19.40 17.20
N ASP B 285 -15.84 20.00 16.29
CA ASP B 285 -17.28 20.20 16.44
C ASP B 285 -18.01 19.54 15.29
N ALA B 286 -19.34 19.66 15.30
CA ALA B 286 -20.15 19.08 14.23
C ALA B 286 -19.86 19.73 12.89
N GLN B 287 -19.48 21.01 12.89
CA GLN B 287 -19.10 21.68 11.65
C GLN B 287 -17.89 21.02 11.02
N ARG B 288 -16.87 20.74 11.82
CA ARG B 288 -15.67 20.08 11.29
C ARG B 288 -15.98 18.68 10.77
N ILE B 289 -16.86 17.96 11.46
CA ILE B 289 -17.15 16.57 11.07
C ILE B 289 -17.82 16.53 9.70
N PHE B 290 -18.83 17.38 9.50
CA PHE B 290 -19.54 17.37 8.23
C PHE B 290 -18.77 18.09 7.13
N LYS B 291 -17.99 19.13 7.48
CA LYS B 291 -17.14 19.76 6.47
C LYS B 291 -16.02 18.83 6.04
N GLU B 292 -15.53 17.97 6.94
CA GLU B 292 -14.52 16.98 6.55
C GLU B 292 -15.14 15.89 5.70
N ALA B 293 -16.37 15.47 6.03
CA ALA B 293 -17.06 14.49 5.20
C ALA B 293 -17.39 15.07 3.84
N GLU B 294 -17.81 16.34 3.78
CA GLU B 294 -18.04 17.00 2.51
C GLU B 294 -16.78 17.02 1.66
N LYS B 295 -15.63 17.25 2.28
CA LYS B 295 -14.37 17.28 1.55
C LYS B 295 -14.03 15.91 0.96
N PHE B 296 -14.51 14.84 1.57
CA PHE B 296 -14.23 13.50 1.06
C PHE B 296 -14.92 13.26 -0.27
N PHE B 297 -16.22 13.54 -0.33
CA PHE B 297 -16.96 13.29 -1.57
C PHE B 297 -16.48 14.19 -2.69
N VAL B 298 -16.00 15.39 -2.36
CA VAL B 298 -15.49 16.28 -3.39
C VAL B 298 -14.18 15.75 -3.96
N SER B 299 -13.37 15.08 -3.13
CA SER B 299 -12.09 14.56 -3.60
C SER B 299 -12.26 13.44 -4.62
N VAL B 300 -13.42 12.79 -4.68
CA VAL B 300 -13.65 11.69 -5.60
C VAL B 300 -14.46 12.13 -6.82
N GLY B 301 -14.83 13.39 -6.92
CA GLY B 301 -15.56 13.90 -8.07
C GLY B 301 -16.99 14.31 -7.79
N LEU B 302 -17.52 14.03 -6.60
CA LEU B 302 -18.88 14.40 -6.27
C LEU B 302 -18.94 15.87 -5.86
N PRO B 303 -20.10 16.51 -5.96
CA PRO B 303 -20.20 17.94 -5.71
C PRO B 303 -20.22 18.27 -4.22
N ASN B 304 -20.08 19.57 -3.93
CA ASN B 304 -20.25 20.09 -2.59
C ASN B 304 -21.69 19.88 -2.13
N MET B 305 -21.91 20.08 -0.83
CA MET B 305 -23.27 20.15 -0.33
C MET B 305 -23.93 21.44 -0.79
N THR B 306 -25.25 21.40 -0.97
CA THR B 306 -25.97 22.59 -1.40
C THR B 306 -25.88 23.69 -0.36
N GLN B 307 -26.03 24.94 -0.82
CA GLN B 307 -26.03 26.06 0.11
C GLN B 307 -27.16 25.94 1.11
N GLY B 308 -28.32 25.42 0.67
CA GLY B 308 -29.43 25.24 1.58
C GLY B 308 -29.18 24.15 2.61
N PHE B 309 -28.32 23.19 2.29
CA PHE B 309 -28.00 22.14 3.25
C PHE B 309 -27.35 22.72 4.51
N TRP B 310 -26.31 23.54 4.33
CA TRP B 310 -25.67 24.16 5.47
C TRP B 310 -26.53 25.23 6.14
N GLU B 311 -27.61 25.66 5.47
CA GLU B 311 -28.52 26.65 6.06
C GLU B 311 -29.65 25.99 6.85
N ASN B 312 -30.13 24.84 6.41
CA ASN B 312 -31.35 24.26 6.96
C ASN B 312 -31.14 23.01 7.79
N SER B 313 -30.00 22.32 7.65
CA SER B 313 -29.79 21.08 8.39
C SER B 313 -29.61 21.35 9.88
N MET B 314 -29.91 20.32 10.68
CA MET B 314 -29.75 20.37 12.13
C MET B 314 -28.66 19.38 12.50
N LEU B 315 -27.42 19.87 12.62
CA LEU B 315 -26.28 19.01 12.91
C LEU B 315 -25.95 18.92 14.40
N THR B 316 -26.60 19.70 15.25
CA THR B 316 -26.41 19.62 16.69
C THR B 316 -27.76 19.60 17.39
N ASP B 317 -27.75 19.06 18.61
CA ASP B 317 -28.92 19.10 19.46
C ASP B 317 -29.24 20.56 19.79
N PRO B 318 -30.46 21.04 19.49
CA PRO B 318 -30.75 22.47 19.72
C PRO B 318 -30.95 22.82 21.19
N GLY B 319 -30.46 21.97 22.09
CA GLY B 319 -30.59 22.23 23.51
C GLY B 319 -31.83 21.62 24.10
N ASN B 320 -31.99 21.83 25.41
CA ASN B 320 -33.17 21.36 26.12
C ASN B 320 -34.38 22.27 25.92
N VAL B 321 -34.18 23.48 25.42
CA VAL B 321 -35.30 24.40 25.19
C VAL B 321 -36.14 23.95 24.00
N GLN B 322 -35.61 23.10 23.14
CA GLN B 322 -36.32 22.61 21.96
C GLN B 322 -35.93 21.17 21.73
N LYS B 323 -36.83 20.24 22.06
CA LYS B 323 -36.53 18.82 21.93
C LYS B 323 -36.83 18.34 20.51
N ALA B 324 -35.96 17.49 19.99
CA ALA B 324 -36.06 17.00 18.62
C ALA B 324 -35.80 15.50 18.60
N VAL B 325 -36.03 14.90 17.44
CA VAL B 325 -35.75 13.48 17.24
C VAL B 325 -34.30 13.35 16.80
N CYS B 326 -33.45 12.83 17.69
CA CYS B 326 -32.02 12.77 17.46
C CYS B 326 -31.58 11.51 16.73
N HIS B 327 -32.49 10.76 16.14
CA HIS B 327 -32.10 9.60 15.35
C HIS B 327 -31.52 10.10 14.02
N PRO B 328 -30.29 9.72 13.67
CA PRO B 328 -29.67 10.24 12.44
C PRO B 328 -30.45 9.87 11.20
N THR B 329 -30.86 10.89 10.45
CA THR B 329 -31.62 10.71 9.22
C THR B 329 -31.11 11.69 8.17
N ALA B 330 -31.26 11.30 6.89
CA ALA B 330 -30.88 12.13 5.76
C ALA B 330 -32.14 12.45 4.97
N TRP B 331 -32.52 13.73 4.94
CA TRP B 331 -33.81 14.15 4.40
C TRP B 331 -33.68 14.58 2.94
N ASP B 332 -34.60 14.09 2.11
CA ASP B 332 -34.71 14.45 0.69
C ASP B 332 -36.11 15.00 0.47
N LEU B 333 -36.29 16.30 0.71
CA LEU B 333 -37.58 16.95 0.57
C LEU B 333 -37.97 17.22 -0.87
N GLY B 334 -37.08 16.94 -1.83
CA GLY B 334 -37.33 17.28 -3.21
C GLY B 334 -37.14 18.77 -3.46
N LYS B 335 -37.33 19.16 -4.72
CA LYS B 335 -37.19 20.55 -5.14
C LYS B 335 -35.80 21.10 -4.79
N GLY B 336 -34.78 20.25 -4.88
CA GLY B 336 -33.43 20.65 -4.58
C GLY B 336 -33.11 20.82 -3.12
N ASP B 337 -34.03 20.48 -2.21
CA ASP B 337 -33.81 20.63 -0.78
C ASP B 337 -33.23 19.34 -0.22
N PHE B 338 -32.08 19.46 0.44
CA PHE B 338 -31.39 18.31 1.02
C PHE B 338 -30.87 18.68 2.40
N ARG B 339 -31.32 17.95 3.42
CA ARG B 339 -30.97 18.24 4.80
C ARG B 339 -30.56 16.95 5.49
N ILE B 340 -29.86 17.11 6.62
CA ILE B 340 -29.45 15.99 7.47
C ILE B 340 -29.84 16.32 8.91
N LEU B 341 -30.55 15.40 9.55
CA LEU B 341 -30.97 15.53 10.94
C LEU B 341 -30.11 14.60 11.77
N MET B 342 -29.26 15.18 12.62
CA MET B 342 -28.31 14.38 13.40
C MET B 342 -27.81 15.21 14.57
N CYS B 343 -28.02 14.73 15.80
CA CYS B 343 -27.50 15.39 16.99
C CYS B 343 -26.07 14.90 17.21
N THR B 344 -25.15 15.50 16.45
CA THR B 344 -23.79 14.97 16.35
C THR B 344 -23.00 15.27 17.62
N LYS B 345 -22.41 14.22 18.18
CA LYS B 345 -21.45 14.33 19.27
C LYS B 345 -20.03 14.22 18.70
N VAL B 346 -19.05 14.56 19.53
CA VAL B 346 -17.64 14.55 19.09
C VAL B 346 -17.10 13.16 19.42
N THR B 347 -17.50 12.19 18.60
CA THR B 347 -16.99 10.83 18.69
C THR B 347 -16.65 10.33 17.29
N MET B 348 -16.06 9.14 17.21
CA MET B 348 -15.70 8.59 15.91
C MET B 348 -16.92 7.97 15.23
N ASP B 349 -17.86 7.40 15.99
CA ASP B 349 -19.06 6.84 15.38
C ASP B 349 -19.91 7.92 14.74
N ASP B 350 -20.00 9.09 15.36
CA ASP B 350 -20.69 10.20 14.72
C ASP B 350 -19.89 10.76 13.56
N PHE B 351 -18.57 10.58 13.59
CA PHE B 351 -17.74 10.94 12.44
C PHE B 351 -18.05 10.02 11.26
N LEU B 352 -18.08 8.71 11.50
CA LEU B 352 -18.38 7.77 10.43
C LEU B 352 -19.83 7.85 10.00
N THR B 353 -20.75 8.09 10.95
CA THR B 353 -22.16 8.23 10.59
C THR B 353 -22.40 9.47 9.76
N ALA B 354 -21.63 10.54 9.98
CA ALA B 354 -21.76 11.73 9.14
C ALA B 354 -21.42 11.43 7.69
N HIS B 355 -20.48 10.51 7.45
CA HIS B 355 -20.21 10.08 6.08
C HIS B 355 -21.33 9.18 5.54
N HIS B 356 -21.94 8.37 6.40
CA HIS B 356 -23.05 7.53 5.96
C HIS B 356 -24.26 8.38 5.57
N GLU B 357 -24.62 9.34 6.43
CA GLU B 357 -25.79 10.16 6.14
C GLU B 357 -25.54 11.08 4.96
N MET B 358 -24.33 11.62 4.84
CA MET B 358 -24.00 12.40 3.65
C MET B 358 -23.95 11.51 2.41
N GLY B 359 -23.64 10.23 2.60
CA GLY B 359 -23.75 9.30 1.48
C GLY B 359 -25.17 9.14 0.99
N HIS B 360 -26.14 9.12 1.91
CA HIS B 360 -27.54 9.09 1.51
C HIS B 360 -27.90 10.33 0.69
N ILE B 361 -27.36 11.49 1.07
CA ILE B 361 -27.67 12.73 0.35
C ILE B 361 -27.04 12.71 -1.03
N GLN B 362 -25.79 12.23 -1.14
CA GLN B 362 -25.17 12.09 -2.45
C GLN B 362 -25.96 11.16 -3.35
N TYR B 363 -26.51 10.07 -2.79
CA TYR B 363 -27.39 9.20 -3.54
C TYR B 363 -28.66 9.93 -3.95
N ASP B 364 -29.26 10.69 -3.02
CA ASP B 364 -30.48 11.42 -3.33
C ASP B 364 -30.23 12.51 -4.37
N MET B 365 -29.07 13.18 -4.29
CA MET B 365 -28.76 14.23 -5.26
C MET B 365 -28.53 13.67 -6.65
N ALA B 366 -27.99 12.46 -6.76
CA ALA B 366 -27.60 11.94 -8.06
C ALA B 366 -28.83 11.62 -8.91
N TYR B 367 -29.78 10.86 -8.36
CA TYR B 367 -30.98 10.51 -9.11
C TYR B 367 -32.06 11.60 -9.07
N ALA B 368 -31.69 12.84 -8.70
CA ALA B 368 -32.66 13.92 -8.67
C ALA B 368 -33.22 14.24 -10.05
N ALA B 369 -32.47 13.92 -11.12
CA ALA B 369 -32.95 14.14 -12.48
C ALA B 369 -33.98 13.12 -12.92
N GLN B 370 -34.12 12.01 -12.19
CA GLN B 370 -35.12 11.01 -12.53
C GLN B 370 -36.52 11.54 -12.24
N PRO B 371 -37.55 10.94 -12.84
CA PRO B 371 -38.92 11.29 -12.46
C PRO B 371 -39.19 10.99 -10.99
N PHE B 372 -40.28 11.56 -10.49
CA PHE B 372 -40.54 11.53 -9.05
C PHE B 372 -40.64 10.11 -8.52
N LEU B 373 -41.35 9.24 -9.23
CA LEU B 373 -41.56 7.88 -8.74
C LEU B 373 -40.32 7.00 -8.86
N LEU B 374 -39.27 7.48 -9.54
CA LEU B 374 -38.04 6.72 -9.71
C LEU B 374 -36.90 7.27 -8.88
N ARG B 375 -37.16 8.26 -8.02
CA ARG B 375 -36.13 8.85 -7.16
C ARG B 375 -36.05 8.06 -5.86
N ASN B 376 -35.32 6.96 -5.91
CA ASN B 376 -35.13 6.07 -4.77
C ASN B 376 -33.98 5.12 -5.10
N GLY B 377 -33.52 4.39 -4.09
CA GLY B 377 -32.49 3.41 -4.30
C GLY B 377 -32.97 2.24 -5.15
N ALA B 378 -32.00 1.46 -5.63
CA ALA B 378 -32.33 0.27 -6.41
C ALA B 378 -33.17 -0.69 -5.59
N ASN B 379 -32.72 -1.01 -4.39
CA ASN B 379 -33.53 -1.72 -3.39
C ASN B 379 -33.31 -1.03 -2.05
N GLU B 380 -33.89 -1.59 -0.99
CA GLU B 380 -33.79 -0.99 0.32
C GLU B 380 -32.36 -0.99 0.87
N GLY B 381 -31.50 -1.88 0.38
CA GLY B 381 -30.15 -1.98 0.87
C GLY B 381 -29.12 -1.21 0.08
N PHE B 382 -29.51 -0.48 -0.97
CA PHE B 382 -28.53 0.26 -1.75
C PHE B 382 -28.13 1.56 -1.06
N HIS B 383 -29.10 2.28 -0.49
CA HIS B 383 -28.78 3.52 0.20
C HIS B 383 -27.85 3.27 1.38
N GLU B 384 -28.16 2.26 2.20
CA GLU B 384 -27.33 1.97 3.35
C GLU B 384 -25.95 1.45 2.94
N ALA B 385 -25.85 0.80 1.77
CA ALA B 385 -24.56 0.35 1.29
C ALA B 385 -23.71 1.53 0.79
N VAL B 386 -24.36 2.53 0.17
CA VAL B 386 -23.62 3.69 -0.32
C VAL B 386 -23.01 4.46 0.83
N GLY B 387 -23.72 4.54 1.96
CA GLY B 387 -23.18 5.23 3.11
C GLY B 387 -22.04 4.47 3.76
N GLU B 388 -22.06 3.13 3.66
CA GLU B 388 -21.04 2.32 4.32
C GLU B 388 -19.72 2.33 3.56
N ILE B 389 -19.77 2.33 2.23
CA ILE B 389 -18.53 2.40 1.46
C ILE B 389 -17.84 3.74 1.69
N MET B 390 -18.56 4.74 2.17
CA MET B 390 -17.94 6.00 2.58
C MET B 390 -17.23 5.85 3.92
N SER B 391 -17.94 5.30 4.93
CA SER B 391 -17.33 5.08 6.23
C SER B 391 -16.27 4.00 6.18
N LEU B 392 -16.35 3.09 5.21
CA LEU B 392 -15.29 2.08 5.06
C LEU B 392 -13.97 2.74 4.70
N SER B 393 -13.99 3.64 3.71
CA SER B 393 -12.78 4.36 3.33
C SER B 393 -12.40 5.42 4.36
N ALA B 394 -13.38 6.00 5.04
CA ALA B 394 -13.12 7.09 5.97
C ALA B 394 -12.69 6.62 7.36
N ALA B 395 -12.62 5.31 7.59
CA ALA B 395 -12.17 4.79 8.88
C ALA B 395 -10.79 4.17 8.82
N THR B 396 -10.23 4.00 7.63
CA THR B 396 -8.90 3.42 7.51
C THR B 396 -7.86 4.34 8.12
N PRO B 397 -6.81 3.79 8.75
CA PRO B 397 -5.80 4.66 9.39
C PRO B 397 -5.12 5.60 8.41
N LYS B 398 -4.85 5.15 7.17
CA LYS B 398 -4.23 6.03 6.19
C LYS B 398 -5.10 7.24 5.88
N HIS B 399 -6.43 7.05 5.89
CA HIS B 399 -7.33 8.18 5.71
C HIS B 399 -7.37 9.05 6.96
N LEU B 400 -7.35 8.42 8.14
CA LEU B 400 -7.36 9.18 9.39
C LEU B 400 -6.09 10.02 9.54
N LYS B 401 -4.97 9.55 9.00
CA LYS B 401 -3.73 10.33 9.06
C LYS B 401 -3.82 11.57 8.17
N SER B 402 -4.31 11.40 6.94
CA SER B 402 -4.40 12.51 6.01
C SER B 402 -5.44 13.54 6.44
N ILE B 403 -6.40 13.15 7.29
CA ILE B 403 -7.38 14.10 7.79
C ILE B 403 -6.80 14.94 8.91
N GLY B 404 -5.98 14.35 9.77
CA GLY B 404 -5.37 15.07 10.87
C GLY B 404 -5.69 14.49 12.22
N LEU B 405 -6.31 13.31 12.23
CA LEU B 405 -6.67 12.64 13.48
C LEU B 405 -5.56 11.74 13.99
N LEU B 406 -4.76 11.18 13.09
CA LEU B 406 -3.58 10.42 13.46
C LEU B 406 -2.34 11.17 12.97
N SER B 407 -1.27 11.06 13.74
CA SER B 407 -0.05 11.80 13.43
C SER B 407 0.51 11.35 12.07
N PRO B 408 1.10 12.27 11.31
CA PRO B 408 1.59 11.91 9.97
C PRO B 408 2.83 11.03 9.98
N ASP B 409 3.24 10.57 11.17
CA ASP B 409 4.31 9.59 11.31
C ASP B 409 3.78 8.28 11.90
N PHE B 410 2.50 8.02 11.68
CA PHE B 410 1.84 6.84 12.25
C PHE B 410 2.36 5.58 11.57
N GLN B 411 3.02 4.72 12.36
CA GLN B 411 3.56 3.46 11.85
C GLN B 411 2.45 2.41 11.78
N GLU B 412 2.19 1.92 10.57
CA GLU B 412 1.12 0.93 10.33
C GLU B 412 1.69 -0.48 10.43
N ASP B 413 1.76 -1.00 11.65
CA ASP B 413 2.26 -2.34 11.87
C ASP B 413 1.21 -3.36 11.44
N ASN B 414 1.55 -4.64 11.58
CA ASN B 414 0.55 -5.70 11.44
C ASN B 414 -0.28 -5.87 12.68
N GLU B 415 -0.04 -5.06 13.72
CA GLU B 415 -0.85 -5.02 14.93
C GLU B 415 -1.89 -3.90 14.87
N THR B 416 -1.54 -2.75 14.29
CA THR B 416 -2.51 -1.68 14.12
C THR B 416 -3.57 -2.07 13.10
N GLU B 417 -3.23 -2.93 12.14
CA GLU B 417 -4.22 -3.44 11.20
C GLU B 417 -5.07 -4.54 11.82
N ILE B 418 -4.62 -5.13 12.92
CA ILE B 418 -5.47 -6.04 13.68
C ILE B 418 -6.35 -5.26 14.66
N ASN B 419 -5.83 -4.15 15.21
CA ASN B 419 -6.70 -3.25 15.97
C ASN B 419 -7.76 -2.63 15.08
N PHE B 420 -7.38 -2.26 13.85
CA PHE B 420 -8.35 -1.69 12.92
C PHE B 420 -9.38 -2.72 12.48
N LEU B 421 -8.93 -3.94 12.15
CA LEU B 421 -9.87 -4.96 11.70
C LEU B 421 -10.77 -5.44 12.83
N LEU B 422 -10.26 -5.48 14.06
CA LEU B 422 -11.10 -5.87 15.18
C LEU B 422 -12.19 -4.82 15.43
N LYS B 423 -11.84 -3.53 15.30
CA LYS B 423 -12.85 -2.49 15.45
C LYS B 423 -13.88 -2.57 14.32
N GLN B 424 -13.43 -2.89 13.10
CA GLN B 424 -14.38 -3.03 12.00
C GLN B 424 -15.24 -4.28 12.16
N ALA B 425 -14.71 -5.33 12.80
CA ALA B 425 -15.48 -6.55 12.96
C ALA B 425 -16.56 -6.39 14.02
N LEU B 426 -16.25 -5.66 15.10
CA LEU B 426 -17.23 -5.48 16.18
C LEU B 426 -18.49 -4.77 15.69
N THR B 427 -18.38 -3.96 14.64
CA THR B 427 -19.52 -3.24 14.08
C THR B 427 -20.11 -3.94 12.87
N ILE B 428 -19.28 -4.32 11.90
CA ILE B 428 -19.78 -4.85 10.63
C ILE B 428 -20.30 -6.27 10.80
N VAL B 429 -19.47 -7.17 11.35
CA VAL B 429 -19.88 -8.56 11.47
C VAL B 429 -20.64 -8.84 12.77
N GLY B 430 -20.54 -7.97 13.77
CA GLY B 430 -21.28 -8.19 14.99
C GLY B 430 -22.77 -8.02 14.82
N THR B 431 -23.19 -7.18 13.88
CA THR B 431 -24.60 -6.91 13.65
C THR B 431 -25.25 -7.89 12.68
N LEU B 432 -24.46 -8.75 12.03
CA LEU B 432 -25.05 -9.66 11.04
C LEU B 432 -25.94 -10.72 11.68
N PRO B 433 -25.51 -11.46 12.71
CA PRO B 433 -26.46 -12.37 13.37
C PRO B 433 -27.57 -11.64 14.09
N PHE B 434 -27.31 -10.44 14.60
CA PHE B 434 -28.36 -9.66 15.24
C PHE B 434 -29.44 -9.25 14.23
N THR B 435 -29.02 -8.92 13.00
CA THR B 435 -29.97 -8.47 11.99
C THR B 435 -30.78 -9.63 11.44
N TYR B 436 -30.11 -10.73 11.10
CA TYR B 436 -30.81 -11.89 10.54
C TYR B 436 -31.79 -12.50 11.54
N MET B 437 -31.32 -12.73 12.76
CA MET B 437 -32.18 -13.33 13.78
C MET B 437 -33.39 -12.46 14.09
N LEU B 438 -33.20 -11.13 14.09
CA LEU B 438 -34.32 -10.23 14.32
C LEU B 438 -35.33 -10.30 13.18
N GLU B 439 -34.86 -10.15 11.94
CA GLU B 439 -35.77 -10.19 10.80
C GLU B 439 -36.38 -11.57 10.62
N LYS B 440 -35.63 -12.63 10.92
CA LYS B 440 -36.19 -13.98 10.84
C LYS B 440 -37.31 -14.19 11.85
N TRP B 441 -37.20 -13.57 13.02
CA TRP B 441 -38.27 -13.70 14.02
C TRP B 441 -39.56 -13.04 13.56
N ARG B 442 -39.46 -11.82 13.02
CA ARG B 442 -40.67 -11.17 12.49
C ARG B 442 -41.18 -11.88 11.24
N TRP B 443 -40.29 -12.46 10.45
CA TRP B 443 -40.73 -13.25 9.29
C TRP B 443 -41.58 -14.43 9.73
N MET B 444 -41.19 -15.09 10.82
CA MET B 444 -41.97 -16.23 11.31
C MET B 444 -43.26 -15.76 11.97
N VAL B 445 -43.22 -14.64 12.68
CA VAL B 445 -44.42 -14.13 13.34
C VAL B 445 -45.48 -13.75 12.32
N PHE B 446 -45.08 -13.09 11.23
CA PHE B 446 -46.03 -12.72 10.19
C PHE B 446 -46.57 -13.95 9.47
N LYS B 447 -45.75 -14.99 9.32
CA LYS B 447 -46.21 -16.24 8.73
C LYS B 447 -47.00 -17.10 9.71
N GLY B 448 -47.20 -16.63 10.94
CA GLY B 448 -47.94 -17.38 11.94
C GLY B 448 -47.21 -18.57 12.51
N GLU B 449 -45.94 -18.76 12.15
CA GLU B 449 -45.19 -19.91 12.67
C GLU B 449 -44.90 -19.78 14.16
N ILE B 450 -44.80 -18.57 14.67
CA ILE B 450 -44.56 -18.32 16.09
C ILE B 450 -45.84 -17.81 16.73
N PRO B 451 -46.58 -18.65 17.46
CA PRO B 451 -47.83 -18.20 18.07
C PRO B 451 -47.57 -17.20 19.19
N LYS B 452 -48.67 -16.59 19.65
CA LYS B 452 -48.58 -15.54 20.66
C LYS B 452 -48.13 -16.08 22.01
N ASP B 453 -48.40 -17.36 22.30
CA ASP B 453 -48.03 -17.97 23.58
C ASP B 453 -46.54 -18.31 23.68
N GLN B 454 -45.76 -18.13 22.60
CA GLN B 454 -44.33 -18.36 22.63
C GLN B 454 -43.61 -17.34 21.74
N TRP B 455 -44.12 -16.10 21.71
CA TRP B 455 -43.42 -15.02 21.03
C TRP B 455 -42.05 -14.79 21.64
N MET B 456 -42.01 -14.60 22.97
CA MET B 456 -40.75 -14.33 23.64
C MET B 456 -39.92 -15.58 23.87
N LYS B 457 -40.55 -16.74 23.96
CA LYS B 457 -39.80 -17.98 24.11
C LYS B 457 -38.95 -18.25 22.88
N LYS B 458 -39.56 -18.22 21.70
CA LYS B 458 -38.80 -18.41 20.46
C LYS B 458 -37.86 -17.26 20.16
N TRP B 459 -38.13 -16.06 20.70
CA TRP B 459 -37.23 -14.94 20.49
C TRP B 459 -35.88 -15.19 21.14
N TRP B 460 -35.87 -15.62 22.40
CA TRP B 460 -34.62 -15.85 23.11
C TRP B 460 -34.00 -17.21 22.78
N GLU B 461 -34.79 -18.16 22.28
CA GLU B 461 -34.20 -19.39 21.76
C GLU B 461 -33.38 -19.12 20.50
N MET B 462 -33.86 -18.21 19.64
CA MET B 462 -33.10 -17.84 18.46
C MET B 462 -31.92 -16.95 18.82
N LYS B 463 -32.02 -16.21 19.92
CA LYS B 463 -30.87 -15.43 20.41
C LYS B 463 -29.72 -16.36 20.78
N ARG B 464 -30.02 -17.51 21.37
CA ARG B 464 -28.96 -18.43 21.79
C ARG B 464 -28.33 -19.13 20.60
N GLU B 465 -29.14 -19.62 19.66
CA GLU B 465 -28.61 -20.42 18.57
C GLU B 465 -27.96 -19.55 17.49
N ILE B 466 -28.66 -18.52 17.05
CA ILE B 466 -28.18 -17.73 15.92
C ILE B 466 -27.10 -16.74 16.36
N VAL B 467 -27.43 -15.88 17.32
CA VAL B 467 -26.51 -14.81 17.72
C VAL B 467 -25.54 -15.24 18.83
N GLY B 468 -25.86 -16.29 19.56
CA GLY B 468 -25.01 -16.68 20.68
C GLY B 468 -25.15 -15.74 21.86
N VAL B 469 -26.36 -15.29 22.17
CA VAL B 469 -26.62 -14.34 23.24
C VAL B 469 -27.77 -14.88 24.07
N VAL B 470 -27.62 -14.86 25.39
CA VAL B 470 -28.62 -15.37 26.32
C VAL B 470 -29.17 -14.21 27.13
N GLU B 471 -30.46 -14.29 27.45
CA GLU B 471 -31.08 -13.25 28.26
C GLU B 471 -30.58 -13.35 29.70
N PRO B 472 -30.33 -12.22 30.36
CA PRO B 472 -29.87 -12.28 31.75
C PRO B 472 -30.97 -12.67 32.72
N VAL B 473 -32.23 -12.38 32.41
CA VAL B 473 -33.36 -12.81 33.23
C VAL B 473 -34.42 -13.44 32.34
N PRO B 474 -35.11 -14.48 32.80
CA PRO B 474 -36.12 -15.11 31.94
C PRO B 474 -37.32 -14.19 31.74
N HIS B 475 -37.84 -14.19 30.52
CA HIS B 475 -38.97 -13.35 30.14
C HIS B 475 -40.14 -14.22 29.71
N ASP B 476 -41.32 -13.94 30.24
CA ASP B 476 -42.54 -14.63 29.86
C ASP B 476 -43.13 -13.96 28.62
N GLU B 477 -44.40 -14.21 28.33
CA GLU B 477 -45.04 -13.63 27.16
C GLU B 477 -45.60 -12.23 27.40
N THR B 478 -45.41 -11.67 28.59
CA THR B 478 -45.82 -10.29 28.83
C THR B 478 -44.84 -9.30 28.21
N TYR B 479 -43.55 -9.66 28.17
CA TYR B 479 -42.55 -8.81 27.55
C TYR B 479 -42.71 -8.80 26.04
N CYS B 480 -42.02 -7.85 25.41
CA CYS B 480 -41.94 -7.77 23.96
C CYS B 480 -40.59 -7.14 23.61
N ASP B 481 -39.52 -7.85 23.96
CA ASP B 481 -38.17 -7.32 23.78
C ASP B 481 -37.82 -6.97 22.33
N PRO B 482 -38.27 -7.70 21.31
CA PRO B 482 -38.03 -7.21 19.93
C PRO B 482 -38.59 -5.82 19.70
N ALA B 483 -39.80 -5.54 20.18
CA ALA B 483 -40.39 -4.21 20.01
C ALA B 483 -39.64 -3.13 20.79
N SER B 484 -38.80 -3.52 21.75
CA SER B 484 -37.98 -2.53 22.46
C SER B 484 -36.89 -1.94 21.59
N LEU B 485 -36.74 -2.41 20.35
CA LEU B 485 -35.85 -1.80 19.37
C LEU B 485 -36.67 -0.86 18.49
N PHE B 486 -35.99 0.19 18.00
CA PHE B 486 -36.69 1.25 17.27
C PHE B 486 -37.35 0.72 16.01
N HIS B 487 -36.59 0.02 15.16
CA HIS B 487 -37.11 -0.40 13.86
C HIS B 487 -38.29 -1.35 13.99
N VAL B 488 -38.35 -2.12 15.08
CA VAL B 488 -39.41 -3.10 15.22
C VAL B 488 -40.73 -2.45 15.61
N SER B 489 -40.69 -1.52 16.57
CA SER B 489 -41.90 -0.85 17.02
C SER B 489 -42.31 0.30 16.10
N ASN B 490 -41.49 0.68 15.13
CA ASN B 490 -41.79 1.77 14.23
C ASN B 490 -42.07 1.29 12.80
N ASP B 491 -42.30 -0.02 12.62
CA ASP B 491 -42.71 -0.57 11.33
C ASP B 491 -41.64 -0.36 10.24
N TYR B 492 -40.39 -0.67 10.59
CA TYR B 492 -39.29 -0.60 9.66
C TYR B 492 -38.72 -1.99 9.42
N SER B 493 -38.46 -2.31 8.15
CA SER B 493 -37.78 -3.55 7.82
C SER B 493 -36.36 -3.51 8.35
N PHE B 494 -35.80 -4.71 8.61
CA PHE B 494 -34.46 -4.81 9.17
C PHE B 494 -33.48 -5.60 8.33
N ILE B 495 -33.96 -6.42 7.38
CA ILE B 495 -33.06 -7.16 6.52
C ILE B 495 -32.28 -6.26 5.57
N ARG B 496 -32.63 -4.97 5.50
CA ARG B 496 -31.89 -4.03 4.68
C ARG B 496 -30.45 -3.86 5.18
N TYR B 497 -30.24 -4.03 6.49
CA TYR B 497 -28.90 -3.88 7.05
C TYR B 497 -28.04 -5.12 6.85
N TYR B 498 -28.67 -6.29 6.69
CA TYR B 498 -27.90 -7.48 6.33
C TYR B 498 -27.46 -7.43 4.88
N THR B 499 -28.34 -7.01 3.97
CA THR B 499 -28.02 -7.00 2.56
C THR B 499 -27.01 -5.90 2.22
N ARG B 500 -27.14 -4.74 2.86
CA ARG B 500 -26.20 -3.65 2.58
C ARG B 500 -24.78 -4.01 3.02
N THR B 501 -24.65 -4.85 4.05
CA THR B 501 -23.33 -5.23 4.53
C THR B 501 -22.59 -6.06 3.48
N LEU B 502 -23.30 -6.92 2.76
CA LEU B 502 -22.66 -7.67 1.67
C LEU B 502 -22.45 -6.77 0.45
N TYR B 503 -23.40 -5.86 0.19
CA TYR B 503 -23.26 -4.96 -0.94
C TYR B 503 -22.06 -4.03 -0.75
N GLN B 504 -21.86 -3.53 0.47
CA GLN B 504 -20.86 -2.49 0.70
C GLN B 504 -19.45 -2.98 0.40
N PHE B 505 -19.19 -4.27 0.55
CA PHE B 505 -17.87 -4.80 0.23
C PHE B 505 -17.74 -5.19 -1.24
N GLN B 506 -18.85 -5.56 -1.89
CA GLN B 506 -18.84 -5.70 -3.34
C GLN B 506 -18.60 -4.34 -4.00
N PHE B 507 -19.27 -3.30 -3.51
CA PHE B 507 -19.04 -1.95 -4.04
C PHE B 507 -17.61 -1.50 -3.78
N GLN B 508 -17.12 -1.69 -2.55
CA GLN B 508 -15.78 -1.25 -2.22
C GLN B 508 -14.73 -1.99 -3.05
N GLU B 509 -14.92 -3.30 -3.25
CA GLU B 509 -13.99 -4.06 -4.06
C GLU B 509 -13.97 -3.55 -5.50
N ALA B 510 -15.11 -3.11 -6.01
CA ALA B 510 -15.17 -2.61 -7.38
C ALA B 510 -14.52 -1.24 -7.51
N LEU B 511 -14.78 -0.34 -6.55
CA LEU B 511 -14.26 1.02 -6.65
C LEU B 511 -12.75 1.05 -6.42
N CYS B 512 -12.25 0.22 -5.51
CA CYS B 512 -10.81 0.18 -5.25
C CYS B 512 -10.05 -0.34 -6.46
N GLN B 513 -10.66 -1.24 -7.24
CA GLN B 513 -10.03 -1.67 -8.49
C GLN B 513 -9.96 -0.53 -9.49
N ALA B 514 -11.01 0.30 -9.55
CA ALA B 514 -10.97 1.47 -10.42
C ALA B 514 -10.09 2.57 -9.85
N ALA B 515 -9.84 2.56 -8.55
CA ALA B 515 -8.96 3.54 -7.92
C ALA B 515 -7.49 3.19 -8.05
N LYS B 516 -7.16 2.13 -8.79
CA LYS B 516 -5.79 1.65 -8.96
C LYS B 516 -5.13 1.30 -7.63
N HIS B 517 -5.95 1.02 -6.61
CA HIS B 517 -5.42 0.52 -5.35
C HIS B 517 -4.87 -0.89 -5.54
N GLU B 518 -3.74 -1.17 -4.91
CA GLU B 518 -3.04 -2.43 -5.13
C GLU B 518 -3.04 -3.36 -3.92
N GLY B 519 -2.99 -2.82 -2.71
CA GLY B 519 -2.91 -3.63 -1.52
C GLY B 519 -4.20 -4.38 -1.21
N PRO B 520 -4.32 -4.88 0.01
CA PRO B 520 -5.54 -5.59 0.41
C PRO B 520 -6.75 -4.66 0.42
N LEU B 521 -7.93 -5.29 0.34
CA LEU B 521 -9.18 -4.53 0.31
C LEU B 521 -9.42 -3.79 1.61
N HIS B 522 -8.89 -4.28 2.73
CA HIS B 522 -9.13 -3.64 4.01
C HIS B 522 -8.23 -2.44 4.25
N LYS B 523 -7.27 -2.18 3.37
CA LYS B 523 -6.41 -1.01 3.47
C LYS B 523 -6.65 0.00 2.35
N CYS B 524 -7.80 -0.09 1.68
CA CYS B 524 -8.08 0.76 0.53
C CYS B 524 -8.80 2.03 0.98
N ASP B 525 -8.42 3.14 0.35
CA ASP B 525 -9.08 4.43 0.55
C ASP B 525 -9.32 5.03 -0.83
N ILE B 526 -10.59 5.28 -1.16
CA ILE B 526 -10.94 5.75 -2.49
C ILE B 526 -10.89 7.26 -2.55
N SER B 527 -10.24 7.88 -1.56
CA SER B 527 -10.07 9.33 -1.57
C SER B 527 -9.21 9.75 -2.75
N ASN B 528 -9.47 10.95 -3.25
CA ASN B 528 -8.77 11.54 -4.40
C ASN B 528 -8.91 10.72 -5.67
N SER B 529 -9.78 9.71 -5.68
CA SER B 529 -9.93 8.81 -6.83
C SER B 529 -11.19 9.21 -7.58
N THR B 530 -11.03 10.07 -8.58
CA THR B 530 -12.15 10.43 -9.44
C THR B 530 -12.60 9.28 -10.32
N GLU B 531 -11.72 8.31 -10.57
CA GLU B 531 -12.12 7.12 -11.33
C GLU B 531 -13.16 6.33 -10.58
N ALA B 532 -12.94 6.11 -9.28
CA ALA B 532 -13.94 5.40 -8.48
C ALA B 532 -15.18 6.24 -8.23
N GLY B 533 -15.03 7.57 -8.17
CA GLY B 533 -16.18 8.42 -7.96
C GLY B 533 -17.15 8.41 -9.13
N GLN B 534 -16.63 8.58 -10.34
CA GLN B 534 -17.47 8.54 -11.53
C GLN B 534 -18.07 7.16 -11.73
N LYS B 535 -17.34 6.11 -11.35
CA LYS B 535 -17.87 4.76 -11.47
C LYS B 535 -19.08 4.55 -10.55
N LEU B 536 -19.02 5.13 -9.35
CA LEU B 536 -20.16 5.03 -8.43
C LEU B 536 -21.29 5.96 -8.85
N PHE B 537 -20.95 7.15 -9.37
CA PHE B 537 -21.99 8.10 -9.76
C PHE B 537 -22.85 7.55 -10.90
N ASN B 538 -22.27 6.71 -11.76
CA ASN B 538 -23.07 6.06 -12.81
C ASN B 538 -24.14 5.17 -12.22
N MET B 539 -23.97 4.73 -10.96
CA MET B 539 -24.94 3.89 -10.27
C MET B 539 -25.96 4.71 -9.50
N LEU B 540 -25.50 5.74 -8.77
CA LEU B 540 -26.40 6.52 -7.93
C LEU B 540 -27.42 7.29 -8.77
N ARG B 541 -27.01 7.83 -9.91
CA ARG B 541 -27.92 8.61 -10.75
C ARG B 541 -29.03 7.75 -11.35
N LEU B 542 -28.84 6.43 -11.44
CA LEU B 542 -29.86 5.58 -12.02
C LEU B 542 -31.12 5.54 -11.15
N GLY B 543 -30.97 5.66 -9.83
CA GLY B 543 -32.13 5.62 -8.97
C GLY B 543 -32.73 4.23 -8.95
N LYS B 544 -34.05 4.15 -9.13
CA LYS B 544 -34.76 2.88 -9.16
C LYS B 544 -35.22 2.52 -10.57
N SER B 545 -34.77 3.26 -11.58
CA SER B 545 -35.15 2.96 -12.96
C SER B 545 -34.59 1.62 -13.41
N GLU B 546 -33.38 1.27 -12.95
CA GLU B 546 -32.80 -0.02 -13.26
C GLU B 546 -33.01 -0.99 -12.11
N PRO B 547 -33.24 -2.27 -12.41
CA PRO B 547 -33.37 -3.27 -11.33
C PRO B 547 -32.08 -3.36 -10.54
N TRP B 548 -32.22 -3.73 -9.26
CA TRP B 548 -31.03 -3.84 -8.42
C TRP B 548 -30.10 -4.96 -8.88
N THR B 549 -30.66 -5.99 -9.52
CA THR B 549 -29.81 -7.05 -10.07
C THR B 549 -28.95 -6.53 -11.21
N LEU B 550 -29.50 -5.64 -12.03
CA LEU B 550 -28.72 -5.04 -13.11
C LEU B 550 -27.82 -3.93 -12.57
N ALA B 551 -28.35 -3.07 -11.70
CA ALA B 551 -27.57 -1.98 -11.16
C ALA B 551 -26.35 -2.48 -10.39
N LEU B 552 -26.52 -3.57 -9.65
CA LEU B 552 -25.38 -4.17 -8.95
C LEU B 552 -24.35 -4.72 -9.94
N GLU B 553 -24.82 -5.25 -11.07
CA GLU B 553 -23.89 -5.76 -12.07
C GLU B 553 -23.15 -4.64 -12.78
N ASN B 554 -23.76 -3.45 -12.85
CA ASN B 554 -23.14 -2.34 -13.57
C ASN B 554 -21.86 -1.86 -12.88
N VAL B 555 -21.78 -2.01 -11.56
CA VAL B 555 -20.66 -1.49 -10.79
C VAL B 555 -19.68 -2.58 -10.39
N VAL B 556 -20.18 -3.72 -9.91
CA VAL B 556 -19.32 -4.80 -9.43
C VAL B 556 -19.27 -6.00 -10.36
N GLY B 557 -20.24 -6.15 -11.26
CA GLY B 557 -20.24 -7.27 -12.17
C GLY B 557 -20.83 -8.53 -11.57
N ALA B 558 -21.99 -8.40 -10.93
CA ALA B 558 -22.66 -9.53 -10.31
C ALA B 558 -24.15 -9.24 -10.24
N LYS B 559 -24.97 -10.22 -10.61
CA LYS B 559 -26.42 -10.07 -10.59
C LYS B 559 -27.01 -10.31 -9.21
N ASN B 560 -26.20 -10.67 -8.22
CA ASN B 560 -26.70 -10.97 -6.88
C ASN B 560 -25.63 -10.64 -5.85
N MET B 561 -26.01 -10.72 -4.58
CA MET B 561 -25.07 -10.41 -3.51
C MET B 561 -24.06 -11.54 -3.35
N ASN B 562 -22.88 -11.18 -2.84
CA ASN B 562 -21.78 -12.13 -2.69
C ASN B 562 -21.10 -11.91 -1.35
N VAL B 563 -20.86 -12.99 -0.61
CA VAL B 563 -20.16 -12.90 0.67
C VAL B 563 -18.66 -12.90 0.53
N ARG B 564 -18.14 -13.18 -0.66
CA ARG B 564 -16.69 -13.25 -0.86
C ARG B 564 -15.98 -11.94 -0.53
N PRO B 565 -16.43 -10.77 -0.97
CA PRO B 565 -15.69 -9.54 -0.63
C PRO B 565 -15.63 -9.25 0.86
N LEU B 566 -16.70 -9.54 1.60
CA LEU B 566 -16.69 -9.30 3.04
C LEU B 566 -15.66 -10.19 3.74
N LEU B 567 -15.59 -11.46 3.34
CA LEU B 567 -14.62 -12.36 3.96
C LEU B 567 -13.19 -11.99 3.60
N ASN B 568 -12.98 -11.43 2.41
CA ASN B 568 -11.64 -10.94 2.05
C ASN B 568 -11.24 -9.75 2.89
N TYR B 569 -12.21 -8.90 3.27
CA TYR B 569 -11.91 -7.73 4.09
C TYR B 569 -11.41 -8.15 5.47
N PHE B 570 -12.04 -9.15 6.08
CA PHE B 570 -11.70 -9.58 7.43
C PHE B 570 -10.84 -10.84 7.44
N GLU B 571 -10.19 -11.15 6.32
CA GLU B 571 -9.35 -12.34 6.24
C GLU B 571 -8.12 -12.27 7.15
N PRO B 572 -7.40 -11.14 7.19
CA PRO B 572 -6.28 -11.06 8.16
C PRO B 572 -6.71 -11.23 9.61
N LEU B 573 -7.91 -10.77 9.96
CA LEU B 573 -8.41 -10.97 11.32
C LEU B 573 -8.91 -12.39 11.53
N PHE B 574 -9.43 -13.03 10.48
CA PHE B 574 -9.94 -14.40 10.63
C PHE B 574 -8.82 -15.36 11.01
N THR B 575 -7.68 -15.28 10.32
CA THR B 575 -6.57 -16.16 10.65
C THR B 575 -5.97 -15.81 12.00
N TRP B 576 -5.91 -14.51 12.33
CA TRP B 576 -5.40 -14.09 13.62
C TRP B 576 -6.30 -14.53 14.77
N LEU B 577 -7.61 -14.59 14.53
CA LEU B 577 -8.54 -15.00 15.58
C LEU B 577 -8.35 -16.48 15.93
N LYS B 578 -8.17 -17.34 14.93
CA LYS B 578 -7.99 -18.75 15.19
C LYS B 578 -6.70 -19.03 15.96
N ASP B 579 -5.69 -18.16 15.81
CA ASP B 579 -4.47 -18.32 16.58
C ASP B 579 -4.69 -17.94 18.05
N GLN B 580 -5.51 -16.92 18.30
CA GLN B 580 -5.77 -16.49 19.66
C GLN B 580 -6.68 -17.47 20.39
N ASN B 581 -7.67 -18.01 19.69
CA ASN B 581 -8.68 -18.87 20.30
C ASN B 581 -8.24 -20.32 20.44
N LYS B 582 -6.93 -20.57 20.48
CA LYS B 582 -6.45 -21.93 20.69
C LYS B 582 -6.66 -22.37 22.14
N ASN B 583 -6.55 -21.44 23.09
CA ASN B 583 -6.80 -21.71 24.49
C ASN B 583 -8.16 -21.19 24.94
N SER B 584 -9.08 -20.99 24.01
CA SER B 584 -10.44 -20.59 24.32
C SER B 584 -11.41 -21.47 23.54
N PHE B 585 -12.57 -21.73 24.14
CA PHE B 585 -13.60 -22.53 23.49
C PHE B 585 -14.28 -21.73 22.41
N VAL B 586 -14.30 -22.28 21.19
CA VAL B 586 -14.95 -21.65 20.04
C VAL B 586 -16.35 -22.24 19.92
N GLY B 587 -17.36 -21.39 20.02
CA GLY B 587 -18.75 -21.81 20.06
C GLY B 587 -19.38 -21.48 21.41
N TRP B 588 -20.69 -21.72 21.48
CA TRP B 588 -21.47 -21.37 22.66
C TRP B 588 -22.48 -22.47 22.96
N SER B 589 -22.80 -22.61 24.25
CA SER B 589 -23.81 -23.55 24.71
C SER B 589 -25.13 -22.80 24.92
N THR B 590 -26.20 -23.31 24.33
CA THR B 590 -27.51 -22.68 24.40
C THR B 590 -28.24 -22.98 25.70
N ASP B 591 -27.58 -23.63 26.66
CA ASP B 591 -28.24 -24.01 27.91
C ASP B 591 -27.77 -23.21 29.12
N TRP B 592 -26.71 -22.41 28.98
CA TRP B 592 -26.24 -21.61 30.09
C TRP B 592 -27.02 -20.30 30.16
N SER B 593 -27.47 -19.95 31.37
CA SER B 593 -28.23 -18.73 31.59
C SER B 593 -27.87 -18.15 32.96
N PRO B 594 -27.81 -16.82 33.08
CA PRO B 594 -27.45 -16.21 34.36
C PRO B 594 -28.55 -16.27 35.40
N TYR B 595 -29.22 -17.42 35.53
CA TYR B 595 -30.29 -17.57 36.52
C TYR B 595 -30.67 -19.04 36.69
N ALA B 596 -30.23 -19.89 35.77
CA ALA B 596 -30.56 -21.31 35.84
C ALA B 596 -29.35 -22.17 35.47
N ASN C 16 51.99 -26.40 51.93
CA ASN C 16 52.65 -26.15 50.65
C ASN C 16 51.67 -25.53 49.66
N LEU C 17 52.15 -24.57 48.87
CA LEU C 17 51.28 -23.89 47.91
C LEU C 17 51.07 -24.76 46.67
N CYS C 18 49.85 -24.75 46.16
CA CYS C 18 49.55 -25.49 44.95
C CYS C 18 50.22 -24.82 43.76
N PRO C 19 50.76 -25.60 42.82
CA PRO C 19 51.51 -25.02 41.68
C PRO C 19 50.63 -24.58 40.52
N PHE C 20 49.83 -23.53 40.76
CA PHE C 20 49.02 -22.96 39.69
C PHE C 20 49.88 -22.18 38.69
N GLY C 21 51.03 -21.67 39.13
CA GLY C 21 51.94 -20.97 38.25
C GLY C 21 52.61 -21.87 37.24
N VAL C 23 51.26 -24.18 35.63
CA VAL C 23 50.38 -24.62 34.55
C VAL C 23 49.88 -23.42 33.75
N PHE C 24 49.46 -22.36 34.45
CA PHE C 24 48.95 -21.17 33.77
C PHE C 24 50.08 -20.41 33.09
N ASN C 25 51.07 -19.97 33.86
CA ASN C 25 52.20 -19.22 33.35
C ASN C 25 53.27 -20.10 32.71
N ALA C 26 52.91 -21.30 32.28
CA ALA C 26 53.83 -22.17 31.56
C ALA C 26 54.21 -21.55 30.22
N THR C 27 55.41 -21.86 29.76
CA THR C 27 55.92 -21.24 28.54
C THR C 27 55.23 -21.79 27.30
N LYS C 28 55.15 -23.11 27.19
CA LYS C 28 54.55 -23.76 26.03
C LYS C 28 53.31 -24.54 26.45
N PHE C 29 52.20 -24.29 25.76
CA PHE C 29 50.98 -25.05 25.94
C PHE C 29 50.84 -26.11 24.87
N PRO C 30 50.28 -27.26 25.20
CA PRO C 30 50.19 -28.36 24.21
C PRO C 30 49.07 -28.14 23.22
N SER C 31 49.15 -28.87 22.11
CA SER C 31 48.08 -28.87 21.14
C SER C 31 46.84 -29.52 21.73
N VAL C 32 45.67 -29.14 21.19
CA VAL C 32 44.41 -29.62 21.76
C VAL C 32 44.25 -31.12 21.57
N TYR C 33 44.74 -31.67 20.45
CA TYR C 33 44.62 -33.11 20.23
C TYR C 33 45.47 -33.91 21.20
N ALA C 34 46.58 -33.32 21.68
CA ALA C 34 47.45 -34.00 22.63
C ALA C 34 47.57 -33.18 23.91
N TRP C 35 46.43 -32.83 24.51
CA TRP C 35 46.43 -32.04 25.73
C TRP C 35 47.08 -32.80 26.88
N GLU C 36 47.48 -32.06 27.90
CA GLU C 36 48.15 -32.62 29.06
C GLU C 36 47.35 -32.34 30.33
N ARG C 37 47.53 -33.20 31.31
CA ARG C 37 46.80 -33.13 32.57
C ARG C 37 47.77 -33.25 33.73
N LYS C 38 47.62 -32.38 34.73
CA LYS C 38 48.46 -32.38 35.91
C LYS C 38 47.58 -32.60 37.14
N LYS C 39 48.00 -33.53 37.99
CA LYS C 39 47.29 -33.84 39.22
C LYS C 39 47.79 -32.92 40.34
N ILE C 40 46.85 -32.36 41.10
CA ILE C 40 47.17 -31.42 42.17
C ILE C 40 46.76 -32.07 43.49
N SER C 41 47.75 -32.56 44.25
CA SER C 41 47.49 -33.33 45.45
C SER C 41 47.43 -32.46 46.70
N ASN C 42 48.08 -32.90 47.77
CA ASN C 42 48.01 -32.22 49.06
C ASN C 42 48.72 -30.89 49.00
N CYS C 43 47.95 -29.79 49.00
CA CYS C 43 48.48 -28.44 48.96
C CYS C 43 47.34 -27.48 49.26
N VAL C 44 47.70 -26.29 49.75
CA VAL C 44 46.73 -25.24 50.01
C VAL C 44 46.53 -24.45 48.71
N ALA C 45 45.28 -24.23 48.35
CA ALA C 45 44.94 -23.67 47.05
C ALA C 45 44.79 -22.16 47.13
N ASP C 46 45.20 -21.48 46.06
CA ASP C 46 45.16 -20.02 45.99
C ASP C 46 44.17 -19.67 44.89
N TYR C 47 42.87 -19.76 45.22
CA TYR C 47 41.84 -19.41 44.25
C TYR C 47 41.67 -17.91 44.10
N SER C 48 42.16 -17.13 45.06
CA SER C 48 41.96 -15.68 45.03
C SER C 48 42.71 -15.01 43.88
N VAL C 49 43.75 -15.66 43.35
CA VAL C 49 44.47 -15.10 42.22
C VAL C 49 43.62 -15.11 40.96
N LEU C 50 42.53 -15.88 40.94
CA LEU C 50 41.69 -16.01 39.76
C LEU C 50 40.50 -15.05 39.75
N TYR C 51 39.69 -15.04 40.81
CA TYR C 51 38.47 -14.25 40.76
C TYR C 51 38.70 -12.76 40.98
N ASN C 52 39.94 -12.34 41.25
CA ASN C 52 40.29 -10.93 41.22
C ASN C 52 41.17 -10.62 40.01
N SER C 53 40.73 -11.01 38.82
CA SER C 53 41.56 -10.84 37.63
C SER C 53 40.69 -10.91 36.39
N THR C 54 40.65 -9.82 35.62
CA THR C 54 39.99 -9.77 34.32
C THR C 54 40.95 -10.13 33.18
N PHE C 55 41.93 -10.99 33.45
CA PHE C 55 42.92 -11.37 32.45
C PHE C 55 42.42 -12.42 31.48
N PHE C 56 41.34 -13.10 31.81
CA PHE C 56 40.79 -14.18 30.99
C PHE C 56 39.68 -13.66 30.08
N SER C 57 39.47 -14.39 28.98
CA SER C 57 38.43 -14.05 28.02
C SER C 57 37.13 -14.79 28.29
N THR C 58 37.15 -15.82 29.13
CA THR C 58 35.96 -16.61 29.42
C THR C 58 35.74 -16.71 30.93
N PHE C 59 36.48 -17.60 31.59
CA PHE C 59 36.32 -17.91 33.01
C PHE C 59 34.87 -18.31 33.30
N LYS C 60 34.54 -19.50 32.80
CA LYS C 60 33.20 -20.08 32.95
C LYS C 60 33.29 -21.31 33.84
N CYS C 61 32.53 -21.31 34.92
CA CYS C 61 32.53 -22.41 35.87
C CYS C 61 31.26 -23.25 35.72
N TYR C 62 31.37 -24.51 36.15
CA TYR C 62 30.26 -25.45 36.07
C TYR C 62 30.21 -26.26 37.36
N GLY C 63 29.01 -26.39 37.93
CA GLY C 63 28.82 -27.19 39.12
C GLY C 63 29.30 -26.56 40.42
N VAL C 64 30.03 -25.45 40.37
CA VAL C 64 30.54 -24.82 41.57
C VAL C 64 30.61 -23.31 41.34
N SER C 65 30.33 -22.54 42.40
CA SER C 65 30.38 -21.09 42.31
C SER C 65 31.82 -20.61 42.23
N ALA C 66 31.99 -19.44 41.59
CA ALA C 66 33.34 -18.90 41.39
C ALA C 66 33.94 -18.35 42.68
N THR C 67 33.10 -17.89 43.62
CA THR C 67 33.60 -17.33 44.87
C THR C 67 33.45 -18.26 46.05
N LYS C 68 32.44 -19.13 46.06
CA LYS C 68 32.30 -20.13 47.11
C LYS C 68 33.40 -21.17 47.05
N LEU C 69 34.17 -21.22 45.97
CA LEU C 69 35.25 -22.18 45.81
C LEU C 69 36.41 -21.93 46.77
N ASN C 70 36.50 -20.73 47.35
CA ASN C 70 37.62 -20.43 48.25
C ASN C 70 37.59 -21.34 49.48
N ASP C 71 36.45 -21.41 50.16
CA ASP C 71 36.28 -22.20 51.37
C ASP C 71 35.81 -23.62 51.09
N LEU C 72 36.25 -24.25 50.01
CA LEU C 72 35.84 -25.59 49.66
C LEU C 72 37.03 -26.54 49.68
N CYS C 73 36.72 -27.83 49.81
CA CYS C 73 37.72 -28.89 49.80
C CYS C 73 37.36 -29.95 48.78
N PHE C 74 38.36 -30.42 48.04
CA PHE C 74 38.21 -31.49 47.08
C PHE C 74 39.27 -32.55 47.34
N SER C 75 39.00 -33.77 46.85
CA SER C 75 39.99 -34.84 46.97
C SER C 75 41.28 -34.48 46.26
N ASN C 76 41.18 -34.06 45.00
CA ASN C 76 42.31 -33.52 44.26
C ASN C 76 41.79 -32.76 43.06
N VAL C 77 42.65 -31.92 42.49
CA VAL C 77 42.30 -31.07 41.36
C VAL C 77 43.14 -31.50 40.17
N TYR C 78 42.52 -31.50 38.99
CA TYR C 78 43.19 -31.84 37.74
C TYR C 78 43.11 -30.66 36.78
N ALA C 79 44.26 -30.22 36.30
CA ALA C 79 44.37 -29.04 35.45
C ALA C 79 44.70 -29.50 34.03
N ASP C 80 43.68 -29.48 33.16
CA ASP C 80 43.86 -29.77 31.75
C ASP C 80 44.19 -28.48 31.01
N SER C 81 45.20 -28.54 30.14
CA SER C 81 45.65 -27.36 29.41
C SER C 81 45.89 -27.72 27.95
N PHE C 82 45.59 -26.78 27.06
CA PHE C 82 45.76 -26.95 25.62
C PHE C 82 45.53 -25.60 24.96
N VAL C 83 45.51 -25.58 23.64
CA VAL C 83 45.31 -24.37 22.85
C VAL C 83 44.30 -24.69 21.75
N VAL C 84 43.31 -23.81 21.60
CA VAL C 84 42.25 -23.99 20.62
C VAL C 84 41.96 -22.64 19.96
N LYS C 85 41.23 -22.68 18.85
CA LYS C 85 40.87 -21.48 18.13
C LYS C 85 39.88 -20.63 18.93
N GLY C 86 39.78 -19.35 18.55
CA GLY C 86 38.88 -18.46 19.27
C GLY C 86 37.44 -18.90 19.20
N ASP C 87 36.97 -19.28 18.02
CA ASP C 87 35.61 -19.76 17.83
C ASP C 87 35.40 -21.18 18.33
N ASP C 88 36.46 -21.86 18.77
CA ASP C 88 36.36 -23.20 19.32
C ASP C 88 36.34 -23.21 20.84
N VAL C 89 36.55 -22.07 21.50
CA VAL C 89 36.49 -22.03 22.95
C VAL C 89 35.08 -22.33 23.44
N ARG C 90 34.06 -21.99 22.64
CA ARG C 90 32.69 -22.29 23.03
C ARG C 90 32.43 -23.78 23.11
N GLN C 91 33.26 -24.61 22.47
CA GLN C 91 33.10 -26.05 22.53
C GLN C 91 33.71 -26.66 23.78
N ILE C 92 34.47 -25.89 24.56
CA ILE C 92 35.01 -26.36 25.83
C ILE C 92 33.95 -26.15 26.89
N ALA C 93 32.91 -26.98 26.86
CA ALA C 93 31.79 -26.86 27.78
C ALA C 93 31.05 -28.19 27.78
N PRO C 94 30.34 -28.52 28.86
CA PRO C 94 29.55 -29.76 28.86
C PRO C 94 28.42 -29.68 27.85
N GLY C 95 28.28 -30.74 27.04
CA GLY C 95 27.22 -30.81 26.06
C GLY C 95 27.49 -30.00 24.80
N GLN C 96 28.69 -30.12 24.25
CA GLN C 96 29.05 -29.49 22.99
C GLN C 96 29.37 -30.56 21.96
N THR C 97 29.02 -30.28 20.70
CA THR C 97 29.14 -31.24 19.62
C THR C 97 29.83 -30.61 18.42
N GLY C 98 31.02 -30.05 18.64
CA GLY C 98 31.85 -29.51 17.58
C GLY C 98 32.99 -30.46 17.22
N VAL C 99 33.85 -29.99 16.32
CA VAL C 99 35.00 -30.79 15.92
C VAL C 99 35.96 -30.98 17.09
N ILE C 100 36.17 -29.92 17.88
CA ILE C 100 37.08 -30.01 19.02
C ILE C 100 36.50 -30.90 20.11
N ALA C 101 35.22 -30.71 20.42
CA ALA C 101 34.60 -31.48 21.49
C ALA C 101 34.51 -32.95 21.12
N ASP C 102 34.18 -33.27 19.87
CA ASP C 102 33.96 -34.65 19.48
C ASP C 102 35.25 -35.41 19.20
N TYR C 103 36.27 -34.74 18.67
CA TYR C 103 37.47 -35.41 18.20
C TYR C 103 38.75 -35.04 18.93
N ASN C 104 38.70 -34.09 19.86
CA ASN C 104 39.94 -33.60 20.47
C ASN C 104 39.89 -33.59 22.00
N TYR C 105 38.81 -33.04 22.57
CA TYR C 105 38.70 -32.90 24.02
C TYR C 105 37.23 -32.83 24.38
N LYS C 106 36.72 -33.89 25.00
CA LYS C 106 35.31 -33.98 25.38
C LYS C 106 35.17 -33.79 26.88
N LEU C 107 34.20 -32.95 27.28
CA LEU C 107 33.84 -32.75 28.67
C LEU C 107 32.60 -33.54 29.03
N PRO C 108 32.54 -34.11 30.24
CA PRO C 108 31.35 -34.87 30.65
C PRO C 108 30.17 -33.96 30.86
N ASP C 109 28.97 -34.55 30.75
CA ASP C 109 27.74 -33.79 30.99
C ASP C 109 27.63 -33.35 32.44
N ASP C 110 28.19 -34.12 33.37
CA ASP C 110 28.22 -33.79 34.79
C ASP C 110 29.54 -33.14 35.19
N PHE C 111 30.10 -32.31 34.31
CA PHE C 111 31.40 -31.70 34.59
C PHE C 111 31.29 -30.69 35.73
N MET C 112 32.20 -30.79 36.69
CA MET C 112 32.26 -29.89 37.84
C MET C 112 33.63 -29.22 37.85
N GLY C 113 33.69 -27.98 37.36
CA GLY C 113 34.95 -27.27 37.32
C GLY C 113 34.80 -25.92 36.67
N CYS C 114 35.92 -25.36 36.22
CA CYS C 114 35.94 -24.05 35.58
C CYS C 114 36.87 -24.10 34.37
N VAL C 115 36.40 -23.57 33.24
CA VAL C 115 37.21 -23.42 32.04
C VAL C 115 37.69 -21.99 31.96
N LEU C 116 38.98 -21.81 31.67
CA LEU C 116 39.58 -20.48 31.57
C LEU C 116 40.34 -20.37 30.26
N ALA C 117 40.29 -19.19 29.65
CA ALA C 117 40.94 -18.95 28.37
C ALA C 117 41.30 -17.48 28.24
N TRP C 118 42.48 -17.21 27.68
CA TRP C 118 42.95 -15.85 27.48
C TRP C 118 43.67 -15.76 26.13
N ASN C 119 43.48 -14.63 25.44
CA ASN C 119 44.04 -14.45 24.11
C ASN C 119 45.56 -14.41 24.16
N THR C 120 46.20 -15.23 23.33
CA THR C 120 47.65 -15.32 23.24
C THR C 120 48.10 -15.19 21.80
N ARG C 121 47.61 -14.15 21.12
CA ARG C 121 47.93 -13.97 19.70
C ARG C 121 49.40 -13.57 19.51
N ASN C 122 49.91 -12.71 20.38
CA ASN C 122 51.27 -12.20 20.20
C ASN C 122 52.34 -13.26 20.43
N ILE C 123 52.02 -14.32 21.17
CA ILE C 123 53.02 -15.33 21.52
C ILE C 123 52.77 -16.67 20.83
N ASP C 124 51.55 -16.94 20.37
CA ASP C 124 51.22 -18.21 19.72
C ASP C 124 50.91 -18.05 18.23
N ALA C 125 51.02 -16.85 17.69
CA ALA C 125 50.73 -16.60 16.28
C ALA C 125 51.87 -15.78 15.68
N THR C 126 52.49 -16.30 14.64
CA THR C 126 53.55 -15.63 13.91
C THR C 126 53.06 -15.22 12.52
N SER C 127 53.74 -14.22 11.95
CA SER C 127 53.35 -13.74 10.62
C SER C 127 53.55 -14.81 9.56
N THR C 128 54.56 -15.66 9.72
CA THR C 128 54.77 -16.77 8.79
C THR C 128 53.69 -17.83 8.91
N GLY C 129 53.03 -17.92 10.06
CA GLY C 129 52.01 -18.94 10.27
C GLY C 129 52.49 -20.02 11.20
N ASN C 130 51.99 -20.02 12.44
CA ASN C 130 52.37 -21.04 13.42
C ASN C 130 51.49 -22.26 13.20
N TYR C 131 52.10 -23.36 12.75
CA TYR C 131 51.38 -24.59 12.46
C TYR C 131 51.64 -25.68 13.50
N ASN C 132 52.27 -25.33 14.63
CA ASN C 132 52.53 -26.32 15.67
C ASN C 132 51.23 -26.79 16.31
N TYR C 133 50.35 -25.85 16.64
CA TYR C 133 49.08 -26.20 17.27
C TYR C 133 48.21 -26.93 16.25
N LYS C 134 47.93 -28.20 16.50
CA LYS C 134 47.17 -29.04 15.60
C LYS C 134 45.86 -29.46 16.26
N TYR C 135 44.96 -30.02 15.45
CA TYR C 135 43.73 -30.61 15.95
C TYR C 135 43.37 -31.80 15.07
N ARG C 136 42.50 -32.66 15.59
CA ARG C 136 42.05 -33.84 14.88
C ARG C 136 40.75 -33.51 14.14
N LEU C 137 40.76 -33.65 12.81
CA LEU C 137 39.59 -33.34 12.00
C LEU C 137 38.72 -34.55 11.73
N PHE C 138 39.31 -35.74 11.62
CA PHE C 138 38.58 -36.97 11.34
C PHE C 138 38.88 -37.99 12.44
N ARG C 139 37.83 -38.64 12.95
CA ARG C 139 38.00 -39.72 13.91
C ARG C 139 36.77 -40.61 13.91
N LYS C 140 36.99 -41.92 13.92
CA LYS C 140 35.91 -42.88 13.99
C LYS C 140 35.31 -42.84 15.39
N SER C 141 34.04 -42.45 15.49
CA SER C 141 33.30 -42.34 16.75
C SER C 141 33.83 -41.20 17.62
N LYS C 142 32.92 -40.52 18.32
CA LYS C 142 33.29 -39.41 19.19
C LYS C 142 34.11 -39.88 20.38
N LEU C 143 34.87 -38.95 20.95
CA LEU C 143 35.69 -39.24 22.12
C LEU C 143 34.83 -39.35 23.38
N LYS C 144 35.12 -40.35 24.20
CA LYS C 144 34.52 -40.39 25.52
C LYS C 144 34.94 -39.17 26.33
N PRO C 145 34.15 -38.78 27.32
CA PRO C 145 34.52 -37.64 28.17
C PRO C 145 35.88 -37.84 28.81
N PHE C 146 36.73 -36.82 28.70
CA PHE C 146 38.08 -36.82 29.26
C PHE C 146 38.97 -37.88 28.62
N GLU C 147 38.70 -38.25 27.38
CA GLU C 147 39.56 -39.15 26.63
C GLU C 147 40.51 -38.35 25.75
N ARG C 148 41.52 -39.03 25.22
CA ARG C 148 42.61 -38.36 24.53
C ARG C 148 43.18 -39.30 23.48
N ASP C 149 43.37 -38.79 22.26
CA ASP C 149 43.87 -39.57 21.15
C ASP C 149 45.04 -38.85 20.50
N ILE C 150 46.14 -39.58 20.32
CA ILE C 150 47.34 -39.05 19.67
C ILE C 150 47.68 -39.79 18.39
N SER C 151 46.89 -40.79 18.00
CA SER C 151 47.21 -41.62 16.85
C SER C 151 47.12 -40.81 15.56
N THR C 152 48.19 -40.84 14.76
CA THR C 152 48.23 -40.18 13.46
C THR C 152 48.04 -41.16 12.31
N GLU C 153 47.26 -42.21 12.51
CA GLU C 153 47.00 -43.17 11.45
C GLU C 153 46.18 -42.52 10.35
N ILE C 154 46.46 -42.90 9.10
CA ILE C 154 45.77 -42.33 7.94
C ILE C 154 44.30 -42.71 8.01
N TYR C 155 43.43 -41.73 8.24
CA TYR C 155 42.01 -41.99 8.36
C TYR C 155 41.45 -42.47 7.02
N GLN C 156 40.76 -43.61 7.05
CA GLN C 156 40.16 -44.19 5.85
C GLN C 156 38.70 -43.76 5.79
N ALA C 157 38.37 -42.95 4.78
CA ALA C 157 37.02 -42.44 4.63
C ALA C 157 36.17 -43.25 3.66
N GLY C 158 36.80 -44.03 2.79
CA GLY C 158 36.09 -44.85 1.84
C GLY C 158 35.94 -46.28 2.32
N ASN C 159 35.94 -47.21 1.36
CA ASN C 159 35.81 -48.63 1.65
C ASN C 159 37.01 -49.46 1.19
N LYS C 160 37.93 -48.88 0.40
CA LYS C 160 39.19 -49.47 0.01
C LYS C 160 40.26 -49.11 1.04
N PRO C 161 41.25 -49.98 1.24
CA PRO C 161 42.20 -49.73 2.32
C PRO C 161 43.18 -48.62 1.97
N CYS C 162 43.67 -47.97 3.02
CA CYS C 162 44.75 -47.00 2.90
C CYS C 162 45.96 -47.76 3.44
N ASN C 163 47.00 -47.87 2.61
CA ASN C 163 48.15 -48.70 2.95
C ASN C 163 49.23 -47.92 3.66
N GLY C 164 48.82 -47.02 4.54
CA GLY C 164 49.76 -46.11 5.16
C GLY C 164 50.11 -44.95 4.28
N VAL C 165 49.38 -44.74 3.19
CA VAL C 165 49.62 -43.68 2.24
C VAL C 165 48.34 -42.87 2.10
N ALA C 166 48.51 -41.58 1.83
CA ALA C 166 47.40 -40.65 1.67
C ALA C 166 47.04 -40.51 0.19
N GLY C 167 45.78 -40.15 -0.05
CA GLY C 167 45.28 -39.96 -1.39
C GLY C 167 43.78 -39.75 -1.40
N PRO C 168 43.05 -40.53 -2.21
CA PRO C 168 41.60 -40.35 -2.31
C PRO C 168 40.92 -41.06 -1.15
N ASN C 169 40.12 -40.32 -0.39
CA ASN C 169 39.39 -40.84 0.77
C ASN C 169 40.34 -41.38 1.84
N CYS C 170 41.61 -40.97 1.78
CA CYS C 170 42.64 -41.34 2.74
C CYS C 170 43.35 -40.05 3.13
N TYR C 171 42.84 -39.38 4.16
CA TYR C 171 43.37 -38.09 4.60
C TYR C 171 44.10 -38.25 5.92
N SER C 172 45.10 -37.40 6.13
CA SER C 172 45.77 -37.34 7.42
C SER C 172 44.80 -36.78 8.45
N PRO C 173 44.67 -37.42 9.62
CA PRO C 173 43.62 -36.98 10.56
C PRO C 173 43.92 -35.65 11.23
N LEU C 174 45.18 -35.27 11.36
CA LEU C 174 45.55 -34.04 12.06
C LEU C 174 45.56 -32.86 11.10
N GLN C 175 44.87 -31.79 11.50
CA GLN C 175 44.92 -30.51 10.82
C GLN C 175 45.49 -29.47 11.79
N SER C 176 46.28 -28.55 11.26
CA SER C 176 46.98 -27.57 12.07
C SER C 176 46.37 -26.19 11.87
N TYR C 177 46.17 -25.47 12.97
CA TYR C 177 45.81 -24.06 12.87
C TYR C 177 46.92 -23.28 12.22
N GLY C 178 46.56 -22.32 11.37
CA GLY C 178 47.54 -21.47 10.74
C GLY C 178 47.65 -20.14 11.46
N PHE C 179 47.78 -20.19 12.79
CA PHE C 179 47.68 -19.01 13.65
C PHE C 179 48.59 -17.89 13.17
N ARG C 180 47.98 -16.75 12.88
CA ARG C 180 48.67 -15.56 12.39
C ARG C 180 48.09 -14.33 13.08
N PRO C 181 48.92 -13.31 13.32
CA PRO C 181 48.45 -12.16 14.11
C PRO C 181 47.40 -11.32 13.42
N THR C 182 47.26 -11.41 12.10
CA THR C 182 46.30 -10.60 11.37
C THR C 182 44.93 -11.27 11.23
N TYR C 183 44.74 -12.44 11.82
CA TYR C 183 43.44 -13.09 11.81
C TYR C 183 42.43 -12.31 12.64
N GLY C 184 41.16 -12.64 12.44
CA GLY C 184 40.12 -12.12 13.31
C GLY C 184 40.19 -12.73 14.69
N VAL C 185 39.44 -12.14 15.61
CA VAL C 185 39.44 -12.60 17.00
C VAL C 185 38.98 -14.05 17.07
N GLY C 186 38.03 -14.44 16.23
CA GLY C 186 37.54 -15.80 16.22
C GLY C 186 38.53 -16.84 15.73
N HIS C 187 39.63 -16.41 15.12
CA HIS C 187 40.66 -17.33 14.63
C HIS C 187 42.02 -17.11 15.28
N GLN C 188 42.08 -16.36 16.39
CA GLN C 188 43.32 -16.13 17.09
C GLN C 188 43.56 -17.22 18.13
N PRO C 189 44.81 -17.52 18.46
CA PRO C 189 45.08 -18.60 19.41
C PRO C 189 44.70 -18.20 20.84
N TYR C 190 43.95 -19.07 21.50
CA TYR C 190 43.57 -18.90 22.90
C TYR C 190 44.07 -20.09 23.69
N ARG C 191 44.82 -19.82 24.76
CA ARG C 191 45.27 -20.88 25.64
C ARG C 191 44.17 -21.18 26.66
N VAL C 192 43.87 -22.47 26.83
CA VAL C 192 42.74 -22.90 27.65
C VAL C 192 43.27 -23.72 28.82
N VAL C 193 42.69 -23.51 29.99
CA VAL C 193 42.98 -24.30 31.18
C VAL C 193 41.66 -24.76 31.77
N VAL C 194 41.43 -26.08 31.77
CA VAL C 194 40.18 -26.66 32.24
C VAL C 194 40.45 -27.26 33.61
N LEU C 195 40.14 -26.51 34.67
CA LEU C 195 40.30 -27.01 36.03
C LEU C 195 39.10 -27.88 36.38
N SER C 196 39.36 -29.13 36.74
CA SER C 196 38.32 -30.06 37.16
C SER C 196 38.53 -30.42 38.62
N PHE C 197 37.42 -30.57 39.35
CA PHE C 197 37.46 -30.84 40.79
C PHE C 197 36.88 -32.23 41.02
N GLU C 198 37.68 -33.10 41.62
CA GLU C 198 37.31 -34.48 41.88
C GLU C 198 36.93 -34.68 43.34
N LEU C 199 35.92 -35.53 43.57
CA LEU C 199 35.49 -35.89 44.92
C LEU C 199 35.13 -37.37 44.92
N LEU C 200 35.91 -38.17 45.65
CA LEU C 200 35.69 -39.60 45.69
C LEU C 200 35.19 -40.06 47.06
N ASN C 201 36.12 -40.27 47.99
CA ASN C 201 35.78 -40.73 49.32
C ASN C 201 36.81 -40.28 50.34
N ALA C 202 38.06 -40.17 49.92
CA ALA C 202 39.17 -39.80 50.79
C ALA C 202 39.34 -38.29 50.85
N PRO C 203 39.95 -37.76 51.92
CA PRO C 203 40.23 -36.32 52.03
C PRO C 203 41.08 -35.80 50.89
N THR C 205 42.13 -33.07 49.51
CA THR C 205 43.48 -32.70 49.88
C THR C 205 43.75 -31.24 49.54
N VAL C 206 42.90 -30.66 48.71
CA VAL C 206 43.01 -29.27 48.30
C VAL C 206 41.90 -28.50 49.01
N CYS C 207 42.28 -27.57 49.88
CA CYS C 207 41.34 -26.85 50.72
C CYS C 207 41.63 -25.36 50.73
N GLY C 208 40.85 -24.64 51.54
CA GLY C 208 41.03 -23.24 51.80
C GLY C 208 39.94 -22.68 52.69
N PRO C 209 39.68 -23.33 53.85
CA PRO C 209 38.55 -22.89 54.68
C PRO C 209 38.74 -21.52 55.31
N ASN D 13 -31.09 65.51 -32.43
CA ASN D 13 -30.59 64.77 -31.28
C ASN D 13 -31.33 65.15 -30.00
N ILE D 14 -32.47 64.52 -29.76
CA ILE D 14 -33.22 64.66 -28.52
C ILE D 14 -32.88 63.47 -27.63
N THR D 15 -32.38 63.73 -26.44
CA THR D 15 -31.76 62.71 -25.60
C THR D 15 -32.58 62.51 -24.32
N ASN D 16 -33.80 62.00 -24.47
CA ASN D 16 -34.48 61.41 -23.33
C ASN D 16 -33.80 60.11 -22.95
N LEU D 17 -33.73 59.83 -21.65
CA LEU D 17 -33.05 58.64 -21.18
C LEU D 17 -33.91 57.39 -21.38
N CYS D 18 -33.27 56.29 -21.78
CA CYS D 18 -34.01 55.04 -21.95
C CYS D 18 -34.43 54.50 -20.57
N PRO D 19 -35.66 54.00 -20.46
CA PRO D 19 -36.15 53.49 -19.16
C PRO D 19 -35.83 52.02 -18.94
N PHE D 20 -34.53 51.71 -18.79
CA PHE D 20 -34.15 50.34 -18.45
C PHE D 20 -34.47 50.02 -17.00
N GLY D 21 -34.53 51.03 -16.13
CA GLY D 21 -34.88 50.80 -14.75
C GLY D 21 -36.33 50.40 -14.56
N GLU D 22 -37.20 50.80 -15.50
CA GLU D 22 -38.60 50.40 -15.42
C GLU D 22 -38.78 48.92 -15.70
N VAL D 23 -37.91 48.34 -16.53
CA VAL D 23 -37.99 46.91 -16.85
C VAL D 23 -37.22 46.07 -15.84
N PHE D 24 -36.01 46.49 -15.51
CA PHE D 24 -35.18 45.73 -14.56
C PHE D 24 -35.70 45.87 -13.14
N ASN D 25 -35.79 47.10 -12.65
CA ASN D 25 -36.21 47.36 -11.27
C ASN D 25 -37.72 47.34 -11.09
N ALA D 26 -38.47 46.69 -11.99
CA ALA D 26 -39.90 46.54 -11.77
C ALA D 26 -40.15 45.63 -10.56
N THR D 27 -41.25 45.88 -9.86
CA THR D 27 -41.55 45.13 -8.66
C THR D 27 -42.05 43.73 -8.98
N LYS D 28 -43.03 43.62 -9.87
CA LYS D 28 -43.63 42.34 -10.24
C LYS D 28 -43.33 42.04 -11.71
N PHE D 29 -42.80 40.86 -11.95
CA PHE D 29 -42.51 40.29 -13.26
C PHE D 29 -43.61 39.31 -13.66
N PRO D 30 -43.92 39.21 -14.95
CA PRO D 30 -45.01 38.33 -15.39
C PRO D 30 -44.58 36.86 -15.41
N SER D 31 -45.58 35.99 -15.48
CA SER D 31 -45.32 34.57 -15.63
C SER D 31 -44.70 34.29 -16.99
N VAL D 32 -43.96 33.18 -17.07
CA VAL D 32 -43.22 32.88 -18.29
C VAL D 32 -44.17 32.58 -19.45
N TYR D 33 -45.29 31.94 -19.17
CA TYR D 33 -46.26 31.68 -20.24
C TYR D 33 -46.91 32.96 -20.74
N ALA D 34 -46.99 33.99 -19.89
CA ALA D 34 -47.56 35.27 -20.28
C ALA D 34 -46.53 36.38 -20.16
N TRP D 35 -45.37 36.19 -20.79
CA TRP D 35 -44.31 37.18 -20.74
C TRP D 35 -44.74 38.49 -21.39
N GLU D 36 -44.02 39.56 -21.05
CA GLU D 36 -44.34 40.90 -21.51
C GLU D 36 -43.17 41.48 -22.31
N ARG D 37 -43.49 42.41 -23.20
CA ARG D 37 -42.52 43.04 -24.09
C ARG D 37 -42.71 44.55 -24.04
N LYS D 38 -41.60 45.27 -23.91
CA LYS D 38 -41.63 46.73 -23.85
C LYS D 38 -40.78 47.31 -24.99
N LYS D 39 -41.34 48.30 -25.68
CA LYS D 39 -40.64 48.98 -26.76
C LYS D 39 -39.80 50.12 -26.19
N ILE D 40 -38.55 50.22 -26.66
CA ILE D 40 -37.61 51.24 -26.22
C ILE D 40 -37.34 52.11 -27.46
N SER D 41 -37.94 53.30 -27.50
CA SER D 41 -37.89 54.14 -28.69
C SER D 41 -36.72 55.10 -28.68
N ASN D 42 -36.97 56.37 -29.05
CA ASN D 42 -35.93 57.36 -29.19
C ASN D 42 -35.36 57.71 -27.82
N CYS D 43 -34.16 57.22 -27.52
CA CYS D 43 -33.54 57.48 -26.23
C CYS D 43 -32.08 57.03 -26.27
N VAL D 44 -31.28 57.63 -25.38
CA VAL D 44 -29.89 57.25 -25.18
C VAL D 44 -29.84 56.11 -24.17
N ALA D 45 -29.06 55.07 -24.50
CA ALA D 45 -29.14 53.80 -23.77
C ALA D 45 -28.20 53.73 -22.57
N ASP D 46 -26.90 53.89 -22.80
CA ASP D 46 -25.89 53.75 -21.75
C ASP D 46 -25.94 52.34 -21.17
N TYR D 47 -25.32 51.38 -21.86
CA TYR D 47 -25.32 49.99 -21.44
C TYR D 47 -24.40 49.71 -20.27
N SER D 48 -23.51 50.64 -19.92
CA SER D 48 -22.56 50.41 -18.84
C SER D 48 -23.24 50.24 -17.49
N VAL D 49 -24.47 50.74 -17.34
CA VAL D 49 -25.19 50.54 -16.08
C VAL D 49 -25.53 49.07 -15.87
N LEU D 50 -25.50 48.26 -16.93
CA LEU D 50 -25.85 46.84 -16.83
C LEU D 50 -24.61 45.97 -16.68
N TYR D 51 -23.65 46.07 -17.60
CA TYR D 51 -22.49 45.19 -17.58
C TYR D 51 -21.41 45.65 -16.59
N ASN D 52 -21.65 46.72 -15.84
CA ASN D 52 -20.82 47.07 -14.69
C ASN D 52 -21.56 46.72 -13.40
N SER D 53 -22.01 45.47 -13.33
CA SER D 53 -22.82 44.99 -12.22
C SER D 53 -22.73 43.47 -12.20
N THR D 54 -22.24 42.90 -11.11
CA THR D 54 -22.21 41.45 -10.92
C THR D 54 -23.48 40.94 -10.26
N PHE D 55 -24.61 41.62 -10.48
CA PHE D 55 -25.88 41.23 -9.87
C PHE D 55 -26.59 40.13 -10.66
N PHE D 56 -26.17 39.86 -11.90
CA PHE D 56 -26.82 38.88 -12.74
C PHE D 56 -26.15 37.52 -12.61
N SER D 57 -26.91 36.46 -12.89
CA SER D 57 -26.42 35.10 -12.82
C SER D 57 -25.93 34.56 -14.16
N THR D 58 -26.27 35.20 -15.26
CA THR D 58 -25.89 34.68 -16.58
C THR D 58 -25.22 35.77 -17.42
N PHE D 59 -26.02 36.64 -18.02
CA PHE D 59 -25.57 37.67 -18.97
C PHE D 59 -24.76 37.04 -20.11
N LYS D 60 -25.49 36.31 -20.95
CA LYS D 60 -24.93 35.66 -22.13
C LYS D 60 -25.53 36.30 -23.37
N CYS D 61 -24.69 36.79 -24.26
CA CYS D 61 -25.12 37.48 -25.47
C CYS D 61 -25.00 36.55 -26.67
N TYR D 62 -25.78 36.86 -27.71
CA TYR D 62 -25.80 36.07 -28.93
C TYR D 62 -25.82 37.01 -30.13
N GLY D 63 -24.96 36.72 -31.11
CA GLY D 63 -24.88 37.52 -32.32
C GLY D 63 -24.19 38.87 -32.16
N VAL D 64 -23.93 39.30 -30.93
CA VAL D 64 -23.27 40.58 -30.67
C VAL D 64 -22.50 40.44 -29.37
N SER D 65 -21.34 41.11 -29.31
CA SER D 65 -20.53 41.06 -28.10
C SER D 65 -21.20 41.87 -26.99
N ALA D 66 -20.89 41.50 -25.75
CA ALA D 66 -21.50 42.17 -24.61
C ALA D 66 -20.99 43.59 -24.45
N THR D 67 -19.78 43.88 -24.93
CA THR D 67 -19.21 45.21 -24.84
C THR D 67 -19.24 45.97 -26.16
N LYS D 68 -19.20 45.28 -27.30
CA LYS D 68 -19.25 45.95 -28.60
C LYS D 68 -20.63 46.57 -28.87
N LEU D 69 -21.66 46.18 -28.12
CA LEU D 69 -22.97 46.77 -28.30
C LEU D 69 -23.01 48.23 -27.84
N ASN D 70 -22.01 48.65 -27.06
CA ASN D 70 -21.98 50.02 -26.54
C ASN D 70 -21.93 51.03 -27.67
N ASP D 71 -21.01 50.83 -28.63
CA ASP D 71 -20.86 51.74 -29.76
C ASP D 71 -21.73 51.37 -30.94
N LEU D 72 -22.94 50.85 -30.70
CA LEU D 72 -23.86 50.45 -31.74
C LEU D 72 -25.14 51.27 -31.66
N CYS D 73 -25.87 51.29 -32.78
CA CYS D 73 -27.15 51.95 -32.88
C CYS D 73 -28.18 50.96 -33.40
N PHE D 74 -29.38 51.00 -32.82
CA PHE D 74 -30.45 50.10 -33.23
C PHE D 74 -31.70 50.89 -33.55
N SER D 75 -32.58 50.26 -34.34
CA SER D 75 -33.87 50.89 -34.64
C SER D 75 -34.67 51.09 -33.35
N ASN D 76 -34.84 50.02 -32.58
CA ASN D 76 -35.42 50.09 -31.23
C ASN D 76 -35.09 48.78 -30.53
N VAL D 77 -35.23 48.81 -29.20
CA VAL D 77 -34.90 47.66 -28.36
C VAL D 77 -36.17 47.16 -27.70
N TYR D 78 -36.32 45.84 -27.62
CA TYR D 78 -37.47 45.20 -26.98
C TYR D 78 -36.97 44.31 -25.86
N ALA D 79 -37.49 44.54 -24.65
CA ALA D 79 -37.08 43.82 -23.45
C ALA D 79 -38.19 42.88 -23.03
N ASP D 80 -37.98 41.58 -23.27
CA ASP D 80 -38.92 40.55 -22.82
C ASP D 80 -38.54 40.15 -21.40
N SER D 81 -39.56 40.04 -20.54
CA SER D 81 -39.34 39.74 -19.13
C SER D 81 -40.34 38.69 -18.66
N PHE D 82 -39.89 37.84 -17.75
CA PHE D 82 -40.69 36.76 -17.17
C PHE D 82 -39.93 36.18 -15.99
N VAL D 83 -40.45 35.09 -15.43
CA VAL D 83 -39.83 34.43 -14.28
C VAL D 83 -39.84 32.92 -14.52
N VAL D 84 -38.69 32.28 -14.29
CA VAL D 84 -38.54 30.83 -14.45
C VAL D 84 -37.68 30.31 -13.31
N LYS D 85 -37.73 28.98 -13.13
CA LYS D 85 -36.89 28.34 -12.13
C LYS D 85 -35.43 28.40 -12.55
N GLY D 86 -34.54 28.12 -11.61
CA GLY D 86 -33.12 28.18 -11.89
C GLY D 86 -32.70 27.24 -13.01
N ASP D 87 -33.24 26.01 -13.00
CA ASP D 87 -32.89 25.04 -14.03
C ASP D 87 -33.55 25.33 -15.38
N ASP D 88 -34.43 26.33 -15.45
CA ASP D 88 -35.04 26.72 -16.72
C ASP D 88 -34.36 27.92 -17.36
N VAL D 89 -33.42 28.57 -16.67
CA VAL D 89 -32.70 29.70 -17.25
C VAL D 89 -31.85 29.23 -18.43
N ARG D 90 -31.34 27.99 -18.35
CA ARG D 90 -30.53 27.45 -19.44
C ARG D 90 -31.32 27.24 -20.72
N GLN D 91 -32.65 27.18 -20.63
CA GLN D 91 -33.48 27.00 -21.82
C GLN D 91 -33.76 28.30 -22.56
N ILE D 92 -33.44 29.45 -21.99
CA ILE D 92 -33.61 30.72 -22.67
C ILE D 92 -32.38 30.97 -23.54
N ALA D 93 -32.29 30.26 -24.66
CA ALA D 93 -31.14 30.32 -25.54
C ALA D 93 -31.55 29.79 -26.91
N PRO D 94 -30.89 30.20 -27.99
CA PRO D 94 -31.24 29.65 -29.30
C PRO D 94 -30.93 28.16 -29.37
N GLY D 95 -31.89 27.39 -29.87
CA GLY D 95 -31.72 25.96 -30.03
C GLY D 95 -31.89 25.17 -28.75
N GLN D 96 -32.94 25.49 -27.99
CA GLN D 96 -33.27 24.74 -26.77
C GLN D 96 -34.63 24.08 -26.96
N THR D 97 -34.78 22.89 -26.36
CA THR D 97 -35.97 22.07 -26.54
C THR D 97 -36.48 21.58 -25.18
N GLY D 98 -36.72 22.52 -24.26
CA GLY D 98 -37.31 22.21 -22.99
C GLY D 98 -38.79 22.57 -22.94
N VAL D 99 -39.38 22.40 -21.75
CA VAL D 99 -40.78 22.75 -21.56
C VAL D 99 -40.99 24.25 -21.71
N ILE D 100 -40.04 25.05 -21.19
CA ILE D 100 -40.16 26.50 -21.29
C ILE D 100 -39.95 26.96 -22.73
N ALA D 101 -38.93 26.42 -23.40
CA ALA D 101 -38.64 26.84 -24.77
C ALA D 101 -39.74 26.41 -25.72
N ASP D 102 -40.28 25.20 -25.56
CA ASP D 102 -41.25 24.69 -26.51
C ASP D 102 -42.66 25.20 -26.25
N TYR D 103 -43.03 25.42 -24.99
CA TYR D 103 -44.41 25.75 -24.64
C TYR D 103 -44.60 27.11 -24.00
N ASN D 104 -43.53 27.85 -23.72
CA ASN D 104 -43.69 29.10 -22.98
C ASN D 104 -42.98 30.27 -23.64
N TYR D 105 -41.72 30.10 -24.01
CA TYR D 105 -40.95 31.20 -24.57
C TYR D 105 -39.81 30.62 -25.41
N LYS D 106 -39.91 30.73 -26.72
CA LYS D 106 -38.91 30.20 -27.64
C LYS D 106 -38.09 31.34 -28.22
N LEU D 107 -36.77 31.18 -28.22
CA LEU D 107 -35.90 32.14 -28.88
C LEU D 107 -35.49 31.62 -30.25
N PRO D 108 -35.39 32.49 -31.24
CA PRO D 108 -34.98 32.04 -32.58
C PRO D 108 -33.51 31.63 -32.59
N ASP D 109 -33.18 30.76 -33.55
CA ASP D 109 -31.79 30.32 -33.69
C ASP D 109 -30.88 31.47 -34.11
N ASP D 110 -31.42 32.45 -34.83
CA ASP D 110 -30.68 33.64 -35.25
C ASP D 110 -30.90 34.80 -34.29
N PHE D 111 -31.04 34.51 -33.00
CA PHE D 111 -31.31 35.55 -32.02
C PHE D 111 -30.10 36.46 -31.87
N MET D 112 -30.34 37.77 -31.90
CA MET D 112 -29.29 38.78 -31.74
C MET D 112 -29.66 39.64 -30.54
N GLY D 113 -29.05 39.34 -29.40
CA GLY D 113 -29.34 40.07 -28.19
C GLY D 113 -28.58 39.50 -27.02
N CYS D 114 -29.05 39.81 -25.82
CA CYS D 114 -28.42 39.34 -24.59
C CYS D 114 -29.50 38.91 -23.61
N VAL D 115 -29.31 37.75 -23.00
CA VAL D 115 -30.20 37.24 -21.97
C VAL D 115 -29.58 37.55 -20.62
N LEU D 116 -30.39 38.06 -19.69
CA LEU D 116 -29.92 38.41 -18.36
C LEU D 116 -30.85 37.78 -17.34
N ALA D 117 -30.27 37.31 -16.23
CA ALA D 117 -31.05 36.66 -15.18
C ALA D 117 -30.34 36.85 -13.85
N TRP D 118 -31.14 37.09 -12.81
CA TRP D 118 -30.61 37.28 -11.47
C TRP D 118 -31.56 36.62 -10.47
N ASN D 119 -30.98 35.99 -9.45
CA ASN D 119 -31.77 35.26 -8.47
C ASN D 119 -32.65 36.21 -7.67
N THR D 120 -33.94 35.90 -7.60
CA THR D 120 -34.93 36.69 -6.87
C THR D 120 -35.71 35.82 -5.91
N ARG D 121 -34.99 35.02 -5.12
CA ARG D 121 -35.64 34.14 -4.17
C ARG D 121 -36.27 34.93 -3.03
N ASN D 122 -35.60 35.99 -2.57
CA ASN D 122 -36.08 36.75 -1.43
C ASN D 122 -37.36 37.53 -1.72
N ILE D 123 -37.65 37.81 -2.99
CA ILE D 123 -38.80 38.63 -3.35
C ILE D 123 -39.89 37.84 -4.08
N ASP D 124 -39.57 36.70 -4.68
CA ASP D 124 -40.56 35.92 -5.41
C ASP D 124 -40.87 34.57 -4.78
N ALA D 125 -40.30 34.28 -3.61
CA ALA D 125 -40.55 33.00 -2.94
C ALA D 125 -40.83 33.27 -1.47
N THR D 126 -42.00 32.86 -1.00
CA THR D 126 -42.39 32.99 0.40
C THR D 126 -42.49 31.62 1.05
N SER D 127 -42.34 31.60 2.38
CA SER D 127 -42.43 30.35 3.12
C SER D 127 -43.82 29.74 3.01
N THR D 128 -44.85 30.56 2.88
CA THR D 128 -46.20 30.04 2.70
C THR D 128 -46.38 29.38 1.34
N GLY D 129 -45.54 29.70 0.37
CA GLY D 129 -45.65 29.10 -0.95
C GLY D 129 -46.20 30.06 -2.00
N ASN D 130 -45.32 30.56 -2.87
CA ASN D 130 -45.72 31.46 -3.95
C ASN D 130 -46.16 30.62 -5.14
N TYR D 131 -47.46 30.65 -5.45
CA TYR D 131 -48.03 29.91 -6.57
C TYR D 131 -48.49 30.82 -7.70
N ASN D 132 -48.17 32.12 -7.64
CA ASN D 132 -48.62 33.03 -8.69
C ASN D 132 -47.93 32.76 -10.01
N TYR D 133 -46.61 32.59 -9.99
CA TYR D 133 -45.85 32.33 -11.21
C TYR D 133 -46.21 30.97 -11.78
N LYS D 134 -46.82 30.96 -12.96
CA LYS D 134 -47.25 29.75 -13.63
C LYS D 134 -46.48 29.57 -14.92
N TYR D 135 -46.58 28.36 -15.48
CA TYR D 135 -46.00 28.05 -16.77
C TYR D 135 -46.92 27.05 -17.48
N ARG D 136 -46.72 26.92 -18.79
CA ARG D 136 -47.53 26.03 -19.59
C ARG D 136 -46.84 24.67 -19.69
N LEU D 137 -47.51 23.64 -19.18
CA LEU D 137 -46.96 22.29 -19.20
C LEU D 137 -47.43 21.48 -20.39
N PHE D 138 -48.64 21.73 -20.87
CA PHE D 138 -49.22 21.00 -21.99
C PHE D 138 -49.59 21.99 -23.09
N ARG D 139 -49.24 21.65 -24.33
CA ARG D 139 -49.65 22.44 -25.48
C ARG D 139 -49.58 21.53 -26.71
N LYS D 140 -50.60 21.63 -27.56
CA LYS D 140 -50.69 20.75 -28.72
C LYS D 140 -49.60 21.03 -29.74
N SER D 141 -49.13 22.28 -29.84
CA SER D 141 -48.09 22.64 -30.78
C SER D 141 -47.05 23.50 -30.07
N LYS D 142 -45.78 23.31 -30.43
CA LYS D 142 -44.73 24.11 -29.82
C LYS D 142 -44.87 25.58 -30.22
N LEU D 143 -44.35 26.45 -29.38
CA LEU D 143 -44.45 27.88 -29.65
C LEU D 143 -43.48 28.28 -30.74
N LYS D 144 -43.97 29.08 -31.69
CA LYS D 144 -43.12 29.73 -32.66
C LYS D 144 -42.18 30.69 -31.94
N PRO D 145 -41.04 31.02 -32.55
CA PRO D 145 -40.13 31.98 -31.92
C PRO D 145 -40.82 33.30 -31.64
N PHE D 146 -40.69 33.76 -30.39
CA PHE D 146 -41.31 35.01 -29.92
C PHE D 146 -42.83 34.97 -29.97
N GLU D 147 -43.41 33.78 -29.83
CA GLU D 147 -44.85 33.64 -29.72
C GLU D 147 -45.26 33.58 -28.26
N ARG D 148 -46.56 33.73 -28.02
CA ARG D 148 -47.09 33.88 -26.66
C ARG D 148 -48.50 33.32 -26.60
N ASP D 149 -48.76 32.50 -25.59
CA ASP D 149 -50.06 31.84 -25.44
C ASP D 149 -50.59 32.08 -24.03
N ILE D 150 -51.84 32.54 -23.95
CA ILE D 150 -52.51 32.78 -22.69
C ILE D 150 -53.74 31.91 -22.50
N SER D 151 -54.06 31.05 -23.47
CA SER D 151 -55.28 30.27 -23.42
C SER D 151 -55.23 29.25 -22.29
N THR D 152 -56.27 29.25 -21.45
CA THR D 152 -56.41 28.30 -20.36
C THR D 152 -57.38 27.19 -20.69
N GLU D 153 -57.46 26.80 -21.96
CA GLU D 153 -58.34 25.71 -22.36
C GLU D 153 -57.84 24.38 -21.83
N ILE D 154 -58.77 23.52 -21.45
CA ILE D 154 -58.43 22.20 -20.90
C ILE D 154 -57.76 21.38 -21.99
N TYR D 155 -56.47 21.07 -21.80
CA TYR D 155 -55.71 20.32 -22.79
C TYR D 155 -56.26 18.90 -22.93
N GLN D 156 -56.57 18.50 -24.16
CA GLN D 156 -57.08 17.18 -24.46
C GLN D 156 -55.92 16.28 -24.91
N ALA D 157 -55.57 15.31 -24.06
CA ALA D 157 -54.48 14.39 -24.36
C ALA D 157 -54.96 13.05 -24.91
N GLY D 158 -56.21 12.70 -24.70
CA GLY D 158 -56.79 11.42 -25.12
C GLY D 158 -57.55 11.54 -26.43
N ASN D 159 -58.65 10.80 -26.53
CA ASN D 159 -59.47 10.79 -27.73
C ASN D 159 -60.86 11.36 -27.51
N LYS D 160 -61.30 11.53 -26.25
CA LYS D 160 -62.57 12.12 -25.85
C LYS D 160 -62.42 13.62 -25.58
N PRO D 161 -63.47 14.40 -25.84
CA PRO D 161 -63.38 15.85 -25.63
C PRO D 161 -63.45 16.23 -24.16
N CYS D 162 -62.83 17.36 -23.84
CA CYS D 162 -62.81 17.91 -22.48
C CYS D 162 -63.64 19.17 -22.34
N ASN D 163 -64.56 19.16 -21.37
CA ASN D 163 -65.35 20.34 -21.02
C ASN D 163 -64.94 20.93 -19.66
N GLY D 164 -63.68 20.79 -19.28
CA GLY D 164 -63.27 21.18 -17.94
C GLY D 164 -62.27 20.23 -17.31
N VAL D 165 -61.89 20.50 -16.06
CA VAL D 165 -60.91 19.68 -15.36
C VAL D 165 -61.47 18.29 -15.13
N ALA D 166 -61.43 17.46 -16.16
CA ALA D 166 -61.92 16.09 -16.05
C ALA D 166 -60.77 15.14 -15.74
N GLY D 167 -61.12 14.03 -15.11
CA GLY D 167 -60.18 13.02 -14.68
C GLY D 167 -59.17 12.60 -15.74
N PRO D 168 -59.60 11.69 -16.61
CA PRO D 168 -58.67 11.11 -17.61
C PRO D 168 -58.46 12.02 -18.81
N ASN D 169 -57.18 12.29 -19.10
CA ASN D 169 -56.72 12.99 -20.31
C ASN D 169 -57.28 14.41 -20.45
N CYS D 170 -57.72 15.04 -19.36
CA CYS D 170 -58.20 16.42 -19.41
C CYS D 170 -57.53 17.20 -18.28
N TYR D 171 -56.35 17.75 -18.54
CA TYR D 171 -55.58 18.48 -17.55
C TYR D 171 -55.58 19.97 -17.86
N SER D 172 -55.50 20.77 -16.81
CA SER D 172 -55.32 22.21 -17.00
C SER D 172 -53.93 22.47 -17.55
N PRO D 173 -53.79 23.30 -18.59
CA PRO D 173 -52.47 23.45 -19.23
C PRO D 173 -51.47 24.20 -18.38
N LEU D 174 -51.93 25.04 -17.45
CA LEU D 174 -51.04 25.86 -16.65
C LEU D 174 -50.62 25.09 -15.39
N GLN D 175 -49.31 25.06 -15.15
CA GLN D 175 -48.75 24.54 -13.92
C GLN D 175 -48.01 25.67 -13.22
N SER D 176 -48.08 25.70 -11.90
CA SER D 176 -47.53 26.79 -11.11
C SER D 176 -46.28 26.36 -10.38
N TYR D 177 -45.26 27.22 -10.41
CA TYR D 177 -44.11 27.03 -9.54
C TYR D 177 -44.55 27.17 -8.08
N GLY D 178 -44.00 26.32 -7.22
CA GLY D 178 -44.31 26.42 -5.81
C GLY D 178 -43.23 27.16 -5.05
N PHE D 179 -42.84 28.32 -5.57
CA PHE D 179 -41.65 29.04 -5.10
C PHE D 179 -41.66 29.23 -3.59
N ARG D 180 -40.62 28.70 -2.95
CA ARG D 180 -40.38 28.81 -1.52
C ARG D 180 -38.90 29.05 -1.30
N PRO D 181 -38.53 29.79 -0.26
CA PRO D 181 -37.11 30.16 -0.09
C PRO D 181 -36.22 28.98 0.25
N THR D 182 -36.77 27.86 0.71
CA THR D 182 -35.98 26.71 1.11
C THR D 182 -35.72 25.74 -0.03
N TYR D 183 -36.18 26.05 -1.25
CA TYR D 183 -35.87 25.20 -2.40
C TYR D 183 -34.38 25.27 -2.73
N GLY D 184 -33.93 24.32 -3.54
CA GLY D 184 -32.60 24.39 -4.08
C GLY D 184 -32.46 25.51 -5.08
N VAL D 185 -31.21 25.81 -5.44
CA VAL D 185 -30.94 26.91 -6.37
C VAL D 185 -31.62 26.65 -7.71
N GLY D 186 -31.65 25.38 -8.14
CA GLY D 186 -32.27 25.02 -9.40
C GLY D 186 -33.78 25.17 -9.42
N HIS D 187 -34.41 25.36 -8.27
CA HIS D 187 -35.85 25.53 -8.18
C HIS D 187 -36.25 26.89 -7.61
N GLN D 188 -35.31 27.83 -7.51
CA GLN D 188 -35.57 29.17 -7.03
C GLN D 188 -35.96 30.09 -8.17
N PRO D 189 -36.76 31.13 -7.89
CA PRO D 189 -37.22 32.02 -8.97
C PRO D 189 -36.10 32.90 -9.50
N TYR D 190 -35.96 32.94 -10.82
CA TYR D 190 -35.02 33.81 -11.50
C TYR D 190 -35.77 34.72 -12.45
N ARG D 191 -35.59 36.03 -12.30
CA ARG D 191 -36.18 37.00 -13.21
C ARG D 191 -35.27 37.18 -14.42
N VAL D 192 -35.86 37.11 -15.61
CA VAL D 192 -35.12 37.11 -16.87
C VAL D 192 -35.51 38.34 -17.68
N VAL D 193 -34.52 38.95 -18.33
CA VAL D 193 -34.73 40.07 -19.24
C VAL D 193 -34.02 39.72 -20.54
N VAL D 194 -34.78 39.54 -21.61
CA VAL D 194 -34.24 39.15 -22.91
C VAL D 194 -34.28 40.38 -23.80
N LEU D 195 -33.14 41.06 -23.92
CA LEU D 195 -33.02 42.25 -24.75
C LEU D 195 -32.83 41.84 -26.21
N SER D 196 -33.73 42.31 -27.08
CA SER D 196 -33.64 42.06 -28.51
C SER D 196 -33.37 43.38 -29.23
N PHE D 197 -32.55 43.31 -30.28
CA PHE D 197 -32.09 44.50 -30.99
C PHE D 197 -32.64 44.49 -32.42
N GLU D 198 -33.34 45.56 -32.78
CA GLU D 198 -33.93 45.69 -34.11
C GLU D 198 -33.09 46.63 -34.97
N ALA D 202 -36.08 51.87 -42.13
CA ALA D 202 -36.27 51.79 -40.69
C ALA D 202 -35.22 52.62 -39.95
N PRO D 203 -35.55 53.87 -39.63
CA PRO D 203 -34.61 54.73 -38.91
C PRO D 203 -34.28 54.18 -37.53
N ALA D 204 -33.15 54.64 -37.00
CA ALA D 204 -32.65 54.19 -35.71
C ALA D 204 -33.00 55.18 -34.60
N THR D 205 -33.15 54.66 -33.39
CA THR D 205 -33.54 55.47 -32.24
C THR D 205 -32.74 55.20 -30.97
N VAL D 206 -32.00 54.10 -30.88
CA VAL D 206 -31.24 53.73 -29.69
C VAL D 206 -29.76 53.91 -30.00
N CYS D 207 -29.06 54.68 -29.16
CA CYS D 207 -27.67 55.03 -29.41
C CYS D 207 -26.84 54.66 -28.18
N GLY D 208 -25.55 54.97 -28.24
CA GLY D 208 -24.65 54.71 -27.14
C GLY D 208 -23.97 55.97 -26.64
N PRO D 209 -24.56 56.62 -25.63
CA PRO D 209 -24.07 57.88 -25.08
C PRO D 209 -22.74 57.73 -24.35
C1 NAG E . -41.08 25.65 17.28
C2 NAG E . -40.77 26.96 16.53
C3 NAG E . -41.69 28.09 16.97
C4 NAG E . -43.15 27.66 16.87
C5 NAG E . -43.34 26.41 17.72
C6 NAG E . -44.76 25.87 17.69
C7 NAG E . -38.47 27.36 15.73
C8 NAG E . -38.97 26.97 14.37
N2 NAG E . -39.37 27.34 16.72
O3 NAG E . -41.46 29.24 16.16
O4 NAG E . -44.02 28.72 17.28
O5 NAG E . -42.49 25.37 17.22
O6 NAG E . -45.60 26.57 18.59
O7 NAG E . -37.31 27.69 15.92
C1 NAG E . -45.02 28.92 16.25
C2 NAG E . -45.65 30.31 16.40
C3 NAG E . -46.71 30.52 15.32
C4 NAG E . -46.12 30.26 13.94
C5 NAG E . -45.45 28.89 13.89
C6 NAG E . -44.73 28.63 12.58
C7 NAG E . -46.03 31.60 18.46
C8 NAG E . -45.19 32.68 17.83
N2 NAG E . -46.22 30.50 17.72
O3 NAG E . -47.22 31.84 15.39
O4 NAG E . -47.15 30.32 12.96
O5 NAG E . -44.47 28.78 14.93
O6 NAG E . -45.23 27.47 11.94
O7 NAG E . -46.54 31.74 19.57
C1 NAG F . 23.62 -31.57 4.77
C2 NAG F . 22.54 -31.72 5.84
C3 NAG F . 22.68 -30.60 6.88
C4 NAG F . 24.10 -30.53 7.42
C5 NAG F . 25.11 -30.49 6.28
C6 NAG F . 26.56 -30.60 6.74
C7 NAG F . 20.21 -32.49 5.69
C8 NAG F . 18.91 -32.35 4.97
N2 NAG F . 21.22 -31.71 5.26
O3 NAG F . 21.77 -30.83 7.95
O4 NAG F . 24.26 -29.39 8.25
O5 NAG F . 24.89 -31.59 5.38
O6 NAG F . 26.85 -31.91 7.22
O7 NAG F . 20.36 -33.28 6.62
C1 NAG F . 24.62 -29.83 9.57
C2 NAG F . 25.24 -28.65 10.33
C3 NAG F . 25.61 -29.07 11.74
C4 NAG F . 24.40 -29.67 12.45
C5 NAG F . 23.80 -30.80 11.62
C6 NAG F . 22.53 -31.36 12.21
C7 NAG F . 26.50 -26.85 9.22
C8 NAG F . 27.76 -26.49 8.52
N2 NAG F . 26.40 -28.13 9.62
O3 NAG F . 26.11 -27.94 12.45
O4 NAG F . 24.78 -30.18 13.73
O5 NAG F . 23.49 -30.33 10.30
O6 NAG F . 22.07 -32.48 11.47
O7 NAG F . 25.60 -26.04 9.44
C1 BMA F . 24.51 -29.19 14.74
C2 BMA F . 23.94 -29.89 16.01
C3 BMA F . 23.81 -28.87 17.14
C4 BMA F . 25.09 -28.03 17.32
C5 BMA F . 25.53 -27.42 15.98
C6 BMA F . 26.84 -26.66 16.07
O2 BMA F . 24.82 -30.91 16.46
O3 BMA F . 23.45 -29.50 18.37
O4 BMA F . 24.87 -27.00 18.27
O5 BMA F . 25.70 -28.48 15.05
O6 BMA F . 26.63 -25.49 16.86
C1 NAG G . 18.20 8.09 14.90
C2 NAG G . 18.94 8.25 16.22
C3 NAG G . 19.25 9.72 16.47
C4 NAG G . 19.96 10.33 15.26
C5 NAG G . 19.23 10.00 13.96
C6 NAG G . 20.01 10.41 12.72
C7 NAG G . 18.67 6.89 18.26
C8 NAG G . 20.12 6.55 18.12
N2 NAG G . 18.16 7.70 17.32
O3 NAG G . 20.08 9.84 17.62
O4 NAG G . 19.90 11.75 15.39
O5 NAG G . 19.01 8.59 13.85
O6 NAG G . 21.31 10.88 13.05
O7 NAG G . 17.99 6.44 19.17
C1 NAG G . 21.10 12.37 15.89
C2 NAG G . 20.76 13.85 16.11
C3 NAG G . 21.97 14.59 16.64
C4 NAG G . 22.48 13.92 17.91
C5 NAG G . 22.76 12.44 17.64
C6 NAG G . 23.15 11.67 18.88
C7 NAG G . 19.35 15.43 14.87
C8 NAG G . 18.96 15.97 13.53
N2 NAG G . 20.27 14.47 14.88
O3 NAG G . 21.60 15.95 16.90
O4 NAG G . 23.68 14.54 18.37
O5 NAG G . 21.57 11.80 17.12
O6 NAG G . 22.33 10.52 19.06
O7 NAG G . 18.84 15.85 15.91
C1 BMA G . 23.34 15.50 19.39
C2 BMA G . 24.46 15.54 20.46
C3 BMA G . 24.19 16.66 21.46
C4 BMA G . 23.86 17.99 20.77
C5 BMA G . 22.74 17.80 19.73
C6 BMA G . 22.43 19.06 18.94
O2 BMA G . 25.72 15.81 19.87
O3 BMA G . 25.28 16.83 22.37
O4 BMA G . 23.46 18.97 21.72
O5 BMA G . 23.15 16.79 18.81
O6 BMA G . 21.84 20.01 19.82
C1 NAG H . 56.64 -2.73 0.85
C2 NAG H . 56.48 -2.72 2.38
C3 NAG H . 57.76 -3.21 3.07
C4 NAG H . 58.15 -4.57 2.51
C5 NAG H . 58.36 -4.46 1.00
C6 NAG H . 58.70 -5.78 0.35
C7 NAG H . 55.15 -1.19 3.74
C8 NAG H . 54.91 0.24 4.13
N2 NAG H . 56.12 -1.40 2.84
O3 NAG H . 57.52 -3.30 4.46
O4 NAG H . 59.21 -5.20 3.25
O5 NAG H . 57.12 -4.03 0.42
O6 NAG H . 58.47 -5.74 -1.05
O7 NAG H . 54.50 -2.11 4.23
C1 NAG H . 60.56 -4.76 3.20
C2 NAG H . 61.01 -4.41 4.62
C3 NAG H . 62.53 -4.18 4.67
C4 NAG H . 63.27 -5.35 4.06
C5 NAG H . 62.76 -5.60 2.65
C6 NAG H . 63.36 -6.83 2.01
C7 NAG H . 60.41 -2.01 4.69
C8 NAG H . 59.59 -0.98 5.40
N2 NAG H . 60.30 -3.27 5.16
O3 NAG H . 62.93 -3.99 6.03
O4 NAG H . 64.67 -5.08 4.01
O5 NAG H . 61.34 -5.82 2.69
O6 NAG H . 63.54 -7.87 2.96
O7 NAG H . 61.13 -1.73 3.74
C1 NAG I . -40.11 6.63 -22.24
C2 NAG I . -38.74 6.59 -22.92
C3 NAG I . -37.90 7.80 -22.48
C4 NAG I . -38.66 9.10 -22.70
C5 NAG I . -40.01 9.03 -22.02
C6 NAG I . -40.88 10.23 -22.29
C7 NAG I . -38.19 4.23 -23.34
C8 NAG I . -37.39 3.05 -22.88
N2 NAG I . -38.04 5.35 -22.62
O3 NAG I . -36.68 7.81 -23.20
O4 NAG I . -37.93 10.17 -22.12
O5 NAG I . -40.75 7.89 -22.50
O6 NAG I . -42.14 10.14 -21.64
O7 NAG I . -38.94 4.18 -24.31
C1 NAG I . -37.45 11.13 -23.09
C2 NAG I . -37.67 12.55 -22.54
C3 NAG I . -37.08 13.60 -23.49
C4 NAG I . -35.62 13.27 -23.78
C5 NAG I . -35.49 11.85 -24.31
C6 NAG I . -34.06 11.44 -24.53
C7 NAG I . -39.53 13.46 -21.22
C8 NAG I . -41.02 13.64 -21.14
N2 NAG I . -39.08 12.82 -22.31
O3 NAG I . -37.18 14.88 -22.90
O4 NAG I . -35.11 14.19 -24.74
O5 NAG I . -36.05 10.93 -23.37
O6 NAG I . -33.16 12.50 -24.25
O7 NAG I . -38.78 13.86 -20.34
C1 NAG J . -5.69 13.89 -1.42
C2 NAG J . -4.91 13.43 -0.19
C3 NAG J . -4.57 14.62 0.70
C4 NAG J . -3.91 15.74 -0.09
C5 NAG J . -4.73 16.08 -1.33
C6 NAG J . -4.06 17.07 -2.24
C7 NAG J . -5.31 11.15 0.65
C8 NAG J . -6.22 10.28 1.47
N2 NAG J . -5.68 12.43 0.55
O3 NAG J . -3.71 14.20 1.76
O4 NAG J . -3.82 16.90 0.73
O5 NAG J . -4.95 14.90 -2.10
O6 NAG J . -3.63 16.45 -3.45
O7 NAG J . -4.30 10.72 0.11
C1 NAG J . -2.48 17.44 0.83
C2 NAG J . -2.59 18.76 1.59
C3 NAG J . -1.20 19.37 1.77
C4 NAG J . -0.25 18.38 2.41
C5 NAG J . -0.24 17.07 1.61
C6 NAG J . 0.60 15.99 2.24
C7 NAG J . -4.77 19.80 1.22
C8 NAG J . -5.55 20.81 0.41
N2 NAG J . -3.47 19.68 0.91
O3 NAG J . -1.30 20.54 2.57
O4 NAG J . 1.06 18.91 2.46
O5 NAG J . -1.58 16.55 1.50
O6 NAG J . -0.21 15.02 2.89
O7 NAG J . -5.30 19.14 2.11
C1 BMA J . 1.49 19.09 3.83
C2 BMA J . 2.87 18.37 3.96
C3 BMA J . 3.81 18.95 5.06
C4 BMA J . 3.53 20.44 5.42
C5 BMA J . 2.03 20.72 5.45
C6 BMA J . 1.70 22.17 5.79
O2 BMA J . 3.59 18.44 2.74
O3 BMA J . 5.15 18.80 4.61
O4 BMA J . 4.09 20.76 6.68
O5 BMA J . 1.55 20.46 4.14
O6 BMA J . 0.31 22.36 5.61
C1 NAG J . 6.12 18.60 5.67
C2 NAG J . 6.10 17.15 6.21
C3 NAG J . 6.51 16.15 5.12
C4 NAG J . 7.37 16.80 4.05
C5 NAG J . 8.27 17.85 4.69
C6 NAG J . 9.26 18.45 3.72
C7 NAG J . 6.60 16.35 8.48
C8 NAG J . 5.23 15.73 8.48
N2 NAG J . 6.96 17.01 7.38
O3 NAG J . 5.33 15.60 4.52
O4 NAG J . 8.17 15.82 3.40
O5 NAG J . 7.48 18.94 5.20
O6 NAG J . 10.44 18.89 4.38
O7 NAG J . 7.36 16.25 9.45
C1 NAG K . -32.07 49.61 -10.17
C2 NAG K . -31.13 50.41 -11.08
C3 NAG K . -29.70 50.34 -10.56
C4 NAG K . -29.62 50.76 -9.11
C5 NAG K . -30.60 49.93 -8.29
C6 NAG K . -30.68 50.33 -6.83
C7 NAG K . -31.01 50.70 -13.51
C8 NAG K . -31.13 50.03 -14.85
N2 NAG K . -31.21 49.92 -12.45
O3 NAG K . -28.86 51.16 -11.38
O4 NAG K . -28.30 50.55 -8.62
O5 NAG K . -31.92 50.07 -8.82
O6 NAG K . -32.02 50.41 -6.38
O7 NAG K . -30.75 51.90 -13.41
C1 NAG K . -27.65 51.73 -8.07
C2 NAG K . -27.52 52.83 -9.15
C3 NAG K . -26.89 54.09 -8.58
C4 NAG K . -27.63 54.55 -7.33
C5 NAG K . -27.71 53.40 -6.33
C6 NAG K . -28.52 53.75 -5.09
C7 NAG K . -25.59 51.94 -10.55
C8 NAG K . -24.71 51.86 -9.33
N2 NAG K . -26.85 52.39 -10.38
O3 NAG K . -26.92 55.13 -9.56
O4 NAG K . -26.97 55.65 -6.73
O5 NAG K . -28.34 52.26 -6.92
O6 NAG K . -29.89 53.42 -5.27
O7 NAG K . -25.19 51.60 -11.66
ZN ZN L . 31.02 -2.66 -4.52
CL CL M . 30.89 2.29 -27.19
C1 NAG N . 37.07 -32.76 -16.69
C2 NAG N . 35.86 -33.70 -16.68
C3 NAG N . 36.31 -35.15 -16.64
C4 NAG N . 37.29 -35.44 -17.77
C5 NAG N . 38.45 -34.46 -17.73
C6 NAG N . 39.41 -34.61 -18.88
C7 NAG N . 33.85 -32.70 -15.67
C8 NAG N . 33.07 -32.50 -14.41
N2 NAG N . 34.99 -33.40 -15.56
O3 NAG N . 35.17 -36.01 -16.74
O4 NAG N . 37.79 -36.77 -17.65
O5 NAG N . 37.94 -33.11 -17.79
O6 NAG N . 39.95 -33.36 -19.28
O7 NAG N . 33.48 -32.24 -16.75
C1 NAG O . 31.01 -0.19 18.79
C2 NAG O . 30.20 -0.66 19.99
C3 NAG O . 29.88 0.51 20.91
C4 NAG O . 31.16 1.25 21.30
C5 NAG O . 31.92 1.66 20.04
C6 NAG O . 33.26 2.30 20.35
C7 NAG O . 28.92 -2.63 19.25
C8 NAG O . 27.57 -3.13 18.83
N2 NAG O . 28.98 -1.33 19.57
O3 NAG O . 29.23 0.03 22.08
O4 NAG O . 30.84 2.41 22.06
O5 NAG O . 32.20 0.50 19.24
O6 NAG O . 33.13 3.36 21.27
O7 NAG O . 29.91 -3.35 19.30
ZN ZN P . -28.73 5.37 6.69
CL CL Q . -33.82 -8.60 23.08
C1 EDO R . -18.18 -0.56 28.08
O1 EDO R . -17.58 0.41 27.23
C2 EDO R . -18.92 -1.59 27.24
O2 EDO R . -19.43 -2.63 28.09
C1 EDO S . -17.44 13.58 -12.00
O1 EDO S . -17.20 14.90 -11.48
C2 EDO S . -18.38 12.82 -11.07
O2 EDO S . -19.69 13.41 -11.13
C1 NAG T . 3.40 -9.37 13.08
C2 NAG T . 2.76 -10.42 13.99
C3 NAG T . 3.81 -11.05 14.90
C4 NAG T . 4.96 -11.59 14.06
C5 NAG T . 5.52 -10.51 13.15
C6 NAG T . 6.58 -11.01 12.20
C7 NAG T . 0.45 -10.33 14.81
C8 NAG T . -0.53 -9.60 15.67
N2 NAG T . 1.68 -9.83 14.78
O3 NAG T . 3.22 -12.09 15.66
O4 NAG T . 6.00 -12.07 14.92
O5 NAG T . 4.47 -9.97 12.33
O6 NAG T . 6.14 -10.99 10.85
O7 NAG T . 0.13 -11.32 14.15
C1 NAG U . -57.31 -1.95 -6.46
C2 NAG U . -57.34 -2.96 -7.62
C3 NAG U . -58.66 -2.86 -8.39
C4 NAG U . -59.85 -2.97 -7.44
C5 NAG U . -59.71 -1.93 -6.34
C6 NAG U . -60.82 -2.01 -5.30
C7 NAG U . -55.00 -3.23 -8.29
C8 NAG U . -53.96 -2.93 -9.34
N2 NAG U . -56.22 -2.76 -8.53
O3 NAG U . -58.73 -3.90 -9.36
O4 NAG U . -61.07 -2.75 -8.15
O5 NAG U . -58.47 -2.12 -5.64
O6 NAG U . -60.31 -1.79 -3.99
O7 NAG U . -54.73 -3.88 -7.29
C1 NAG V . -16.56 23.31 -2.80
C2 NAG V . -16.03 23.75 -4.17
C3 NAG V . -14.59 24.27 -4.06
C4 NAG V . -14.50 25.34 -2.99
C5 NAG V . -15.06 24.83 -1.67
C6 NAG V . -15.09 25.89 -0.59
C7 NAG V . -17.19 22.41 -5.87
C8 NAG V . -17.09 21.24 -6.81
N2 NAG V . -16.11 22.66 -5.13
O3 NAG V . -14.18 24.78 -5.32
O4 NAG V . -13.15 25.74 -2.82
O5 NAG V . -16.41 24.39 -1.86
O6 NAG V . -16.16 25.66 0.32
O7 NAG V . -18.21 23.08 -5.78
C1 NAG W . 51.26 -15.36 36.18
C2 NAG W . 50.41 -15.45 37.45
C3 NAG W . 49.66 -14.14 37.67
C4 NAG W . 50.64 -12.97 37.68
C5 NAG W . 51.49 -12.98 36.41
C6 NAG W . 52.56 -11.92 36.40
C7 NAG W . 49.43 -17.54 38.28
C8 NAG W . 48.40 -18.61 38.06
N2 NAG W . 49.47 -16.56 37.37
O3 NAG W . 48.96 -14.18 38.91
O4 NAG W . 49.92 -11.74 37.75
O5 NAG W . 52.15 -14.25 36.28
O6 NAG W . 53.76 -12.39 35.81
O7 NAG W . 50.19 -17.57 39.24
#